data_2D0I
#
_entry.id   2D0I
#
_cell.length_a   91.756
_cell.length_b   63.739
_cell.length_c   131.978
_cell.angle_alpha   90.00
_cell.angle_beta   103.14
_cell.angle_gamma   90.00
#
_symmetry.space_group_name_H-M   'P 1 21 1'
#
loop_
_entity.id
_entity.type
_entity.pdbx_description
1 polymer dehydrogenase
2 water water
#
_entity_poly.entity_id   1
_entity_poly.type   'polypeptide(L)'
_entity_poly.pdbx_seq_one_letter_code
;MRPKVGVLLKMKREALEELKKYADVEIILYPSGEELKGVIGRFDGIIVSPTTKITREVLENAERLKVISCHSAGYDNIDL
EEATKRGIYVTKVSGLLSEAVAEFTVGLIINLMRKIHYADKFIRRGEWESHAKIWTGFKRIESLYGKKVGILGMGAIGKA
IARRLIPFGVKLYYWSRHRKVNVEKELKARYMDIDELLEKSDIVILALPLTRDTYHIINEERVKKLEGKYLVNIGRGALV
DEKAVTEAIKQGKLKGYATDVFEKEPVREHELFKYEWETVLTPHYAGLALEAQEDVGFRAVENLLKVLRGEVPEDLVNKE
VLEVRPIENVKML
;
_entity_poly.pdbx_strand_id   A,B,C,D
#
# COMPACT_ATOMS: atom_id res chain seq x y z
N MET A 1 -36.62 2.90 -4.02
CA MET A 1 -37.52 1.82 -3.53
C MET A 1 -38.30 1.06 -4.60
N ARG A 2 -37.59 0.46 -5.55
CA ARG A 2 -38.22 -0.32 -6.61
C ARG A 2 -38.01 -1.83 -6.43
N PRO A 3 -36.82 -2.26 -5.98
CA PRO A 3 -36.73 -3.72 -5.81
C PRO A 3 -37.57 -4.00 -4.57
N LYS A 4 -38.14 -5.20 -4.46
CA LYS A 4 -38.96 -5.55 -3.29
C LYS A 4 -38.11 -6.48 -2.42
N VAL A 5 -37.76 -6.00 -1.23
CA VAL A 5 -36.91 -6.77 -0.32
C VAL A 5 -37.60 -7.22 0.96
N GLY A 6 -37.41 -8.49 1.29
CA GLY A 6 -37.99 -9.03 2.51
C GLY A 6 -36.93 -9.16 3.57
N VAL A 7 -37.14 -8.48 4.69
CA VAL A 7 -36.20 -8.55 5.80
C VAL A 7 -36.81 -9.56 6.77
N LEU A 8 -36.14 -10.69 6.93
CA LEU A 8 -36.65 -11.77 7.77
C LEU A 8 -36.16 -11.81 9.21
N LEU A 9 -35.62 -10.69 9.68
CA LEU A 9 -35.12 -10.61 11.05
C LEU A 9 -35.23 -9.17 11.52
N LYS A 10 -34.94 -8.98 12.80
CA LYS A 10 -34.96 -7.66 13.40
C LYS A 10 -33.60 -7.02 13.21
N MET A 11 -33.51 -6.18 12.18
CA MET A 11 -32.27 -5.49 11.87
C MET A 11 -32.15 -4.15 12.57
N LYS A 12 -30.93 -3.64 12.66
CA LYS A 12 -30.69 -2.35 13.28
C LYS A 12 -31.38 -1.27 12.45
N ARG A 13 -32.08 -0.36 13.13
CA ARG A 13 -32.81 0.73 12.50
C ARG A 13 -32.03 1.42 11.36
N GLU A 14 -30.80 1.80 11.64
CA GLU A 14 -29.93 2.48 10.67
C GLU A 14 -29.67 1.69 9.39
N ALA A 15 -29.44 0.39 9.52
CA ALA A 15 -29.19 -0.45 8.36
C ALA A 15 -30.47 -0.50 7.54
N LEU A 16 -31.60 -0.56 8.24
CA LEU A 16 -32.90 -0.59 7.60
C LEU A 16 -33.20 0.70 6.84
N GLU A 17 -32.80 1.83 7.42
CA GLU A 17 -33.03 3.13 6.79
C GLU A 17 -32.23 3.22 5.51
N GLU A 18 -31.03 2.67 5.53
CA GLU A 18 -30.18 2.67 4.35
C GLU A 18 -30.88 1.85 3.27
N LEU A 19 -31.31 0.64 3.61
CA LEU A 19 -32.00 -0.24 2.66
C LEU A 19 -33.26 0.39 2.06
N LYS A 20 -34.08 1.03 2.90
CA LYS A 20 -35.30 1.66 2.43
C LYS A 20 -35.06 2.81 1.45
N LYS A 21 -33.83 3.32 1.41
CA LYS A 21 -33.52 4.38 0.49
C LYS A 21 -33.46 3.82 -0.90
N TYR A 22 -33.31 2.48 -1.03
CA TYR A 22 -33.11 1.91 -2.37
C TYR A 22 -34.21 0.89 -2.75
N ALA A 23 -34.88 0.32 -1.75
CA ALA A 23 -35.90 -0.68 -2.03
C ALA A 23 -37.11 -0.57 -1.13
N ASP A 24 -38.20 -1.21 -1.55
CA ASP A 24 -39.41 -1.24 -0.74
C ASP A 24 -39.11 -2.43 0.16
N VAL A 25 -39.42 -2.29 1.44
CA VAL A 25 -39.13 -3.36 2.38
C VAL A 25 -40.38 -3.90 3.06
N GLU A 26 -40.33 -5.19 3.35
CA GLU A 26 -41.42 -5.86 4.04
C GLU A 26 -40.75 -6.57 5.20
N ILE A 27 -41.18 -6.25 6.42
CA ILE A 27 -40.59 -6.87 7.61
C ILE A 27 -41.38 -8.12 8.01
N ILE A 28 -40.76 -9.28 7.82
CA ILE A 28 -41.39 -10.54 8.17
C ILE A 28 -40.42 -11.25 9.08
N LEU A 29 -40.54 -10.97 10.37
CA LEU A 29 -39.65 -11.54 11.37
C LEU A 29 -39.70 -13.06 11.56
N TYR A 30 -38.52 -13.65 11.46
CA TYR A 30 -38.32 -15.09 11.66
C TYR A 30 -39.51 -15.97 11.27
N PRO A 31 -39.79 -16.07 9.97
CA PRO A 31 -40.90 -16.88 9.49
C PRO A 31 -40.65 -18.39 9.53
N SER A 32 -41.72 -19.15 9.70
CA SER A 32 -41.64 -20.60 9.70
C SER A 32 -41.50 -20.99 8.23
N GLY A 33 -41.18 -22.24 7.96
CA GLY A 33 -41.02 -22.69 6.59
C GLY A 33 -42.28 -22.52 5.77
N GLU A 34 -43.44 -22.72 6.39
CA GLU A 34 -44.72 -22.59 5.69
C GLU A 34 -45.07 -21.13 5.40
N GLU A 35 -44.84 -20.27 6.38
CA GLU A 35 -45.14 -18.85 6.22
C GLU A 35 -44.28 -18.26 5.11
N LEU A 36 -42.99 -18.58 5.12
CA LEU A 36 -42.07 -18.06 4.10
C LEU A 36 -42.39 -18.58 2.71
N LYS A 37 -42.98 -19.78 2.64
CA LYS A 37 -43.35 -20.36 1.35
C LYS A 37 -44.44 -19.54 0.67
N GLY A 38 -45.34 -18.99 1.48
CA GLY A 38 -46.43 -18.19 0.94
C GLY A 38 -46.15 -16.72 0.65
N VAL A 39 -44.98 -16.23 1.04
CA VAL A 39 -44.66 -14.82 0.80
C VAL A 39 -43.39 -14.60 -0.02
N ILE A 40 -42.51 -15.62 -0.06
CA ILE A 40 -41.24 -15.53 -0.76
C ILE A 40 -41.29 -15.11 -2.22
N GLY A 41 -42.41 -15.38 -2.90
CA GLY A 41 -42.51 -15.02 -4.30
C GLY A 41 -42.58 -13.52 -4.56
N ARG A 42 -42.85 -12.76 -3.51
CA ARG A 42 -42.96 -11.31 -3.61
C ARG A 42 -41.63 -10.57 -3.66
N PHE A 43 -40.54 -11.26 -3.35
CA PHE A 43 -39.25 -10.58 -3.27
C PHE A 43 -38.16 -10.81 -4.30
N ASP A 44 -37.48 -9.71 -4.62
CA ASP A 44 -36.36 -9.70 -5.56
C ASP A 44 -35.12 -10.07 -4.75
N GLY A 45 -35.19 -9.88 -3.44
CA GLY A 45 -34.08 -10.22 -2.57
C GLY A 45 -34.54 -10.34 -1.12
N ILE A 46 -33.78 -11.05 -0.31
CA ILE A 46 -34.13 -11.19 1.10
C ILE A 46 -32.87 -11.10 1.94
N ILE A 47 -33.04 -10.69 3.18
CA ILE A 47 -31.95 -10.60 4.13
C ILE A 47 -32.42 -11.57 5.21
N VAL A 48 -31.64 -12.61 5.44
CA VAL A 48 -32.00 -13.68 6.38
C VAL A 48 -31.01 -13.94 7.51
N SER A 49 -31.52 -14.35 8.66
CA SER A 49 -30.66 -14.68 9.81
C SER A 49 -30.53 -16.21 9.83
N PRO A 50 -29.48 -16.72 10.47
CA PRO A 50 -29.23 -18.17 10.56
C PRO A 50 -30.44 -19.03 10.94
N THR A 51 -31.28 -18.51 11.82
CA THR A 51 -32.44 -19.29 12.30
C THR A 51 -33.44 -19.57 11.17
N THR A 52 -33.47 -18.76 10.11
CA THR A 52 -34.38 -19.00 9.00
C THR A 52 -33.69 -19.86 7.95
N LYS A 53 -34.35 -20.94 7.54
CA LYS A 53 -33.79 -21.85 6.55
C LYS A 53 -34.39 -21.63 5.17
N ILE A 54 -33.54 -21.51 4.16
CA ILE A 54 -34.01 -21.32 2.80
C ILE A 54 -33.78 -22.64 2.09
N THR A 55 -34.78 -23.51 2.22
CA THR A 55 -34.76 -24.86 1.66
C THR A 55 -35.14 -24.86 0.19
N ARG A 56 -34.97 -26.01 -0.45
CA ARG A 56 -35.32 -26.15 -1.85
C ARG A 56 -36.82 -25.95 -1.99
N GLU A 57 -37.58 -26.30 -0.95
CA GLU A 57 -39.04 -26.14 -0.99
C GLU A 57 -39.42 -24.67 -0.92
N VAL A 58 -38.59 -23.88 -0.26
CA VAL A 58 -38.86 -22.45 -0.16
C VAL A 58 -38.54 -21.80 -1.50
N LEU A 59 -37.42 -22.22 -2.10
CA LEU A 59 -36.97 -21.67 -3.36
C LEU A 59 -37.89 -21.98 -4.52
N GLU A 60 -38.64 -23.07 -4.42
CA GLU A 60 -39.58 -23.45 -5.48
C GLU A 60 -40.56 -22.31 -5.73
N ASN A 61 -40.83 -21.51 -4.70
CA ASN A 61 -41.75 -20.40 -4.82
C ASN A 61 -41.09 -19.03 -4.98
N ALA A 62 -39.77 -19.01 -5.11
CA ALA A 62 -39.02 -17.76 -5.26
C ALA A 62 -38.96 -17.31 -6.71
N GLU A 63 -40.15 -17.13 -7.29
CA GLU A 63 -40.31 -16.73 -8.70
C GLU A 63 -39.51 -15.52 -9.18
N ARG A 64 -39.30 -14.53 -8.33
CA ARG A 64 -38.56 -13.34 -8.74
C ARG A 64 -37.31 -13.07 -7.91
N LEU A 65 -36.98 -13.98 -7.00
CA LEU A 65 -35.83 -13.84 -6.14
C LEU A 65 -34.52 -13.78 -6.93
N LYS A 66 -33.72 -12.77 -6.65
CA LYS A 66 -32.45 -12.57 -7.35
C LYS A 66 -31.24 -12.70 -6.44
N VAL A 67 -31.42 -12.31 -5.18
CA VAL A 67 -30.34 -12.35 -4.22
C VAL A 67 -30.78 -12.64 -2.79
N ILE A 68 -29.96 -13.42 -2.09
CA ILE A 68 -30.21 -13.76 -0.70
C ILE A 68 -28.97 -13.27 0.06
N SER A 69 -29.17 -12.33 0.97
CA SER A 69 -28.08 -11.77 1.76
C SER A 69 -28.20 -12.37 3.15
N CYS A 70 -27.28 -13.23 3.51
CA CYS A 70 -27.25 -13.86 4.81
C CYS A 70 -26.59 -12.88 5.72
N HIS A 71 -27.28 -12.53 6.77
CA HIS A 71 -26.79 -11.61 7.77
C HIS A 71 -26.03 -12.37 8.89
N SER A 72 -24.93 -12.99 8.51
CA SER A 72 -24.17 -13.86 9.37
C SER A 72 -22.92 -14.16 8.58
N ALA A 73 -21.95 -14.80 9.22
CA ALA A 73 -20.72 -15.18 8.57
C ALA A 73 -20.94 -16.48 7.81
N GLY A 74 -21.87 -17.30 8.30
CA GLY A 74 -22.14 -18.58 7.67
C GLY A 74 -23.35 -18.59 6.77
N TYR A 75 -23.50 -19.66 6.00
CA TYR A 75 -24.60 -19.80 5.06
C TYR A 75 -25.15 -21.21 4.91
N ASP A 76 -24.92 -22.05 5.92
CA ASP A 76 -25.41 -23.42 5.86
C ASP A 76 -26.94 -23.51 5.94
N ASN A 77 -27.59 -22.39 6.25
CA ASN A 77 -29.05 -22.35 6.34
C ASN A 77 -29.65 -22.17 4.95
N ILE A 78 -28.77 -22.11 3.95
CA ILE A 78 -29.17 -21.90 2.56
C ILE A 78 -28.79 -23.10 1.68
N ASP A 79 -29.74 -23.56 0.86
CA ASP A 79 -29.44 -24.66 -0.05
C ASP A 79 -28.70 -24.03 -1.22
N LEU A 80 -27.39 -23.91 -1.08
CA LEU A 80 -26.55 -23.29 -2.09
C LEU A 80 -26.68 -23.82 -3.51
N GLU A 81 -26.61 -25.14 -3.69
CA GLU A 81 -26.71 -25.69 -5.03
C GLU A 81 -28.00 -25.35 -5.74
N GLU A 82 -29.12 -25.44 -5.01
CA GLU A 82 -30.41 -25.14 -5.58
C GLU A 82 -30.51 -23.64 -5.93
N ALA A 83 -29.93 -22.80 -5.08
CA ALA A 83 -29.92 -21.36 -5.32
C ALA A 83 -29.15 -21.09 -6.59
N THR A 84 -28.01 -21.74 -6.74
CA THR A 84 -27.15 -21.57 -7.91
C THR A 84 -27.86 -22.00 -9.20
N LYS A 85 -28.54 -23.14 -9.14
CA LYS A 85 -29.25 -23.64 -10.32
C LYS A 85 -30.27 -22.64 -10.80
N ARG A 86 -30.89 -21.95 -9.85
CA ARG A 86 -31.91 -20.97 -10.15
C ARG A 86 -31.36 -19.59 -10.46
N GLY A 87 -30.03 -19.48 -10.50
CA GLY A 87 -29.41 -18.19 -10.78
C GLY A 87 -29.53 -17.18 -9.64
N ILE A 88 -29.71 -17.66 -8.42
CA ILE A 88 -29.84 -16.79 -7.27
C ILE A 88 -28.49 -16.52 -6.59
N TYR A 89 -28.13 -15.24 -6.48
CA TYR A 89 -26.87 -14.87 -5.85
C TYR A 89 -27.00 -14.96 -4.34
N VAL A 90 -26.04 -15.62 -3.69
CA VAL A 90 -26.05 -15.76 -2.23
C VAL A 90 -24.79 -15.14 -1.67
N THR A 91 -24.96 -14.24 -0.69
CA THR A 91 -23.82 -13.57 -0.07
C THR A 91 -23.81 -13.78 1.44
N LYS A 92 -22.64 -13.56 2.04
CA LYS A 92 -22.44 -13.65 3.48
C LYS A 92 -21.66 -12.42 3.92
N VAL A 93 -21.64 -12.16 5.23
CA VAL A 93 -20.94 -11.00 5.78
C VAL A 93 -19.56 -11.31 6.34
N SER A 94 -18.56 -10.55 5.91
CA SER A 94 -17.20 -10.68 6.39
C SER A 94 -16.95 -9.44 7.24
N GLY A 95 -16.06 -8.57 6.76
CA GLY A 95 -15.76 -7.33 7.46
C GLY A 95 -15.34 -7.51 8.91
N LEU A 96 -15.90 -6.67 9.78
CA LEU A 96 -15.59 -6.72 11.19
C LEU A 96 -16.04 -8.02 11.83
N LEU A 97 -17.03 -8.66 11.23
CA LEU A 97 -17.50 -9.92 11.78
C LEU A 97 -16.44 -11.00 11.64
N SER A 98 -15.82 -11.06 10.46
CA SER A 98 -14.79 -12.04 10.18
C SER A 98 -13.58 -11.79 11.11
N GLU A 99 -13.26 -10.51 11.29
CA GLU A 99 -12.15 -10.11 12.17
C GLU A 99 -12.42 -10.54 13.61
N ALA A 100 -13.64 -10.29 14.08
CA ALA A 100 -14.03 -10.65 15.44
C ALA A 100 -13.95 -12.16 15.67
N VAL A 101 -14.38 -12.94 14.68
CA VAL A 101 -14.34 -14.40 14.80
C VAL A 101 -12.90 -14.88 14.84
N ALA A 102 -12.07 -14.36 13.93
CA ALA A 102 -10.66 -14.74 13.86
C ALA A 102 -9.92 -14.40 15.16
N GLU A 103 -10.30 -13.28 15.78
CA GLU A 103 -9.69 -12.84 17.03
C GLU A 103 -10.06 -13.83 18.13
N PHE A 104 -11.33 -14.17 18.20
CA PHE A 104 -11.86 -15.11 19.18
C PHE A 104 -11.16 -16.45 19.06
N THR A 105 -10.96 -16.89 17.82
CA THR A 105 -10.30 -18.17 17.55
C THR A 105 -8.89 -18.20 18.14
N VAL A 106 -8.10 -17.15 17.90
CA VAL A 106 -6.76 -17.12 18.45
C VAL A 106 -6.84 -17.16 19.97
N GLY A 107 -7.87 -16.53 20.53
CA GLY A 107 -8.06 -16.59 21.98
C GLY A 107 -8.33 -18.02 22.42
N LEU A 108 -9.05 -18.78 21.59
CA LEU A 108 -9.34 -20.18 21.95
C LEU A 108 -8.05 -20.99 21.90
N ILE A 109 -7.22 -20.69 20.91
CA ILE A 109 -5.94 -21.37 20.74
C ILE A 109 -4.99 -21.10 21.91
N ILE A 110 -4.80 -19.83 22.26
CA ILE A 110 -3.91 -19.53 23.38
C ILE A 110 -4.40 -20.12 24.69
N ASN A 111 -5.71 -20.19 24.88
CA ASN A 111 -6.25 -20.80 26.11
C ASN A 111 -6.01 -22.33 26.09
N LEU A 112 -6.25 -22.95 24.94
CA LEU A 112 -6.04 -24.40 24.83
C LEU A 112 -4.57 -24.76 25.02
N MET A 113 -3.66 -23.88 24.61
CA MET A 113 -2.24 -24.15 24.75
C MET A 113 -1.70 -23.74 26.12
N ARG A 114 -2.01 -22.52 26.55
CA ARG A 114 -1.50 -22.01 27.80
C ARG A 114 -2.37 -22.19 29.05
N LYS A 115 -3.60 -22.65 28.85
CA LYS A 115 -4.51 -22.95 29.96
C LYS A 115 -4.95 -21.80 30.84
N ILE A 116 -4.99 -20.59 30.30
CA ILE A 116 -5.38 -19.44 31.09
C ILE A 116 -6.78 -19.57 31.69
N HIS A 117 -7.71 -20.13 30.91
CA HIS A 117 -9.07 -20.30 31.38
C HIS A 117 -9.07 -21.23 32.59
N TYR A 118 -8.21 -22.24 32.54
CA TYR A 118 -8.09 -23.20 33.63
C TYR A 118 -7.46 -22.53 34.85
N ALA A 119 -6.36 -21.81 34.62
CA ALA A 119 -5.65 -21.13 35.70
C ALA A 119 -6.53 -20.11 36.44
N ASP A 120 -7.40 -19.44 35.69
CA ASP A 120 -8.30 -18.44 36.27
C ASP A 120 -9.21 -19.12 37.31
N LYS A 121 -9.77 -20.26 36.95
CA LYS A 121 -10.63 -21.01 37.87
C LYS A 121 -9.77 -21.39 39.08
N PHE A 122 -8.62 -21.97 38.79
CA PHE A 122 -7.64 -22.42 39.78
C PHE A 122 -7.33 -21.40 40.88
N ILE A 123 -6.88 -20.21 40.48
CA ILE A 123 -6.52 -19.19 41.46
C ILE A 123 -7.72 -18.70 42.26
N ARG A 124 -8.86 -18.53 41.61
CA ARG A 124 -10.06 -18.07 42.29
C ARG A 124 -10.51 -19.08 43.35
N ARG A 125 -10.15 -20.35 43.17
CA ARG A 125 -10.52 -21.38 44.13
C ARG A 125 -9.60 -21.36 45.36
N GLY A 126 -8.56 -20.53 45.30
CA GLY A 126 -7.63 -20.44 46.42
C GLY A 126 -6.54 -21.50 46.38
N GLU A 127 -6.40 -22.16 45.24
CA GLU A 127 -5.41 -23.22 45.07
C GLU A 127 -3.96 -22.80 44.85
N TRP A 128 -3.71 -21.51 44.69
CA TRP A 128 -2.34 -21.02 44.47
C TRP A 128 -1.55 -21.04 45.78
N GLU A 129 -1.09 -22.23 46.16
CA GLU A 129 -0.35 -22.41 47.39
C GLU A 129 1.09 -21.91 47.37
N SER A 130 1.73 -22.00 46.21
CA SER A 130 3.12 -21.56 46.11
C SER A 130 3.58 -21.57 44.67
N HIS A 131 4.78 -21.03 44.45
CA HIS A 131 5.39 -20.98 43.14
C HIS A 131 5.58 -22.42 42.66
N ALA A 132 6.10 -23.26 43.54
CA ALA A 132 6.35 -24.67 43.23
C ALA A 132 5.10 -25.41 42.80
N LYS A 133 3.98 -25.18 43.49
CA LYS A 133 2.75 -25.87 43.15
C LYS A 133 2.34 -25.61 41.70
N ILE A 134 2.63 -24.41 41.20
CA ILE A 134 2.30 -24.04 39.84
C ILE A 134 3.35 -24.53 38.84
N TRP A 135 4.59 -24.08 39.04
CA TRP A 135 5.68 -24.42 38.14
C TRP A 135 6.19 -25.86 38.22
N THR A 136 5.55 -26.67 39.05
CA THR A 136 5.93 -28.08 39.17
C THR A 136 4.64 -28.88 39.08
N GLY A 137 3.60 -28.36 39.74
CA GLY A 137 2.30 -29.02 39.73
C GLY A 137 1.58 -29.01 38.40
N PHE A 138 1.59 -27.88 37.70
CA PHE A 138 0.91 -27.80 36.42
C PHE A 138 1.52 -28.79 35.43
N LYS A 139 0.65 -29.56 34.76
CA LYS A 139 1.11 -30.52 33.78
C LYS A 139 1.90 -29.73 32.74
N ARG A 140 2.58 -30.44 31.85
CA ARG A 140 3.38 -29.78 30.82
C ARG A 140 2.55 -28.83 29.96
N ILE A 141 3.04 -27.61 29.79
CA ILE A 141 2.37 -26.61 28.99
C ILE A 141 3.27 -26.26 27.82
N GLU A 142 2.70 -26.28 26.62
CA GLU A 142 3.44 -25.97 25.42
C GLU A 142 3.03 -24.59 24.92
N SER A 143 3.96 -23.87 24.29
CA SER A 143 3.63 -22.56 23.77
C SER A 143 3.28 -22.69 22.30
N LEU A 144 2.66 -21.66 21.75
CA LEU A 144 2.27 -21.67 20.36
C LEU A 144 3.49 -21.42 19.48
N TYR A 145 4.49 -20.76 20.05
CA TYR A 145 5.71 -20.44 19.33
C TYR A 145 6.44 -21.66 18.81
N GLY A 146 6.73 -21.66 17.51
CA GLY A 146 7.45 -22.77 16.90
C GLY A 146 6.62 -23.96 16.48
N LYS A 147 5.30 -23.91 16.69
CA LYS A 147 4.43 -25.01 16.30
C LYS A 147 3.94 -24.89 14.86
N LYS A 148 3.48 -26.00 14.30
CA LYS A 148 2.94 -26.03 12.95
C LYS A 148 1.43 -26.03 13.09
N VAL A 149 0.79 -25.01 12.53
CA VAL A 149 -0.65 -24.87 12.60
C VAL A 149 -1.24 -25.14 11.22
N GLY A 150 -2.18 -26.08 11.17
CA GLY A 150 -2.83 -26.39 9.90
C GLY A 150 -4.26 -25.88 9.95
N ILE A 151 -4.62 -25.04 8.98
CA ILE A 151 -5.98 -24.50 8.94
C ILE A 151 -6.80 -25.11 7.80
N LEU A 152 -7.97 -25.61 8.13
CA LEU A 152 -8.87 -26.18 7.13
C LEU A 152 -9.93 -25.13 6.81
N GLY A 153 -9.90 -24.61 5.60
CA GLY A 153 -10.84 -23.59 5.20
C GLY A 153 -10.12 -22.27 5.19
N MET A 154 -9.91 -21.71 4.00
CA MET A 154 -9.19 -20.46 3.88
C MET A 154 -10.08 -19.37 3.30
N GLY A 155 -11.24 -19.19 3.93
CA GLY A 155 -12.15 -18.16 3.50
C GLY A 155 -11.79 -16.90 4.27
N ALA A 156 -12.73 -15.96 4.36
CA ALA A 156 -12.50 -14.70 5.06
C ALA A 156 -11.97 -14.93 6.47
N ILE A 157 -12.61 -15.84 7.20
CA ILE A 157 -12.20 -16.14 8.56
C ILE A 157 -10.86 -16.88 8.63
N GLY A 158 -10.68 -17.87 7.76
CA GLY A 158 -9.42 -18.61 7.75
C GLY A 158 -8.22 -17.72 7.49
N LYS A 159 -8.36 -16.76 6.58
CA LYS A 159 -7.27 -15.86 6.23
C LYS A 159 -6.93 -14.92 7.39
N ALA A 160 -7.96 -14.50 8.13
CA ALA A 160 -7.81 -13.58 9.25
C ALA A 160 -7.07 -14.24 10.43
N ILE A 161 -7.27 -15.54 10.57
CA ILE A 161 -6.61 -16.31 11.63
C ILE A 161 -5.13 -16.46 11.27
N ALA A 162 -4.89 -16.83 10.01
CA ALA A 162 -3.54 -17.02 9.50
C ALA A 162 -2.69 -15.77 9.69
N ARG A 163 -3.24 -14.60 9.36
CA ARG A 163 -2.51 -13.34 9.51
C ARG A 163 -2.18 -13.05 10.98
N ARG A 164 -3.10 -13.38 11.87
CA ARG A 164 -2.89 -13.14 13.30
C ARG A 164 -1.85 -14.10 13.90
N LEU A 165 -1.78 -15.31 13.39
CA LEU A 165 -0.85 -16.29 13.90
C LEU A 165 0.62 -16.10 13.52
N ILE A 166 0.89 -15.49 12.37
CA ILE A 166 2.27 -15.29 11.92
C ILE A 166 3.23 -14.77 13.00
N PRO A 167 2.92 -13.64 13.64
CA PRO A 167 3.80 -13.08 14.68
C PRO A 167 3.98 -13.95 15.92
N PHE A 168 3.20 -15.03 16.01
CA PHE A 168 3.32 -15.93 17.15
C PHE A 168 4.38 -16.99 16.87
N GLY A 169 5.02 -16.87 15.72
CA GLY A 169 6.07 -17.80 15.36
C GLY A 169 5.65 -19.22 15.02
N VAL A 170 4.48 -19.39 14.38
CA VAL A 170 4.05 -20.74 14.01
C VAL A 170 4.38 -20.97 12.53
N LYS A 171 4.25 -22.21 12.09
CA LYS A 171 4.47 -22.57 10.69
C LYS A 171 3.06 -22.88 10.21
N LEU A 172 2.64 -22.24 9.13
CA LEU A 172 1.28 -22.46 8.63
C LEU A 172 1.10 -23.47 7.50
N TYR A 173 0.08 -24.31 7.65
CA TYR A 173 -0.29 -25.30 6.64
C TYR A 173 -1.77 -25.05 6.45
N TYR A 174 -2.31 -25.36 5.27
CA TYR A 174 -3.73 -25.14 5.06
C TYR A 174 -4.28 -25.96 3.91
N TRP A 175 -5.59 -26.13 3.93
CA TRP A 175 -6.31 -26.83 2.88
C TRP A 175 -7.62 -26.09 2.67
N SER A 176 -8.10 -26.09 1.43
CA SER A 176 -9.34 -25.43 1.10
C SER A 176 -9.86 -26.05 -0.20
N ARG A 177 -11.17 -26.05 -0.40
CA ARG A 177 -11.74 -26.61 -1.63
C ARG A 177 -11.11 -25.86 -2.79
N HIS A 178 -11.19 -24.54 -2.73
CA HIS A 178 -10.61 -23.69 -3.76
C HIS A 178 -9.30 -23.18 -3.18
N ARG A 179 -8.19 -23.58 -3.80
CA ARG A 179 -6.87 -23.17 -3.34
C ARG A 179 -6.57 -21.70 -3.62
N LYS A 180 -5.98 -21.02 -2.64
CA LYS A 180 -5.63 -19.61 -2.78
C LYS A 180 -4.12 -19.42 -2.85
N VAL A 181 -3.58 -19.28 -4.05
CA VAL A 181 -2.15 -19.08 -4.23
C VAL A 181 -1.79 -17.63 -3.91
N ASN A 182 -2.71 -16.73 -4.24
CA ASN A 182 -2.53 -15.31 -3.99
C ASN A 182 -2.47 -15.00 -2.50
N VAL A 183 -2.72 -16.00 -1.68
CA VAL A 183 -2.69 -15.84 -0.24
C VAL A 183 -1.54 -16.63 0.35
N GLU A 184 -1.30 -17.80 -0.23
CA GLU A 184 -0.24 -18.69 0.21
C GLU A 184 1.10 -18.02 0.52
N LYS A 185 1.70 -17.41 -0.51
CA LYS A 185 3.00 -16.76 -0.31
C LYS A 185 2.90 -15.54 0.62
N GLU A 186 1.79 -14.82 0.53
CA GLU A 186 1.58 -13.63 1.35
C GLU A 186 1.65 -13.97 2.84
N LEU A 187 0.99 -15.07 3.22
CA LEU A 187 0.96 -15.50 4.60
C LEU A 187 1.92 -16.65 4.89
N LYS A 188 2.65 -17.07 3.85
CA LYS A 188 3.58 -18.18 4.00
C LYS A 188 2.85 -19.41 4.52
N ALA A 189 1.81 -19.81 3.79
CA ALA A 189 1.01 -20.96 4.14
C ALA A 189 1.16 -22.04 3.06
N ARG A 190 1.70 -23.18 3.43
CA ARG A 190 1.91 -24.30 2.51
C ARG A 190 0.62 -25.09 2.29
N TYR A 191 0.18 -25.17 1.03
CA TYR A 191 -1.02 -25.93 0.71
C TYR A 191 -0.75 -27.42 0.88
N MET A 192 -1.73 -28.14 1.42
CA MET A 192 -1.59 -29.59 1.63
C MET A 192 -2.95 -30.27 1.55
N ASP A 193 -2.92 -31.59 1.36
CA ASP A 193 -4.15 -32.37 1.32
C ASP A 193 -4.56 -32.57 2.77
N ILE A 194 -5.85 -32.67 3.01
CA ILE A 194 -6.37 -32.83 4.36
C ILE A 194 -5.53 -33.75 5.24
N ASP A 195 -5.55 -35.04 4.93
CA ASP A 195 -4.82 -36.02 5.73
C ASP A 195 -3.33 -35.71 5.90
N GLU A 196 -2.69 -35.18 4.85
CA GLU A 196 -1.28 -34.84 4.95
C GLU A 196 -1.15 -33.75 6.03
N LEU A 197 -2.09 -32.81 6.03
CA LEU A 197 -2.08 -31.71 6.99
C LEU A 197 -2.30 -32.21 8.42
N LEU A 198 -3.27 -33.11 8.60
CA LEU A 198 -3.56 -33.65 9.92
C LEU A 198 -2.34 -34.35 10.52
N GLU A 199 -1.59 -35.05 9.68
CA GLU A 199 -0.41 -35.77 10.14
C GLU A 199 0.75 -34.85 10.45
N LYS A 200 0.95 -33.84 9.61
CA LYS A 200 2.06 -32.90 9.78
C LYS A 200 1.84 -31.70 10.70
N SER A 201 0.58 -31.43 11.07
CA SER A 201 0.27 -30.28 11.93
C SER A 201 0.35 -30.62 13.42
N ASP A 202 0.71 -29.63 14.25
CA ASP A 202 0.75 -29.84 15.69
C ASP A 202 -0.61 -29.39 16.23
N ILE A 203 -1.19 -28.40 15.54
CA ILE A 203 -2.48 -27.80 15.88
C ILE A 203 -3.31 -27.70 14.60
N VAL A 204 -4.58 -28.10 14.69
CA VAL A 204 -5.47 -28.06 13.53
C VAL A 204 -6.69 -27.17 13.85
N ILE A 205 -6.97 -26.21 12.97
CA ILE A 205 -8.10 -25.28 13.13
C ILE A 205 -9.17 -25.55 12.08
N LEU A 206 -10.42 -25.62 12.51
CA LEU A 206 -11.52 -25.84 11.57
C LEU A 206 -12.24 -24.54 11.26
N ALA A 207 -12.05 -24.03 10.04
CA ALA A 207 -12.68 -22.80 9.59
C ALA A 207 -13.43 -23.08 8.27
N LEU A 208 -14.13 -24.22 8.25
CA LEU A 208 -14.88 -24.65 7.08
C LEU A 208 -16.39 -24.46 7.22
N PRO A 209 -17.07 -24.22 6.09
CA PRO A 209 -18.52 -24.05 6.12
C PRO A 209 -19.05 -25.48 6.21
N LEU A 210 -20.25 -25.64 6.76
CA LEU A 210 -20.84 -26.97 6.89
C LEU A 210 -21.65 -27.28 5.63
N THR A 211 -21.23 -28.30 4.89
CA THR A 211 -21.93 -28.72 3.69
C THR A 211 -21.96 -30.25 3.68
N ARG A 212 -22.58 -30.84 2.67
CA ARG A 212 -22.65 -32.29 2.58
C ARG A 212 -21.26 -32.87 2.42
N ASP A 213 -20.34 -32.08 1.86
CA ASP A 213 -18.97 -32.55 1.65
C ASP A 213 -18.05 -32.34 2.86
N THR A 214 -18.48 -31.54 3.83
CA THR A 214 -17.66 -31.30 5.01
C THR A 214 -18.24 -31.91 6.28
N TYR A 215 -19.44 -32.46 6.18
CA TYR A 215 -20.07 -33.09 7.33
C TYR A 215 -19.10 -34.16 7.85
N HIS A 216 -18.78 -34.10 9.15
CA HIS A 216 -17.86 -35.07 9.75
C HIS A 216 -16.56 -35.22 8.97
N ILE A 217 -16.04 -34.12 8.43
CA ILE A 217 -14.79 -34.18 7.69
C ILE A 217 -13.71 -34.75 8.62
N ILE A 218 -13.85 -34.49 9.91
CA ILE A 218 -12.93 -35.00 10.91
C ILE A 218 -13.65 -36.20 11.53
N ASN A 219 -13.63 -37.32 10.81
CA ASN A 219 -14.29 -38.54 11.27
C ASN A 219 -13.43 -39.26 12.31
N GLU A 220 -13.94 -40.37 12.81
CA GLU A 220 -13.23 -41.14 13.83
C GLU A 220 -11.82 -41.52 13.40
N GLU A 221 -11.64 -41.92 12.15
CA GLU A 221 -10.31 -42.30 11.66
C GLU A 221 -9.36 -41.12 11.73
N ARG A 222 -9.84 -39.95 11.36
CA ARG A 222 -8.98 -38.77 11.39
C ARG A 222 -8.70 -38.35 12.81
N VAL A 223 -9.66 -38.55 13.71
CA VAL A 223 -9.46 -38.22 15.12
C VAL A 223 -8.24 -39.00 15.60
N LYS A 224 -8.10 -40.22 15.08
CA LYS A 224 -6.97 -41.08 15.44
C LYS A 224 -5.68 -40.48 14.90
N LYS A 225 -5.76 -39.83 13.74
CA LYS A 225 -4.58 -39.22 13.16
C LYS A 225 -4.15 -38.03 14.01
N LEU A 226 -5.02 -37.58 14.90
CA LEU A 226 -4.70 -36.43 15.76
C LEU A 226 -4.27 -36.79 17.18
N GLU A 227 -3.81 -38.01 17.39
CA GLU A 227 -3.35 -38.38 18.73
C GLU A 227 -2.16 -37.49 19.05
N GLY A 228 -2.15 -36.92 20.25
CA GLY A 228 -1.06 -36.05 20.66
C GLY A 228 -1.09 -34.65 20.06
N LYS A 229 -2.20 -34.29 19.43
CA LYS A 229 -2.32 -32.98 18.81
C LYS A 229 -3.48 -32.16 19.39
N TYR A 230 -3.60 -30.92 18.93
CA TYR A 230 -4.65 -30.00 19.38
C TYR A 230 -5.62 -29.74 18.23
N LEU A 231 -6.91 -29.70 18.54
CA LEU A 231 -7.95 -29.46 17.55
C LEU A 231 -8.80 -28.28 18.00
N VAL A 232 -9.02 -27.32 17.12
CA VAL A 232 -9.83 -26.13 17.41
C VAL A 232 -10.94 -25.99 16.35
N ASN A 233 -12.18 -25.86 16.82
CA ASN A 233 -13.31 -25.75 15.89
C ASN A 233 -14.11 -24.45 16.06
N ILE A 234 -14.22 -23.68 14.98
CA ILE A 234 -15.01 -22.45 15.03
C ILE A 234 -16.03 -22.43 13.91
N GLY A 235 -16.17 -23.57 13.22
CA GLY A 235 -17.12 -23.65 12.11
C GLY A 235 -18.48 -24.12 12.60
N ARG A 236 -18.66 -25.43 12.62
CA ARG A 236 -19.91 -26.03 13.10
C ARG A 236 -19.56 -27.34 13.79
N GLY A 237 -20.37 -27.72 14.78
CA GLY A 237 -20.11 -28.97 15.49
C GLY A 237 -20.03 -30.15 14.54
N ALA A 238 -20.89 -30.18 13.53
CA ALA A 238 -20.95 -31.26 12.56
C ALA A 238 -19.73 -31.41 11.66
N LEU A 239 -18.74 -30.53 11.80
CA LEU A 239 -17.55 -30.67 10.98
C LEU A 239 -16.73 -31.83 11.54
N VAL A 240 -17.07 -32.25 12.75
CA VAL A 240 -16.36 -33.34 13.41
C VAL A 240 -17.33 -34.38 13.98
N ASP A 241 -16.83 -35.60 14.16
CA ASP A 241 -17.62 -36.67 14.79
C ASP A 241 -17.40 -36.34 16.26
N GLU A 242 -18.28 -35.51 16.82
CA GLU A 242 -18.10 -35.05 18.20
C GLU A 242 -17.99 -36.20 19.22
N LYS A 243 -18.73 -37.29 19.03
CA LYS A 243 -18.64 -38.40 19.96
C LYS A 243 -17.22 -38.96 19.92
N ALA A 244 -16.64 -39.07 18.73
CA ALA A 244 -15.28 -39.57 18.55
C ALA A 244 -14.25 -38.62 19.17
N VAL A 245 -14.49 -37.31 19.05
CA VAL A 245 -13.58 -36.33 19.62
C VAL A 245 -13.55 -36.49 21.12
N THR A 246 -14.74 -36.50 21.72
CA THR A 246 -14.91 -36.65 23.16
C THR A 246 -14.20 -37.89 23.68
N GLU A 247 -14.42 -39.01 22.99
CA GLU A 247 -13.82 -40.28 23.38
C GLU A 247 -12.30 -40.13 23.35
N ALA A 248 -11.78 -39.50 22.31
CA ALA A 248 -10.34 -39.29 22.19
C ALA A 248 -9.82 -38.49 23.37
N ILE A 249 -10.61 -37.52 23.83
CA ILE A 249 -10.20 -36.69 24.96
C ILE A 249 -10.14 -37.54 26.22
N LYS A 250 -11.25 -38.20 26.56
CA LYS A 250 -11.29 -39.04 27.76
C LYS A 250 -10.22 -40.13 27.82
N GLN A 251 -9.80 -40.63 26.67
CA GLN A 251 -8.79 -41.67 26.62
C GLN A 251 -7.37 -41.13 26.65
N GLY A 252 -7.25 -39.81 26.59
CA GLY A 252 -5.93 -39.18 26.60
C GLY A 252 -5.19 -39.24 25.27
N LYS A 253 -5.91 -39.50 24.19
CA LYS A 253 -5.29 -39.58 22.87
C LYS A 253 -5.17 -38.16 22.28
N LEU A 254 -6.31 -37.48 22.15
CA LEU A 254 -6.32 -36.11 21.62
C LEU A 254 -5.83 -35.25 22.78
N LYS A 255 -4.78 -34.47 22.53
CA LYS A 255 -4.22 -33.63 23.59
C LYS A 255 -5.17 -32.55 24.07
N GLY A 256 -5.90 -31.92 23.15
CA GLY A 256 -6.84 -30.89 23.54
C GLY A 256 -7.89 -30.56 22.50
N TYR A 257 -9.04 -30.07 22.97
CA TYR A 257 -10.10 -29.69 22.05
C TYR A 257 -10.73 -28.39 22.51
N ALA A 258 -10.75 -27.41 21.61
CA ALA A 258 -11.37 -26.12 21.89
C ALA A 258 -12.44 -25.90 20.84
N THR A 259 -13.63 -25.53 21.26
CA THR A 259 -14.69 -25.31 20.31
C THR A 259 -15.70 -24.29 20.79
N ASP A 260 -16.28 -23.59 19.83
CA ASP A 260 -17.30 -22.60 20.11
C ASP A 260 -18.62 -23.17 19.59
N VAL A 261 -18.53 -24.33 18.91
CA VAL A 261 -19.69 -24.96 18.30
C VAL A 261 -19.86 -26.44 18.66
N PHE A 262 -21.12 -26.89 18.73
CA PHE A 262 -21.44 -28.27 19.08
C PHE A 262 -22.49 -28.86 18.14
N GLU A 263 -22.53 -30.19 18.03
CA GLU A 263 -23.50 -30.82 17.14
C GLU A 263 -24.95 -30.51 17.51
N LYS A 264 -25.24 -30.48 18.80
CA LYS A 264 -26.58 -30.16 19.26
C LYS A 264 -26.54 -28.99 20.25
N GLU A 265 -26.94 -27.81 19.78
CA GLU A 265 -26.95 -26.60 20.58
C GLU A 265 -28.39 -26.19 20.92
N PRO A 266 -28.60 -25.60 22.11
CA PRO A 266 -27.60 -25.28 23.13
C PRO A 266 -27.19 -26.53 23.92
N VAL A 267 -26.01 -26.46 24.53
CA VAL A 267 -25.49 -27.57 25.32
C VAL A 267 -25.55 -27.25 26.81
N ARG A 268 -26.35 -28.01 27.55
CA ARG A 268 -26.48 -27.81 28.99
C ARG A 268 -25.71 -28.87 29.78
N GLU A 269 -25.44 -30.00 29.14
CA GLU A 269 -24.69 -31.09 29.76
C GLU A 269 -23.81 -31.75 28.71
N HIS A 270 -22.61 -32.16 29.10
CA HIS A 270 -21.67 -32.73 28.16
C HIS A 270 -20.52 -33.44 28.89
N GLU A 271 -20.03 -34.55 28.34
CA GLU A 271 -18.92 -35.25 28.97
C GLU A 271 -17.65 -34.43 28.99
N LEU A 272 -17.48 -33.55 28.01
CA LEU A 272 -16.30 -32.71 27.94
C LEU A 272 -16.25 -31.65 29.05
N PHE A 273 -17.36 -31.46 29.75
CA PHE A 273 -17.43 -30.46 30.81
C PHE A 273 -16.49 -30.70 32.00
N LYS A 274 -16.16 -31.95 32.26
CA LYS A 274 -15.28 -32.27 33.38
C LYS A 274 -13.80 -32.11 33.03
N TYR A 275 -13.49 -32.12 31.73
CA TYR A 275 -12.12 -31.97 31.27
C TYR A 275 -11.73 -30.51 31.10
N GLU A 276 -11.57 -29.80 32.22
CA GLU A 276 -11.23 -28.38 32.20
C GLU A 276 -9.83 -28.07 31.66
N TRP A 277 -8.89 -28.98 31.84
CA TRP A 277 -7.54 -28.75 31.38
C TRP A 277 -7.37 -29.03 29.89
N GLU A 278 -8.02 -30.09 29.42
CA GLU A 278 -7.92 -30.51 28.02
C GLU A 278 -8.81 -29.79 27.01
N THR A 279 -9.79 -29.03 27.49
CA THR A 279 -10.68 -28.34 26.57
C THR A 279 -10.98 -26.89 26.93
N VAL A 280 -11.49 -26.17 25.94
CA VAL A 280 -11.90 -24.77 26.08
C VAL A 280 -13.23 -24.79 25.33
N LEU A 281 -14.31 -24.51 26.05
CA LEU A 281 -15.63 -24.56 25.47
C LEU A 281 -16.38 -23.26 25.61
N THR A 282 -16.94 -22.78 24.51
CA THR A 282 -17.70 -21.54 24.54
C THR A 282 -19.08 -21.74 23.93
N PRO A 283 -20.07 -21.01 24.43
CA PRO A 283 -21.44 -21.14 23.92
C PRO A 283 -21.79 -20.43 22.61
N HIS A 284 -21.09 -20.83 21.54
CA HIS A 284 -21.30 -20.31 20.18
C HIS A 284 -21.49 -18.78 20.10
N TYR A 285 -20.47 -18.02 20.49
CA TYR A 285 -20.59 -16.56 20.43
C TYR A 285 -19.31 -15.92 19.90
N ALA A 286 -18.57 -16.67 19.09
CA ALA A 286 -17.32 -16.19 18.52
C ALA A 286 -17.50 -14.89 17.74
N GLY A 287 -18.70 -14.68 17.21
CA GLY A 287 -18.95 -13.47 16.44
C GLY A 287 -19.68 -12.39 17.21
N LEU A 288 -19.79 -12.55 18.52
CA LEU A 288 -20.51 -11.58 19.33
C LEU A 288 -19.64 -10.46 19.95
N ALA A 289 -19.68 -9.31 19.32
CA ALA A 289 -18.95 -8.13 19.78
C ALA A 289 -19.71 -6.91 19.25
N LEU A 290 -19.80 -5.86 20.05
CA LEU A 290 -20.54 -4.64 19.67
C LEU A 290 -20.25 -4.11 18.27
N GLU A 291 -18.97 -3.88 17.97
CA GLU A 291 -18.56 -3.34 16.68
C GLU A 291 -19.05 -4.22 15.53
N ALA A 292 -18.84 -5.52 15.66
CA ALA A 292 -19.27 -6.47 14.63
C ALA A 292 -20.77 -6.48 14.42
N GLN A 293 -21.53 -6.54 15.52
CA GLN A 293 -23.00 -6.58 15.46
C GLN A 293 -23.59 -5.34 14.81
N GLU A 294 -22.84 -4.25 14.86
CA GLU A 294 -23.29 -3.01 14.26
C GLU A 294 -23.00 -2.99 12.77
N ASP A 295 -21.89 -3.63 12.39
CA ASP A 295 -21.45 -3.69 11.00
C ASP A 295 -22.25 -4.68 10.15
N VAL A 296 -22.58 -5.83 10.73
CA VAL A 296 -23.30 -6.88 10.01
C VAL A 296 -24.49 -6.38 9.22
N GLY A 297 -25.33 -5.58 9.86
CA GLY A 297 -26.51 -5.06 9.19
C GLY A 297 -26.21 -4.23 7.96
N PHE A 298 -25.23 -3.34 8.09
CA PHE A 298 -24.85 -2.49 6.96
C PHE A 298 -24.25 -3.32 5.84
N ARG A 299 -23.42 -4.29 6.21
CA ARG A 299 -22.76 -5.18 5.26
C ARG A 299 -23.78 -6.02 4.50
N ALA A 300 -24.76 -6.56 5.22
CA ALA A 300 -25.81 -7.39 4.63
C ALA A 300 -26.66 -6.59 3.63
N VAL A 301 -26.90 -5.33 3.95
CA VAL A 301 -27.68 -4.46 3.10
C VAL A 301 -26.84 -4.10 1.88
N GLU A 302 -25.57 -3.79 2.11
CA GLU A 302 -24.66 -3.46 1.02
C GLU A 302 -24.48 -4.64 0.05
N ASN A 303 -24.34 -5.84 0.59
CA ASN A 303 -24.17 -7.03 -0.25
C ASN A 303 -25.35 -7.27 -1.15
N LEU A 304 -26.56 -7.07 -0.62
CA LEU A 304 -27.77 -7.25 -1.40
C LEU A 304 -27.95 -6.16 -2.46
N LEU A 305 -27.67 -4.92 -2.11
CA LEU A 305 -27.82 -3.83 -3.08
C LEU A 305 -26.81 -3.93 -4.22
N LYS A 306 -25.58 -4.33 -3.89
CA LYS A 306 -24.55 -4.48 -4.92
C LYS A 306 -25.05 -5.36 -6.07
N VAL A 307 -25.63 -6.51 -5.72
CA VAL A 307 -26.14 -7.45 -6.72
C VAL A 307 -27.25 -6.82 -7.56
N LEU A 308 -28.18 -6.14 -6.90
CA LEU A 308 -29.28 -5.50 -7.62
C LEU A 308 -28.81 -4.28 -8.42
N ARG A 309 -27.58 -3.84 -8.19
CA ARG A 309 -27.02 -2.71 -8.91
C ARG A 309 -26.20 -3.26 -10.08
N GLY A 310 -26.09 -4.58 -10.14
CA GLY A 310 -25.33 -5.21 -11.21
C GLY A 310 -23.85 -5.29 -10.91
N GLU A 311 -23.50 -5.25 -9.63
CA GLU A 311 -22.09 -5.34 -9.24
C GLU A 311 -21.86 -6.64 -8.48
N VAL A 312 -20.76 -7.30 -8.79
CA VAL A 312 -20.41 -8.55 -8.13
C VAL A 312 -19.76 -8.27 -6.78
N PRO A 313 -20.44 -8.66 -5.68
CA PRO A 313 -19.87 -8.41 -4.35
C PRO A 313 -18.73 -9.38 -4.04
N GLU A 314 -17.74 -8.93 -3.28
CA GLU A 314 -16.61 -9.78 -2.95
C GLU A 314 -17.01 -10.96 -2.07
N ASP A 315 -18.13 -10.82 -1.35
CA ASP A 315 -18.57 -11.90 -0.49
C ASP A 315 -19.66 -12.78 -1.13
N LEU A 316 -19.62 -12.90 -2.46
CA LEU A 316 -20.56 -13.76 -3.17
C LEU A 316 -20.06 -15.19 -2.90
N VAL A 317 -20.93 -16.02 -2.33
CA VAL A 317 -20.59 -17.39 -1.97
C VAL A 317 -20.55 -18.36 -3.15
N ASN A 318 -21.57 -18.29 -4.01
CA ASN A 318 -21.67 -19.18 -5.17
C ASN A 318 -21.34 -18.42 -6.44
N LYS A 319 -20.06 -18.13 -6.61
CA LYS A 319 -19.58 -17.39 -7.76
C LYS A 319 -19.95 -18.05 -9.09
N GLU A 320 -20.21 -19.34 -9.07
CA GLU A 320 -20.60 -20.07 -10.28
C GLU A 320 -21.88 -19.48 -10.84
N VAL A 321 -22.72 -18.94 -9.97
CA VAL A 321 -24.00 -18.37 -10.40
C VAL A 321 -23.81 -17.41 -11.56
N LEU A 322 -22.64 -16.80 -11.66
CA LEU A 322 -22.35 -15.85 -12.74
C LEU A 322 -22.58 -16.48 -14.11
N GLU A 323 -22.30 -17.77 -14.24
CA GLU A 323 -22.47 -18.49 -15.49
C GLU A 323 -23.93 -18.86 -15.74
N VAL A 324 -24.67 -19.08 -14.64
CA VAL A 324 -26.08 -19.45 -14.74
C VAL A 324 -26.96 -18.27 -15.10
N ARG A 325 -26.73 -17.13 -14.44
CA ARG A 325 -27.48 -15.92 -14.70
C ARG A 325 -26.54 -14.75 -14.56
N PRO A 326 -26.00 -14.25 -15.69
CA PRO A 326 -25.07 -13.12 -15.69
C PRO A 326 -25.65 -11.96 -14.89
N ILE A 327 -24.80 -11.33 -14.09
CA ILE A 327 -25.20 -10.23 -13.22
C ILE A 327 -26.08 -9.18 -13.92
N GLU A 328 -25.83 -8.91 -15.19
CA GLU A 328 -26.64 -7.92 -15.90
C GLU A 328 -28.13 -8.27 -15.84
N ASN A 329 -28.43 -9.56 -15.87
CA ASN A 329 -29.81 -10.05 -15.82
C ASN A 329 -30.54 -9.74 -14.51
N VAL A 330 -29.79 -9.53 -13.42
CA VAL A 330 -30.45 -9.26 -12.14
C VAL A 330 -30.34 -7.79 -11.70
N LYS A 331 -29.73 -6.97 -12.54
CA LYS A 331 -29.56 -5.55 -12.24
C LYS A 331 -30.92 -4.86 -12.26
N MET A 332 -31.30 -4.26 -11.14
CA MET A 332 -32.58 -3.56 -11.06
C MET A 332 -32.31 -2.06 -10.89
N LEU A 333 -31.23 -1.74 -10.20
CA LEU A 333 -30.83 -0.36 -9.95
C LEU A 333 -29.62 -0.02 -10.81
N MET B 1 36.52 -26.48 34.83
CA MET B 1 36.12 -26.63 36.22
C MET B 1 36.92 -25.70 37.14
N ARG B 2 37.02 -24.44 36.75
CA ARG B 2 37.82 -23.45 37.47
C ARG B 2 36.92 -22.57 38.34
N PRO B 3 36.02 -21.77 37.72
CA PRO B 3 35.15 -20.92 38.53
C PRO B 3 34.17 -21.73 39.39
N LYS B 4 33.81 -21.16 40.53
CA LYS B 4 32.87 -21.81 41.44
C LYS B 4 31.55 -21.06 41.34
N VAL B 5 30.48 -21.80 41.08
CA VAL B 5 29.18 -21.19 40.91
C VAL B 5 28.14 -21.69 41.88
N GLY B 6 27.40 -20.76 42.47
CA GLY B 6 26.37 -21.13 43.41
C GLY B 6 25.03 -21.05 42.71
N VAL B 7 24.37 -22.20 42.55
CA VAL B 7 23.06 -22.26 41.92
C VAL B 7 22.06 -22.18 43.06
N LEU B 8 21.27 -21.11 43.09
CA LEU B 8 20.33 -20.89 44.18
C LEU B 8 18.84 -21.16 43.91
N LEU B 9 18.55 -21.92 42.86
CA LEU B 9 17.17 -22.26 42.52
C LEU B 9 17.16 -23.67 41.95
N LYS B 10 15.96 -24.19 41.66
CA LYS B 10 15.85 -25.55 41.10
C LYS B 10 16.02 -25.46 39.59
N MET B 11 17.10 -26.01 39.07
CA MET B 11 17.35 -25.97 37.63
C MET B 11 17.25 -27.35 37.00
N LYS B 12 16.93 -27.38 35.72
CA LYS B 12 16.81 -28.64 35.00
C LYS B 12 18.20 -29.25 34.88
N ARG B 13 18.25 -30.58 34.95
CA ARG B 13 19.50 -31.32 34.87
C ARG B 13 20.39 -30.98 33.68
N GLU B 14 19.79 -30.85 32.50
CA GLU B 14 20.56 -30.55 31.29
C GLU B 14 21.32 -29.24 31.39
N ALA B 15 20.66 -28.21 31.91
CA ALA B 15 21.29 -26.90 32.05
C ALA B 15 22.42 -27.00 33.07
N LEU B 16 22.15 -27.74 34.14
CA LEU B 16 23.15 -27.94 35.19
C LEU B 16 24.36 -28.68 34.65
N GLU B 17 24.12 -29.73 33.86
CA GLU B 17 25.23 -30.50 33.27
C GLU B 17 26.07 -29.58 32.38
N GLU B 18 25.39 -28.72 31.62
CA GLU B 18 26.07 -27.80 30.74
C GLU B 18 27.00 -26.93 31.56
N LEU B 19 26.48 -26.43 32.68
CA LEU B 19 27.25 -25.57 33.58
C LEU B 19 28.45 -26.29 34.22
N LYS B 20 28.26 -27.57 34.55
CA LYS B 20 29.32 -28.34 35.19
C LYS B 20 30.49 -28.64 34.28
N LYS B 21 30.31 -28.43 32.98
CA LYS B 21 31.38 -28.67 32.03
C LYS B 21 32.47 -27.61 32.22
N TYR B 22 32.06 -26.41 32.61
CA TYR B 22 32.99 -25.29 32.76
C TYR B 22 33.25 -24.81 34.19
N ALA B 23 32.39 -25.19 35.15
CA ALA B 23 32.56 -24.73 36.51
C ALA B 23 32.15 -25.73 37.59
N ASP B 24 32.75 -25.58 38.76
CA ASP B 24 32.40 -26.43 39.89
C ASP B 24 31.14 -25.77 40.40
N VAL B 25 30.12 -26.59 40.65
CA VAL B 25 28.83 -26.07 41.08
C VAL B 25 28.41 -26.47 42.49
N GLU B 26 27.73 -25.55 43.16
CA GLU B 26 27.22 -25.79 44.49
C GLU B 26 25.75 -25.38 44.46
N ILE B 27 24.87 -26.31 44.79
CA ILE B 27 23.45 -26.02 44.80
C ILE B 27 23.01 -25.69 46.22
N ILE B 28 22.43 -24.49 46.38
CA ILE B 28 21.97 -24.01 47.66
C ILE B 28 20.59 -23.43 47.36
N LEU B 29 19.58 -24.26 47.55
CA LEU B 29 18.21 -23.89 47.24
C LEU B 29 17.57 -22.77 48.04
N TYR B 30 17.18 -21.71 47.31
CA TYR B 30 16.49 -20.56 47.86
C TYR B 30 16.94 -20.23 49.29
N PRO B 31 18.17 -19.72 49.45
CA PRO B 31 18.69 -19.38 50.77
C PRO B 31 18.19 -18.03 51.29
N SER B 32 18.17 -17.89 52.62
CA SER B 32 17.76 -16.63 53.22
C SER B 32 18.96 -15.68 53.12
N GLY B 33 18.75 -14.40 53.37
CA GLY B 33 19.84 -13.44 53.30
C GLY B 33 21.00 -13.81 54.21
N GLU B 34 20.69 -14.23 55.43
CA GLU B 34 21.73 -14.63 56.36
C GLU B 34 22.45 -15.89 55.91
N GLU B 35 21.72 -16.84 55.35
CA GLU B 35 22.31 -18.08 54.86
C GLU B 35 23.24 -17.82 53.68
N LEU B 36 22.80 -16.97 52.75
CA LEU B 36 23.59 -16.65 51.57
C LEU B 36 24.83 -15.82 51.86
N LYS B 37 24.71 -14.83 52.74
CA LYS B 37 25.87 -14.01 53.03
C LYS B 37 26.96 -14.83 53.70
N GLY B 38 26.56 -15.96 54.29
CA GLY B 38 27.50 -16.81 54.97
C GLY B 38 28.30 -17.72 54.05
N VAL B 39 27.83 -17.90 52.82
CA VAL B 39 28.52 -18.75 51.86
C VAL B 39 28.85 -18.05 50.55
N ILE B 40 28.25 -16.89 50.33
CA ILE B 40 28.47 -16.13 49.10
C ILE B 40 29.94 -15.86 48.76
N GLY B 41 30.81 -15.93 49.74
CA GLY B 41 32.23 -15.67 49.49
C GLY B 41 32.96 -16.68 48.62
N ARG B 42 32.43 -17.89 48.51
CA ARG B 42 33.08 -18.93 47.72
C ARG B 42 32.80 -18.87 46.21
N PHE B 43 31.81 -18.08 45.80
CA PHE B 43 31.42 -18.03 44.40
C PHE B 43 31.89 -16.92 43.48
N ASP B 44 32.28 -17.32 42.26
CA ASP B 44 32.72 -16.39 41.23
C ASP B 44 31.44 -15.89 40.56
N GLY B 45 30.39 -16.69 40.65
CA GLY B 45 29.11 -16.32 40.06
C GLY B 45 27.95 -17.09 40.68
N ILE B 46 26.74 -16.55 40.54
CA ILE B 46 25.57 -17.23 41.07
C ILE B 46 24.44 -17.18 40.07
N ILE B 47 23.55 -18.17 40.12
CA ILE B 47 22.39 -18.18 39.26
C ILE B 47 21.24 -18.08 40.25
N VAL B 48 20.31 -17.17 40.01
CA VAL B 48 19.23 -16.93 40.97
C VAL B 48 17.85 -16.70 40.37
N SER B 49 16.82 -16.96 41.19
CA SER B 49 15.44 -16.76 40.79
C SER B 49 14.90 -15.53 41.53
N PRO B 50 13.80 -14.96 41.05
CA PRO B 50 13.19 -13.78 41.67
C PRO B 50 12.98 -13.78 43.18
N THR B 51 12.86 -14.94 43.79
CA THR B 51 12.63 -14.99 45.22
C THR B 51 13.86 -14.75 46.09
N THR B 52 15.05 -14.96 45.53
CA THR B 52 16.27 -14.73 46.30
C THR B 52 16.67 -13.27 46.14
N LYS B 53 16.74 -12.54 47.25
CA LYS B 53 17.09 -11.14 47.21
C LYS B 53 18.58 -10.92 47.39
N ILE B 54 19.21 -10.32 46.38
CA ILE B 54 20.63 -10.03 46.44
C ILE B 54 20.71 -8.59 46.93
N THR B 55 21.08 -8.45 48.20
CA THR B 55 21.16 -7.16 48.86
C THR B 55 22.58 -6.73 49.20
N ARG B 56 22.70 -5.50 49.67
CA ARG B 56 24.00 -4.97 50.09
C ARG B 56 24.51 -5.91 51.18
N GLU B 57 23.60 -6.37 52.04
CA GLU B 57 23.95 -7.27 53.12
C GLU B 57 24.66 -8.52 52.61
N VAL B 58 24.15 -9.07 51.51
CA VAL B 58 24.73 -10.26 50.91
C VAL B 58 26.02 -9.94 50.14
N LEU B 59 26.00 -8.84 49.40
CA LEU B 59 27.14 -8.44 48.59
C LEU B 59 28.38 -8.02 49.38
N GLU B 60 28.18 -7.66 50.64
CA GLU B 60 29.29 -7.26 51.50
C GLU B 60 30.32 -8.38 51.58
N ASN B 61 29.86 -9.62 51.64
CA ASN B 61 30.77 -10.77 51.73
C ASN B 61 31.08 -11.41 50.38
N ALA B 62 30.71 -10.75 49.29
CA ALA B 62 30.90 -11.29 47.94
C ALA B 62 32.27 -11.00 47.33
N GLU B 63 33.32 -11.34 48.07
CA GLU B 63 34.69 -11.09 47.65
C GLU B 63 35.06 -11.50 46.22
N ARG B 64 34.72 -12.73 45.85
CA ARG B 64 35.06 -13.25 44.52
C ARG B 64 33.96 -13.17 43.46
N LEU B 65 32.84 -12.54 43.78
CA LEU B 65 31.72 -12.45 42.85
C LEU B 65 31.95 -11.56 41.64
N LYS B 66 31.74 -12.13 40.46
CA LYS B 66 31.93 -11.42 39.21
C LYS B 66 30.66 -11.29 38.38
N VAL B 67 29.74 -12.24 38.52
CA VAL B 67 28.52 -12.18 37.75
C VAL B 67 27.30 -12.78 38.43
N ILE B 68 26.16 -12.11 38.24
CA ILE B 68 24.88 -12.55 38.78
C ILE B 68 23.93 -12.79 37.59
N SER B 69 23.63 -14.06 37.34
CA SER B 69 22.75 -14.43 36.23
C SER B 69 21.35 -14.72 36.74
N CYS B 70 20.39 -13.88 36.38
CA CYS B 70 19.02 -14.12 36.81
C CYS B 70 18.34 -15.10 35.86
N HIS B 71 17.93 -16.24 36.42
CA HIS B 71 17.25 -17.30 35.69
C HIS B 71 15.79 -16.85 35.55
N SER B 72 15.60 -15.67 34.95
CA SER B 72 14.28 -15.07 34.79
C SER B 72 14.29 -13.85 33.90
N ALA B 73 13.10 -13.30 33.69
CA ALA B 73 12.94 -12.10 32.87
C ALA B 73 13.20 -10.89 33.73
N GLY B 74 12.70 -10.93 34.96
CA GLY B 74 12.86 -9.82 35.87
C GLY B 74 14.10 -9.86 36.72
N TYR B 75 14.52 -8.70 37.22
CA TYR B 75 15.72 -8.61 38.04
C TYR B 75 15.58 -7.60 39.17
N ASP B 76 14.34 -7.31 39.55
CA ASP B 76 14.11 -6.36 40.63
C ASP B 76 14.59 -6.91 41.97
N ASN B 77 14.92 -8.20 42.00
CA ASN B 77 15.42 -8.82 43.22
C ASN B 77 16.92 -8.56 43.42
N ILE B 78 17.53 -7.82 42.49
CA ILE B 78 18.95 -7.51 42.57
C ILE B 78 19.21 -6.02 42.79
N ASP B 79 20.07 -5.70 43.75
CA ASP B 79 20.44 -4.30 44.01
C ASP B 79 21.51 -3.99 42.97
N LEU B 80 21.11 -3.38 41.86
CA LEU B 80 22.03 -3.06 40.78
C LEU B 80 23.04 -2.01 41.18
N GLU B 81 22.59 -1.05 41.98
CA GLU B 81 23.46 0.02 42.46
C GLU B 81 24.66 -0.55 43.19
N GLU B 82 24.40 -1.50 44.09
CA GLU B 82 25.48 -2.11 44.85
C GLU B 82 26.30 -3.06 43.96
N ALA B 83 25.62 -3.83 43.10
CA ALA B 83 26.34 -4.75 42.22
C ALA B 83 27.29 -3.94 41.34
N THR B 84 26.77 -2.87 40.76
CA THR B 84 27.57 -2.01 39.91
C THR B 84 28.77 -1.46 40.67
N LYS B 85 28.52 -0.94 41.87
CA LYS B 85 29.57 -0.38 42.70
C LYS B 85 30.70 -1.40 42.92
N ARG B 86 30.32 -2.65 43.10
CA ARG B 86 31.30 -3.72 43.31
C ARG B 86 31.78 -4.34 42.01
N GLY B 87 31.41 -3.73 40.90
CA GLY B 87 31.82 -4.25 39.60
C GLY B 87 31.31 -5.64 39.30
N ILE B 88 30.07 -5.90 39.67
CA ILE B 88 29.44 -7.20 39.44
C ILE B 88 28.44 -7.08 38.28
N TYR B 89 28.62 -7.93 37.28
CA TYR B 89 27.75 -7.94 36.10
C TYR B 89 26.43 -8.67 36.38
N VAL B 90 25.30 -8.04 36.08
CA VAL B 90 24.00 -8.67 36.30
C VAL B 90 23.29 -8.91 34.96
N THR B 91 22.86 -10.14 34.71
CA THR B 91 22.17 -10.45 33.47
C THR B 91 20.78 -11.04 33.71
N LYS B 92 19.93 -10.93 32.69
CA LYS B 92 18.57 -11.47 32.74
C LYS B 92 18.43 -12.41 31.56
N VAL B 93 17.25 -13.01 31.40
CA VAL B 93 17.03 -13.92 30.29
C VAL B 93 16.04 -13.36 29.28
N SER B 94 16.40 -13.49 28.00
CA SER B 94 15.55 -13.05 26.90
C SER B 94 15.39 -14.28 26.00
N GLY B 95 14.94 -14.09 24.77
CA GLY B 95 14.78 -15.22 23.86
C GLY B 95 13.40 -15.85 23.88
N LEU B 96 13.35 -17.18 24.00
CA LEU B 96 12.07 -17.89 24.02
C LEU B 96 11.17 -17.48 25.17
N LEU B 97 11.76 -17.13 26.30
CA LEU B 97 10.99 -16.70 27.47
C LEU B 97 10.17 -15.46 27.10
N SER B 98 10.80 -14.50 26.44
CA SER B 98 10.11 -13.27 26.07
C SER B 98 8.95 -13.58 25.12
N GLU B 99 9.17 -14.51 24.20
CA GLU B 99 8.15 -14.91 23.25
C GLU B 99 6.99 -15.56 23.98
N ALA B 100 7.30 -16.43 24.95
CA ALA B 100 6.28 -17.12 25.72
C ALA B 100 5.42 -16.18 26.58
N VAL B 101 6.05 -15.15 27.14
CA VAL B 101 5.32 -14.19 27.98
C VAL B 101 4.44 -13.29 27.11
N ALA B 102 4.94 -12.89 25.95
CA ALA B 102 4.19 -12.02 25.05
C ALA B 102 2.95 -12.76 24.55
N GLU B 103 3.14 -14.02 24.20
CA GLU B 103 2.05 -14.87 23.73
C GLU B 103 0.98 -14.93 24.82
N PHE B 104 1.43 -15.17 26.05
CA PHE B 104 0.56 -15.28 27.21
C PHE B 104 -0.23 -13.99 27.41
N THR B 105 0.46 -12.86 27.27
CA THR B 105 -0.16 -11.54 27.45
C THR B 105 -1.31 -11.33 26.49
N VAL B 106 -1.14 -11.70 25.22
CA VAL B 106 -2.20 -11.54 24.24
C VAL B 106 -3.37 -12.42 24.63
N GLY B 107 -3.08 -13.59 25.20
CA GLY B 107 -4.14 -14.47 25.65
C GLY B 107 -4.95 -13.78 26.72
N LEU B 108 -4.25 -13.11 27.65
CA LEU B 108 -4.91 -12.39 28.73
C LEU B 108 -5.78 -11.25 28.18
N ILE B 109 -5.28 -10.57 27.16
CA ILE B 109 -6.00 -9.47 26.55
C ILE B 109 -7.29 -9.96 25.88
N ILE B 110 -7.17 -11.00 25.06
CA ILE B 110 -8.34 -11.53 24.38
C ILE B 110 -9.38 -12.05 25.36
N ASN B 111 -8.92 -12.65 26.45
CA ASN B 111 -9.86 -13.13 27.45
C ASN B 111 -10.52 -11.95 28.16
N LEU B 112 -9.72 -10.93 28.49
CA LEU B 112 -10.29 -9.78 29.19
C LEU B 112 -11.32 -9.06 28.34
N MET B 113 -11.12 -9.06 27.03
CA MET B 113 -12.05 -8.40 26.11
C MET B 113 -13.25 -9.26 25.74
N ARG B 114 -12.96 -10.49 25.27
CA ARG B 114 -14.00 -11.41 24.79
C ARG B 114 -14.62 -12.38 25.80
N LYS B 115 -14.07 -12.39 27.02
CA LYS B 115 -14.58 -13.20 28.13
C LYS B 115 -14.63 -14.72 27.97
N ILE B 116 -13.72 -15.27 27.17
CA ILE B 116 -13.68 -16.71 26.93
C ILE B 116 -13.53 -17.50 28.24
N HIS B 117 -12.67 -17.01 29.14
CA HIS B 117 -12.46 -17.68 30.42
C HIS B 117 -13.78 -17.73 31.20
N TYR B 118 -14.55 -16.64 31.15
CA TYR B 118 -15.82 -16.59 31.85
C TYR B 118 -16.85 -17.51 31.18
N ALA B 119 -16.93 -17.43 29.86
CA ALA B 119 -17.87 -18.26 29.10
C ALA B 119 -17.61 -19.75 29.32
N ASP B 120 -16.34 -20.11 29.43
CA ASP B 120 -15.95 -21.50 29.65
C ASP B 120 -16.57 -21.98 30.97
N LYS B 121 -16.49 -21.15 32.00
CA LYS B 121 -17.07 -21.48 33.30
C LYS B 121 -18.58 -21.58 33.09
N PHE B 122 -19.13 -20.51 32.52
CA PHE B 122 -20.56 -20.38 32.25
C PHE B 122 -21.17 -21.65 31.65
N ILE B 123 -20.62 -22.10 30.54
CA ILE B 123 -21.13 -23.29 29.87
C ILE B 123 -20.98 -24.57 30.69
N ARG B 124 -19.85 -24.72 31.38
CA ARG B 124 -19.63 -25.92 32.18
C ARG B 124 -20.61 -25.96 33.35
N ARG B 125 -21.10 -24.80 33.77
CA ARG B 125 -22.06 -24.72 34.87
C ARG B 125 -23.46 -25.03 34.37
N GLY B 126 -23.56 -25.36 33.09
CA GLY B 126 -24.85 -25.68 32.48
C GLY B 126 -25.80 -24.52 32.29
N GLU B 127 -25.28 -23.30 32.18
CA GLU B 127 -26.15 -22.13 32.03
C GLU B 127 -26.46 -21.72 30.58
N TRP B 128 -25.97 -22.49 29.61
CA TRP B 128 -26.25 -22.17 28.22
C TRP B 128 -27.68 -22.61 27.91
N GLU B 129 -28.64 -21.80 28.35
CA GLU B 129 -30.07 -22.08 28.17
C GLU B 129 -30.51 -21.98 26.72
N SER B 130 -30.00 -20.97 26.02
CA SER B 130 -30.40 -20.71 24.63
C SER B 130 -29.46 -19.73 23.93
N HIS B 131 -29.64 -19.58 22.63
CA HIS B 131 -28.85 -18.63 21.85
C HIS B 131 -29.17 -17.21 22.33
N ALA B 132 -30.44 -16.94 22.51
CA ALA B 132 -30.89 -15.63 22.97
C ALA B 132 -30.25 -15.26 24.31
N LYS B 133 -30.17 -16.24 25.20
CA LYS B 133 -29.57 -16.03 26.52
C LYS B 133 -28.15 -15.48 26.41
N ILE B 134 -27.38 -16.02 25.48
CA ILE B 134 -26.00 -15.59 25.28
C ILE B 134 -25.91 -14.24 24.59
N TRP B 135 -26.49 -14.13 23.41
CA TRP B 135 -26.42 -12.89 22.68
C TRP B 135 -27.07 -11.71 23.36
N THR B 136 -28.02 -11.96 24.25
CA THR B 136 -28.64 -10.88 25.00
C THR B 136 -27.91 -10.82 26.34
N GLY B 137 -27.61 -11.99 26.89
CA GLY B 137 -26.95 -12.09 28.17
C GLY B 137 -25.72 -11.21 28.31
N PHE B 138 -24.97 -11.06 27.23
CA PHE B 138 -23.79 -10.22 27.27
C PHE B 138 -23.29 -9.73 25.91
N LYS B 139 -23.84 -8.59 25.48
CA LYS B 139 -23.46 -8.02 24.19
C LYS B 139 -22.45 -6.89 24.39
N ARG B 140 -22.25 -6.49 25.64
CA ARG B 140 -21.35 -5.35 25.83
C ARG B 140 -19.90 -5.69 25.50
N ILE B 141 -19.64 -6.93 25.10
CA ILE B 141 -18.31 -7.33 24.63
C ILE B 141 -17.76 -6.50 23.47
N GLU B 142 -16.53 -6.02 23.64
CA GLU B 142 -15.86 -5.22 22.61
C GLU B 142 -14.72 -6.08 22.04
N SER B 143 -14.42 -5.88 20.77
CA SER B 143 -13.34 -6.62 20.13
C SER B 143 -12.05 -5.82 20.25
N LEU B 144 -10.93 -6.51 20.14
CA LEU B 144 -9.63 -5.87 20.21
C LEU B 144 -9.46 -5.03 18.95
N TYR B 145 -10.10 -5.45 17.86
CA TYR B 145 -10.01 -4.75 16.57
C TYR B 145 -10.40 -3.27 16.65
N GLY B 146 -9.59 -2.42 16.01
CA GLY B 146 -9.84 -0.99 16.00
C GLY B 146 -9.49 -0.24 17.28
N LYS B 147 -9.03 -0.95 18.31
CA LYS B 147 -8.70 -0.29 19.56
C LYS B 147 -7.31 0.33 19.64
N LYS B 148 -7.15 1.28 20.56
CA LYS B 148 -5.88 1.93 20.78
C LYS B 148 -5.26 1.23 21.97
N VAL B 149 -4.12 0.57 21.74
CA VAL B 149 -3.44 -0.15 22.80
C VAL B 149 -2.15 0.56 23.18
N GLY B 150 -2.06 0.96 24.45
CA GLY B 150 -0.88 1.63 24.95
C GLY B 150 -0.01 0.70 25.75
N ILE B 151 1.24 0.51 25.31
CA ILE B 151 2.14 -0.38 26.02
C ILE B 151 3.19 0.42 26.78
N LEU B 152 3.30 0.17 28.08
CA LEU B 152 4.29 0.82 28.91
C LEU B 152 5.46 -0.13 29.05
N GLY B 153 6.58 0.20 28.41
CA GLY B 153 7.74 -0.67 28.45
C GLY B 153 7.87 -1.27 27.06
N MET B 154 8.98 -0.96 26.40
CA MET B 154 9.19 -1.44 25.04
C MET B 154 10.53 -2.17 24.93
N GLY B 155 10.73 -3.14 25.80
CA GLY B 155 11.92 -3.96 25.78
C GLY B 155 11.55 -5.20 24.99
N ALA B 156 12.26 -6.30 25.20
CA ALA B 156 11.98 -7.55 24.48
C ALA B 156 10.52 -7.99 24.53
N ILE B 157 9.97 -8.04 25.74
CA ILE B 157 8.58 -8.46 25.93
C ILE B 157 7.60 -7.45 25.33
N GLY B 158 7.83 -6.16 25.58
CA GLY B 158 6.95 -5.15 25.01
C GLY B 158 6.91 -5.26 23.51
N LYS B 159 8.09 -5.42 22.90
CA LYS B 159 8.16 -5.51 21.44
C LYS B 159 7.44 -6.76 20.92
N ALA B 160 7.64 -7.88 21.58
CA ALA B 160 7.01 -9.14 21.19
C ALA B 160 5.48 -9.04 21.27
N ILE B 161 4.98 -8.35 22.29
CA ILE B 161 3.53 -8.14 22.43
C ILE B 161 3.02 -7.28 21.28
N ALA B 162 3.73 -6.18 21.02
CA ALA B 162 3.36 -5.25 19.97
C ALA B 162 3.33 -5.93 18.61
N ARG B 163 4.35 -6.71 18.30
CA ARG B 163 4.39 -7.39 17.01
C ARG B 163 3.16 -8.28 16.84
N ARG B 164 2.76 -8.96 17.90
CA ARG B 164 1.60 -9.83 17.85
C ARG B 164 0.26 -9.12 17.68
N LEU B 165 0.12 -7.94 18.29
CA LEU B 165 -1.12 -7.19 18.21
C LEU B 165 -1.41 -6.53 16.87
N ILE B 166 -0.37 -6.24 16.08
CA ILE B 166 -0.55 -5.59 14.79
C ILE B 166 -1.64 -6.22 13.91
N PRO B 167 -1.57 -7.53 13.65
CA PRO B 167 -2.59 -8.18 12.80
C PRO B 167 -3.99 -8.21 13.41
N PHE B 168 -4.11 -7.79 14.66
CA PHE B 168 -5.41 -7.76 15.32
C PHE B 168 -6.11 -6.46 14.99
N GLY B 169 -5.44 -5.61 14.22
CA GLY B 169 -6.03 -4.34 13.83
C GLY B 169 -6.04 -3.25 14.87
N VAL B 170 -5.07 -3.25 15.78
CA VAL B 170 -5.01 -2.22 16.82
C VAL B 170 -4.13 -1.04 16.38
N LYS B 171 -4.21 0.05 17.13
CA LYS B 171 -3.37 1.21 16.88
C LYS B 171 -2.48 1.19 18.11
N LEU B 172 -1.17 1.20 17.91
CA LEU B 172 -0.23 1.14 19.02
C LEU B 172 0.33 2.48 19.50
N TYR B 173 0.34 2.67 20.81
CA TYR B 173 0.92 3.85 21.45
C TYR B 173 1.86 3.22 22.46
N TYR B 174 2.91 3.92 22.87
CA TYR B 174 3.80 3.34 23.86
C TYR B 174 4.63 4.36 24.63
N TRP B 175 5.17 3.91 25.75
CA TRP B 175 6.08 4.70 26.55
C TRP B 175 7.20 3.76 26.95
N SER B 176 8.39 4.32 27.12
CA SER B 176 9.55 3.55 27.52
C SER B 176 10.57 4.47 28.19
N ARG B 177 11.34 3.94 29.12
CA ARG B 177 12.34 4.74 29.82
C ARG B 177 13.37 5.24 28.80
N HIS B 178 13.46 4.54 27.67
CA HIS B 178 14.39 4.88 26.61
C HIS B 178 13.67 4.75 25.26
N ARG B 179 13.23 5.87 24.72
CA ARG B 179 12.51 5.90 23.46
C ARG B 179 13.21 5.09 22.35
N LYS B 180 12.43 4.39 21.54
CA LYS B 180 12.97 3.57 20.46
C LYS B 180 12.45 4.03 19.11
N VAL B 181 13.14 4.98 18.50
CA VAL B 181 12.76 5.53 17.21
C VAL B 181 12.58 4.47 16.12
N ASN B 182 13.46 3.48 16.08
CA ASN B 182 13.37 2.44 15.06
C ASN B 182 12.10 1.60 15.20
N VAL B 183 11.71 1.29 16.43
CA VAL B 183 10.50 0.51 16.65
C VAL B 183 9.28 1.33 16.28
N GLU B 184 9.36 2.64 16.52
CA GLU B 184 8.25 3.53 16.20
C GLU B 184 7.82 3.48 14.74
N LYS B 185 8.78 3.45 13.82
CA LYS B 185 8.44 3.41 12.40
C LYS B 185 8.20 1.97 11.96
N GLU B 186 8.94 1.04 12.55
CA GLU B 186 8.83 -0.38 12.23
C GLU B 186 7.44 -0.92 12.60
N LEU B 187 7.04 -0.69 13.85
CA LEU B 187 5.73 -1.16 14.31
C LEU B 187 4.67 -0.07 14.27
N LYS B 188 5.04 1.11 13.78
CA LYS B 188 4.12 2.24 13.70
C LYS B 188 3.51 2.56 15.07
N ALA B 189 4.32 2.43 16.12
CA ALA B 189 3.87 2.71 17.47
C ALA B 189 4.24 4.14 17.82
N ARG B 190 3.24 4.92 18.23
CA ARG B 190 3.44 6.33 18.58
C ARG B 190 3.90 6.55 20.02
N TYR B 191 5.05 7.18 20.18
CA TYR B 191 5.59 7.47 21.51
C TYR B 191 4.71 8.53 22.19
N MET B 192 4.46 8.34 23.48
CA MET B 192 3.65 9.28 24.26
C MET B 192 4.14 9.31 25.68
N ASP B 193 3.82 10.40 26.38
CA ASP B 193 4.18 10.52 27.80
C ASP B 193 3.21 9.61 28.52
N ILE B 194 3.55 9.17 29.73
CA ILE B 194 2.70 8.25 30.47
C ILE B 194 1.24 8.66 30.62
N ASP B 195 0.99 9.86 31.13
CA ASP B 195 -0.38 10.31 31.32
C ASP B 195 -1.12 10.52 30.01
N GLU B 196 -0.41 10.95 28.97
CA GLU B 196 -1.02 11.15 27.68
C GLU B 196 -1.46 9.79 27.13
N LEU B 197 -0.61 8.78 27.34
CA LEU B 197 -0.92 7.42 26.87
C LEU B 197 -2.15 6.87 27.61
N LEU B 198 -2.18 7.04 28.92
CA LEU B 198 -3.31 6.55 29.71
C LEU B 198 -4.62 7.21 29.30
N GLU B 199 -4.54 8.46 28.85
CA GLU B 199 -5.72 9.21 28.45
C GLU B 199 -6.23 8.85 27.05
N LYS B 200 -5.31 8.55 26.14
CA LYS B 200 -5.68 8.25 24.76
C LYS B 200 -5.88 6.78 24.42
N SER B 201 -5.41 5.89 25.29
CA SER B 201 -5.52 4.45 25.05
C SER B 201 -6.84 3.84 25.54
N ASP B 202 -7.28 2.80 24.86
CA ASP B 202 -8.51 2.09 25.24
C ASP B 202 -8.09 0.95 26.15
N ILE B 203 -6.90 0.43 25.88
CA ILE B 203 -6.31 -0.68 26.61
C ILE B 203 -4.86 -0.36 26.97
N VAL B 204 -4.49 -0.56 28.23
CA VAL B 204 -3.14 -0.29 28.66
C VAL B 204 -2.45 -1.58 29.14
N ILE B 205 -1.24 -1.82 28.63
CA ILE B 205 -0.49 -3.02 29.00
C ILE B 205 0.82 -2.65 29.69
N LEU B 206 1.10 -3.30 30.82
CA LEU B 206 2.31 -3.05 31.58
C LEU B 206 3.37 -4.13 31.34
N ALA B 207 4.47 -3.72 30.73
CA ALA B 207 5.58 -4.65 30.44
C ALA B 207 6.87 -3.93 30.82
N LEU B 208 6.88 -3.40 32.04
CA LEU B 208 8.01 -2.66 32.58
C LEU B 208 8.68 -3.37 33.74
N PRO B 209 10.00 -3.18 33.87
CA PRO B 209 10.72 -3.81 34.99
C PRO B 209 10.33 -2.97 36.19
N LEU B 210 10.23 -3.57 37.37
CA LEU B 210 9.86 -2.83 38.58
C LEU B 210 11.11 -2.19 39.20
N THR B 211 11.09 -0.87 39.31
CA THR B 211 12.20 -0.12 39.90
C THR B 211 11.59 0.96 40.79
N ARG B 212 12.42 1.69 41.53
CA ARG B 212 11.88 2.74 42.39
C ARG B 212 11.09 3.73 41.54
N ASP B 213 11.59 3.98 40.32
CA ASP B 213 10.92 4.92 39.41
C ASP B 213 9.60 4.42 38.82
N THR B 214 9.51 3.11 38.57
CA THR B 214 8.27 2.56 37.99
C THR B 214 7.33 2.05 39.07
N TYR B 215 7.71 2.25 40.33
CA TYR B 215 6.89 1.81 41.46
C TYR B 215 5.53 2.51 41.43
N HIS B 216 4.46 1.73 41.43
CA HIS B 216 3.11 2.28 41.38
C HIS B 216 2.98 3.28 40.24
N ILE B 217 3.59 2.97 39.09
CA ILE B 217 3.50 3.87 37.95
C ILE B 217 2.00 4.11 37.69
N ILE B 218 1.17 3.10 37.96
CA ILE B 218 -0.27 3.26 37.82
C ILE B 218 -0.80 3.49 39.25
N ASN B 219 -0.72 4.74 39.69
CA ASN B 219 -1.16 5.10 41.03
C ASN B 219 -2.64 5.41 41.06
N GLU B 220 -3.16 5.72 42.24
CA GLU B 220 -4.58 6.03 42.40
C GLU B 220 -5.10 7.09 41.43
N GLU B 221 -4.40 8.21 41.33
CA GLU B 221 -4.84 9.27 40.43
C GLU B 221 -4.90 8.80 38.97
N ARG B 222 -3.89 8.03 38.55
CA ARG B 222 -3.87 7.54 37.18
C ARG B 222 -4.94 6.50 36.94
N VAL B 223 -5.31 5.76 37.98
CA VAL B 223 -6.35 4.75 37.84
C VAL B 223 -7.64 5.45 37.42
N LYS B 224 -7.92 6.62 37.97
CA LYS B 224 -9.13 7.36 37.62
C LYS B 224 -9.12 7.72 36.13
N LYS B 225 -7.93 7.88 35.55
CA LYS B 225 -7.81 8.20 34.13
C LYS B 225 -8.23 6.99 33.30
N LEU B 226 -8.27 5.82 33.92
CA LEU B 226 -8.61 4.59 33.21
C LEU B 226 -10.09 4.22 33.27
N GLU B 227 -10.91 5.10 33.85
CA GLU B 227 -12.34 4.82 33.95
C GLU B 227 -12.83 4.48 32.54
N GLY B 228 -13.51 3.34 32.43
CA GLY B 228 -14.02 2.91 31.14
C GLY B 228 -13.00 2.21 30.25
N LYS B 229 -11.79 1.97 30.78
CA LYS B 229 -10.75 1.32 29.98
C LYS B 229 -10.28 -0.03 30.54
N TYR B 230 -9.34 -0.65 29.83
CA TYR B 230 -8.83 -1.96 30.24
C TYR B 230 -7.37 -1.89 30.63
N LEU B 231 -6.99 -2.65 31.65
CA LEU B 231 -5.61 -2.68 32.12
C LEU B 231 -5.11 -4.12 32.18
N VAL B 232 -3.91 -4.34 31.65
CA VAL B 232 -3.29 -5.66 31.62
C VAL B 232 -1.89 -5.56 32.26
N ASN B 233 -1.59 -6.45 33.21
CA ASN B 233 -0.30 -6.42 33.89
C ASN B 233 0.43 -7.77 33.82
N ILE B 234 1.65 -7.79 33.29
CA ILE B 234 2.41 -9.03 33.25
C ILE B 234 3.82 -8.86 33.82
N GLY B 235 4.09 -7.69 34.39
CA GLY B 235 5.41 -7.43 34.95
C GLY B 235 5.53 -7.82 36.42
N ARG B 236 5.19 -6.89 37.29
CA ARG B 236 5.21 -7.13 38.72
C ARG B 236 4.00 -6.42 39.30
N GLY B 237 3.44 -6.97 40.36
CA GLY B 237 2.26 -6.38 40.96
C GLY B 237 2.45 -4.93 41.37
N ALA B 238 3.58 -4.64 42.01
CA ALA B 238 3.85 -3.30 42.49
C ALA B 238 3.86 -2.22 41.40
N LEU B 239 3.72 -2.60 40.12
CA LEU B 239 3.67 -1.61 39.06
C LEU B 239 2.38 -0.82 39.21
N VAL B 240 1.41 -1.41 39.91
CA VAL B 240 0.14 -0.73 40.13
C VAL B 240 -0.18 -0.65 41.60
N ASP B 241 -0.98 0.35 41.97
CA ASP B 241 -1.43 0.48 43.34
C ASP B 241 -2.63 -0.48 43.29
N GLU B 242 -2.36 -1.75 43.55
CA GLU B 242 -3.38 -2.80 43.49
C GLU B 242 -4.70 -2.50 44.20
N LYS B 243 -4.62 -1.82 45.34
CA LYS B 243 -5.84 -1.49 46.08
C LYS B 243 -6.68 -0.54 45.25
N ALA B 244 -6.04 0.48 44.69
CA ALA B 244 -6.73 1.45 43.87
C ALA B 244 -7.37 0.77 42.65
N VAL B 245 -6.68 -0.20 42.08
CA VAL B 245 -7.21 -0.91 40.92
C VAL B 245 -8.42 -1.74 41.34
N THR B 246 -8.31 -2.37 42.50
CA THR B 246 -9.40 -3.19 43.01
C THR B 246 -10.64 -2.34 43.26
N GLU B 247 -10.44 -1.16 43.82
CA GLU B 247 -11.59 -0.28 44.08
C GLU B 247 -12.22 0.18 42.75
N ALA B 248 -11.39 0.58 41.80
CA ALA B 248 -11.90 1.04 40.51
C ALA B 248 -12.72 -0.06 39.83
N ILE B 249 -12.38 -1.31 40.09
CA ILE B 249 -13.13 -2.42 39.51
C ILE B 249 -14.48 -2.55 40.22
N LYS B 250 -14.46 -2.60 41.55
CA LYS B 250 -15.69 -2.76 42.32
C LYS B 250 -16.65 -1.60 42.12
N GLN B 251 -16.10 -0.40 41.94
CA GLN B 251 -16.94 0.78 41.75
C GLN B 251 -17.40 0.90 40.30
N GLY B 252 -17.10 -0.12 39.51
CA GLY B 252 -17.50 -0.13 38.12
C GLY B 252 -16.85 0.93 37.25
N LYS B 253 -15.73 1.47 37.69
CA LYS B 253 -15.05 2.49 36.90
C LYS B 253 -14.07 1.84 35.90
N LEU B 254 -13.02 1.22 36.41
CA LEU B 254 -12.08 0.53 35.55
C LEU B 254 -12.90 -0.59 34.91
N LYS B 255 -12.99 -0.61 33.58
CA LYS B 255 -13.79 -1.62 32.92
C LYS B 255 -13.27 -3.04 33.11
N GLY B 256 -11.96 -3.23 33.04
CA GLY B 256 -11.41 -4.55 33.23
C GLY B 256 -9.94 -4.59 33.61
N TYR B 257 -9.57 -5.61 34.37
CA TYR B 257 -8.17 -5.77 34.79
C TYR B 257 -7.74 -7.22 34.70
N ALA B 258 -6.64 -7.47 34.00
CA ALA B 258 -6.15 -8.82 33.90
C ALA B 258 -4.70 -8.78 34.36
N THR B 259 -4.30 -9.75 35.16
CA THR B 259 -2.94 -9.75 35.63
C THR B 259 -2.48 -11.13 35.98
N ASP B 260 -1.18 -11.34 35.79
CA ASP B 260 -0.52 -12.60 36.08
C ASP B 260 0.35 -12.37 37.32
N VAL B 261 0.36 -11.12 37.82
CA VAL B 261 1.17 -10.75 38.98
C VAL B 261 0.41 -9.91 40.01
N PHE B 262 0.82 -10.02 41.28
CA PHE B 262 0.14 -9.30 42.36
C PHE B 262 1.18 -8.77 43.35
N GLU B 263 0.82 -7.74 44.11
CA GLU B 263 1.76 -7.15 45.07
C GLU B 263 2.17 -8.11 46.19
N LYS B 264 1.33 -9.11 46.45
CA LYS B 264 1.61 -10.12 47.48
C LYS B 264 1.35 -11.51 46.95
N GLU B 265 2.41 -12.18 46.49
CA GLU B 265 2.28 -13.52 45.95
C GLU B 265 2.86 -14.54 46.93
N PRO B 266 2.24 -15.74 47.02
CA PRO B 266 1.06 -16.14 46.25
C PRO B 266 -0.23 -15.55 46.82
N VAL B 267 -1.28 -15.55 46.01
CA VAL B 267 -2.58 -15.02 46.43
C VAL B 267 -3.58 -16.16 46.58
N ARG B 268 -4.02 -16.39 47.81
CA ARG B 268 -5.00 -17.45 48.09
C ARG B 268 -6.39 -16.87 48.29
N GLU B 269 -6.43 -15.57 48.58
CA GLU B 269 -7.68 -14.86 48.81
C GLU B 269 -7.54 -13.46 48.23
N HIS B 270 -8.64 -12.91 47.71
CA HIS B 270 -8.58 -11.57 47.11
C HIS B 270 -9.97 -11.07 46.75
N GLU B 271 -10.17 -9.77 46.87
CA GLU B 271 -11.46 -9.16 46.54
C GLU B 271 -11.83 -9.35 45.07
N LEU B 272 -10.82 -9.40 44.19
CA LEU B 272 -11.09 -9.56 42.77
C LEU B 272 -11.56 -10.95 42.34
N PHE B 273 -11.41 -11.94 43.21
CA PHE B 273 -11.84 -13.29 42.88
C PHE B 273 -13.31 -13.38 42.46
N LYS B 274 -14.16 -12.55 43.07
CA LYS B 274 -15.59 -12.57 42.74
C LYS B 274 -15.92 -11.88 41.42
N TYR B 275 -14.98 -11.11 40.87
CA TYR B 275 -15.22 -10.40 39.62
C TYR B 275 -14.79 -11.19 38.40
N GLU B 276 -15.48 -12.29 38.16
CA GLU B 276 -15.18 -13.19 37.06
C GLU B 276 -15.29 -12.55 35.67
N TRP B 277 -16.26 -11.66 35.50
CA TRP B 277 -16.45 -11.01 34.21
C TRP B 277 -15.45 -9.89 33.94
N GLU B 278 -15.22 -9.06 34.95
CA GLU B 278 -14.33 -7.90 34.85
C GLU B 278 -12.83 -8.13 34.94
N THR B 279 -12.41 -9.33 35.30
CA THR B 279 -10.98 -9.62 35.44
C THR B 279 -10.55 -10.98 34.93
N VAL B 280 -9.24 -11.10 34.70
CA VAL B 280 -8.63 -12.37 34.30
C VAL B 280 -7.41 -12.44 35.22
N LEU B 281 -7.35 -13.50 36.02
CA LEU B 281 -6.26 -13.65 36.98
C LEU B 281 -5.51 -14.97 36.81
N THR B 282 -4.19 -14.87 36.72
CA THR B 282 -3.38 -16.07 36.59
C THR B 282 -2.28 -16.05 37.65
N PRO B 283 -1.94 -17.23 38.20
CA PRO B 283 -0.91 -17.41 39.24
C PRO B 283 0.54 -17.24 38.82
N HIS B 284 0.86 -16.07 38.29
CA HIS B 284 2.21 -15.76 37.86
C HIS B 284 2.91 -16.92 37.15
N TYR B 285 2.40 -17.32 35.98
CA TYR B 285 3.02 -18.40 35.23
C TYR B 285 3.07 -18.07 33.74
N ALA B 286 3.22 -16.78 33.43
CA ALA B 286 3.27 -16.31 32.06
C ALA B 286 4.48 -16.86 31.30
N GLY B 287 5.56 -17.16 32.00
CA GLY B 287 6.72 -17.70 31.32
C GLY B 287 6.82 -19.21 31.36
N LEU B 288 5.79 -19.86 31.91
CA LEU B 288 5.77 -21.31 32.04
C LEU B 288 5.28 -22.09 30.81
N ALA B 289 6.25 -22.64 30.08
CA ALA B 289 5.99 -23.41 28.89
C ALA B 289 7.27 -24.22 28.66
N LEU B 290 7.11 -25.48 28.29
CA LEU B 290 8.21 -26.40 28.05
C LEU B 290 9.41 -25.85 27.31
N GLU B 291 9.22 -25.53 26.04
CA GLU B 291 10.30 -25.02 25.21
C GLU B 291 10.99 -23.80 25.81
N ALA B 292 10.18 -22.85 26.28
CA ALA B 292 10.69 -21.63 26.87
C ALA B 292 11.60 -21.89 28.07
N GLN B 293 11.10 -22.65 29.04
CA GLN B 293 11.86 -22.94 30.25
C GLN B 293 13.16 -23.71 30.01
N GLU B 294 13.18 -24.59 29.02
CA GLU B 294 14.40 -25.31 28.75
C GLU B 294 15.41 -24.29 28.22
N ASP B 295 14.90 -23.31 27.47
CA ASP B 295 15.78 -22.29 26.94
C ASP B 295 16.29 -21.40 28.09
N VAL B 296 15.41 -21.08 29.04
CA VAL B 296 15.83 -20.25 30.17
C VAL B 296 17.05 -20.78 30.90
N GLY B 297 17.05 -22.08 31.22
CA GLY B 297 18.19 -22.66 31.91
C GLY B 297 19.49 -22.54 31.15
N PHE B 298 19.47 -22.83 29.85
CA PHE B 298 20.69 -22.74 29.05
C PHE B 298 21.14 -21.28 28.94
N ARG B 299 20.16 -20.38 28.79
CA ARG B 299 20.43 -18.95 28.65
C ARG B 299 21.07 -18.38 29.92
N ALA B 300 20.54 -18.75 31.08
CA ALA B 300 21.06 -18.27 32.34
C ALA B 300 22.49 -18.77 32.56
N VAL B 301 22.72 -20.04 32.20
CA VAL B 301 24.04 -20.64 32.33
C VAL B 301 25.03 -19.95 31.39
N GLU B 302 24.58 -19.74 30.15
CA GLU B 302 25.39 -19.12 29.13
C GLU B 302 25.70 -17.64 29.36
N ASN B 303 24.75 -16.92 29.95
CA ASN B 303 24.98 -15.51 30.25
C ASN B 303 26.08 -15.40 31.30
N LEU B 304 26.12 -16.35 32.22
CA LEU B 304 27.11 -16.37 33.29
C LEU B 304 28.48 -16.76 32.74
N LEU B 305 28.50 -17.81 31.92
CA LEU B 305 29.76 -18.28 31.35
C LEU B 305 30.36 -17.24 30.40
N LYS B 306 29.51 -16.54 29.65
CA LYS B 306 30.01 -15.52 28.74
C LYS B 306 30.79 -14.46 29.50
N VAL B 307 30.26 -13.99 30.63
CA VAL B 307 30.97 -12.98 31.40
C VAL B 307 32.33 -13.50 31.83
N LEU B 308 32.35 -14.70 32.39
CA LEU B 308 33.57 -15.30 32.85
C LEU B 308 34.55 -15.63 31.73
N ARG B 309 34.08 -15.62 30.48
CA ARG B 309 34.96 -15.88 29.35
C ARG B 309 35.40 -14.51 28.83
N GLY B 310 35.02 -13.48 29.57
CA GLY B 310 35.37 -12.12 29.22
C GLY B 310 34.60 -11.52 28.07
N GLU B 311 33.36 -11.97 27.88
CA GLU B 311 32.53 -11.44 26.80
C GLU B 311 31.31 -10.72 27.40
N VAL B 312 30.98 -9.56 26.84
CA VAL B 312 29.84 -8.78 27.30
C VAL B 312 28.53 -9.34 26.75
N PRO B 313 27.71 -9.96 27.63
CA PRO B 313 26.44 -10.53 27.21
C PRO B 313 25.42 -9.46 26.80
N GLU B 314 24.70 -9.71 25.72
CA GLU B 314 23.71 -8.72 25.29
C GLU B 314 22.66 -8.51 26.37
N ASP B 315 22.44 -9.54 27.20
CA ASP B 315 21.45 -9.48 28.28
C ASP B 315 21.98 -8.76 29.52
N LEU B 316 23.15 -8.12 29.42
CA LEU B 316 23.70 -7.40 30.55
C LEU B 316 22.68 -6.34 30.96
N VAL B 317 22.30 -6.34 32.23
CA VAL B 317 21.32 -5.40 32.76
C VAL B 317 21.91 -4.08 33.24
N ASN B 318 23.02 -4.13 33.96
CA ASN B 318 23.65 -2.91 34.47
C ASN B 318 24.90 -2.54 33.68
N LYS B 319 24.69 -1.88 32.55
CA LYS B 319 25.79 -1.48 31.67
C LYS B 319 26.81 -0.58 32.34
N GLU B 320 26.38 0.18 33.34
CA GLU B 320 27.27 1.09 34.06
C GLU B 320 28.49 0.38 34.64
N VAL B 321 28.35 -0.92 34.92
CA VAL B 321 29.43 -1.70 35.51
C VAL B 321 30.71 -1.72 34.67
N LEU B 322 30.56 -1.52 33.37
CA LEU B 322 31.71 -1.52 32.46
C LEU B 322 32.73 -0.47 32.86
N GLU B 323 32.26 0.60 33.50
CA GLU B 323 33.14 1.69 33.92
C GLU B 323 33.82 1.40 35.26
N VAL B 324 33.34 0.40 35.97
CA VAL B 324 33.92 0.05 37.26
C VAL B 324 34.90 -1.10 37.14
N ARG B 325 34.49 -2.13 36.42
CA ARG B 325 35.36 -3.27 36.20
C ARG B 325 35.16 -3.76 34.77
N PRO B 326 36.07 -3.36 33.86
CA PRO B 326 36.02 -3.76 32.45
C PRO B 326 35.91 -5.28 32.37
N ILE B 327 35.25 -5.78 31.33
CA ILE B 327 35.05 -7.21 31.17
C ILE B 327 36.32 -8.06 31.22
N GLU B 328 37.45 -7.49 30.80
CA GLU B 328 38.70 -8.24 30.79
C GLU B 328 39.11 -8.67 32.21
N ASN B 329 38.75 -7.85 33.19
CA ASN B 329 39.10 -8.13 34.58
C ASN B 329 38.36 -9.30 35.23
N VAL B 330 37.23 -9.69 34.67
CA VAL B 330 36.49 -10.81 35.25
C VAL B 330 36.65 -12.09 34.44
N LYS B 331 37.46 -12.02 33.38
CA LYS B 331 37.71 -13.19 32.54
C LYS B 331 38.42 -14.27 33.36
N MET B 332 37.82 -15.45 33.40
CA MET B 332 38.36 -16.59 34.12
C MET B 332 38.45 -17.81 33.20
N LEU B 333 37.70 -17.80 32.11
CA LEU B 333 37.69 -18.91 31.18
C LEU B 333 38.40 -18.60 29.87
N MET C 1 -26.78 32.21 -50.33
CA MET C 1 -26.86 30.82 -49.83
C MET C 1 -27.41 29.86 -50.89
N ARG C 2 -26.61 29.52 -51.94
CA ARG C 2 -27.17 28.60 -52.92
C ARG C 2 -27.26 27.17 -52.37
N PRO C 3 -26.10 26.60 -51.98
CA PRO C 3 -26.03 25.25 -51.45
C PRO C 3 -26.83 25.17 -50.15
N LYS C 4 -27.41 24.01 -49.87
CA LYS C 4 -28.17 23.81 -48.65
C LYS C 4 -27.36 22.83 -47.80
N VAL C 5 -27.04 23.25 -46.58
CA VAL C 5 -26.25 22.44 -45.67
C VAL C 5 -27.05 22.04 -44.44
N GLY C 6 -26.99 20.74 -44.11
CA GLY C 6 -27.70 20.26 -42.93
C GLY C 6 -26.72 20.11 -41.77
N VAL C 7 -26.94 20.87 -40.69
CA VAL C 7 -26.07 20.79 -39.52
C VAL C 7 -26.79 19.86 -38.56
N LEU C 8 -26.23 18.66 -38.40
CA LEU C 8 -26.82 17.63 -37.57
C LEU C 8 -26.38 17.61 -36.11
N LEU C 9 -25.79 18.69 -35.64
CA LEU C 9 -25.34 18.77 -34.25
C LEU C 9 -25.45 20.19 -33.73
N LYS C 10 -25.14 20.37 -32.45
CA LYS C 10 -25.19 21.69 -31.82
C LYS C 10 -23.81 22.33 -31.96
N MET C 11 -23.69 23.27 -32.89
CA MET C 11 -22.42 23.93 -33.14
C MET C 11 -22.31 25.31 -32.50
N LYS C 12 -21.09 25.82 -32.46
CA LYS C 12 -20.82 27.14 -31.91
C LYS C 12 -21.44 28.19 -32.82
N ARG C 13 -22.11 29.15 -32.19
CA ARG C 13 -22.78 30.24 -32.90
C ARG C 13 -21.88 30.85 -33.97
N GLU C 14 -20.69 31.27 -33.57
CA GLU C 14 -19.74 31.89 -34.48
C GLU C 14 -19.49 31.04 -35.72
N ALA C 15 -19.43 29.72 -35.54
CA ALA C 15 -19.20 28.80 -36.63
C ALA C 15 -20.38 28.77 -37.58
N LEU C 16 -21.58 28.67 -37.02
CA LEU C 16 -22.79 28.65 -37.83
C LEU C 16 -22.91 29.92 -38.67
N GLU C 17 -22.61 31.05 -38.04
CA GLU C 17 -22.68 32.33 -38.71
C GLU C 17 -21.81 32.35 -39.95
N GLU C 18 -20.58 31.87 -39.83
CA GLU C 18 -19.67 31.81 -40.97
C GLU C 18 -20.33 30.96 -42.07
N LEU C 19 -20.87 29.81 -41.68
CA LEU C 19 -21.52 28.93 -42.65
C LEU C 19 -22.73 29.60 -43.33
N LYS C 20 -23.55 30.27 -42.52
CA LYS C 20 -24.76 30.92 -43.02
C LYS C 20 -24.55 32.02 -44.06
N LYS C 21 -23.34 32.58 -44.12
CA LYS C 21 -23.05 33.61 -45.10
C LYS C 21 -22.94 33.04 -46.51
N TYR C 22 -22.63 31.75 -46.61
CA TYR C 22 -22.47 31.13 -47.92
C TYR C 22 -23.55 30.13 -48.31
N ALA C 23 -24.27 29.60 -47.32
CA ALA C 23 -25.28 28.62 -47.65
C ALA C 23 -26.52 28.70 -46.79
N ASP C 24 -27.60 28.11 -47.29
CA ASP C 24 -28.82 28.00 -46.57
C ASP C 24 -28.59 26.95 -45.53
N VAL C 25 -28.77 27.26 -44.25
CA VAL C 25 -28.50 26.28 -43.22
C VAL C 25 -29.77 25.76 -42.54
N GLU C 26 -29.81 24.45 -42.33
CA GLU C 26 -30.95 23.82 -41.67
C GLU C 26 -30.38 22.98 -40.53
N ILE C 27 -30.82 23.26 -39.31
CA ILE C 27 -30.35 22.56 -38.14
C ILE C 27 -31.28 21.41 -37.76
N ILE C 28 -30.74 20.20 -37.79
CA ILE C 28 -31.48 18.99 -37.44
C ILE C 28 -30.59 18.25 -36.45
N LEU C 29 -30.82 18.53 -35.17
CA LEU C 29 -30.02 17.96 -34.09
C LEU C 29 -30.09 16.46 -33.82
N TYR C 30 -28.95 15.81 -33.99
CA TYR C 30 -28.80 14.38 -33.72
C TYR C 30 -30.01 13.57 -34.16
N PRO C 31 -30.25 13.54 -35.48
CA PRO C 31 -31.39 12.81 -36.05
C PRO C 31 -31.19 11.30 -35.97
N SER C 32 -32.29 10.56 -35.91
CA SER C 32 -32.21 9.11 -35.87
C SER C 32 -31.97 8.67 -37.30
N GLY C 33 -31.63 7.39 -37.48
CA GLY C 33 -31.41 6.88 -38.82
C GLY C 33 -32.61 7.10 -39.70
N GLU C 34 -33.80 6.87 -39.16
CA GLU C 34 -35.03 7.05 -39.92
C GLU C 34 -35.33 8.51 -40.23
N GLU C 35 -35.11 9.38 -39.24
CA GLU C 35 -35.36 10.81 -39.39
C GLU C 35 -34.42 11.42 -40.44
N LEU C 36 -33.18 10.96 -40.45
CA LEU C 36 -32.17 11.46 -41.39
C LEU C 36 -32.41 10.95 -42.81
N LYS C 37 -32.89 9.71 -42.92
CA LYS C 37 -33.18 9.12 -44.22
C LYS C 37 -34.26 9.90 -44.96
N GLY C 38 -35.18 10.48 -44.20
CA GLY C 38 -36.26 11.23 -44.80
C GLY C 38 -35.97 12.68 -45.15
N VAL C 39 -34.81 13.21 -44.73
CA VAL C 39 -34.47 14.59 -45.01
C VAL C 39 -33.15 14.79 -45.76
N ILE C 40 -32.26 13.81 -45.66
CA ILE C 40 -30.94 13.86 -46.29
C ILE C 40 -30.90 14.29 -47.77
N GLY C 41 -31.87 13.83 -48.56
CA GLY C 41 -31.90 14.16 -49.98
C GLY C 41 -31.89 15.64 -50.36
N ARG C 42 -32.33 16.50 -49.45
CA ARG C 42 -32.36 17.94 -49.74
C ARG C 42 -31.02 18.65 -49.56
N PHE C 43 -30.04 17.96 -49.00
CA PHE C 43 -28.75 18.58 -48.75
C PHE C 43 -27.58 18.36 -49.71
N ASP C 44 -26.93 19.46 -50.04
CA ASP C 44 -25.76 19.47 -50.91
C ASP C 44 -24.58 19.10 -50.03
N GLY C 45 -24.75 19.27 -48.72
CA GLY C 45 -23.69 18.94 -47.78
C GLY C 45 -24.23 18.83 -46.37
N ILE C 46 -23.45 18.21 -45.47
CA ILE C 46 -23.85 18.08 -44.09
C ILE C 46 -22.63 18.16 -43.17
N ILE C 47 -22.85 18.59 -41.94
CA ILE C 47 -21.79 18.64 -40.94
C ILE C 47 -22.34 17.70 -39.88
N VAL C 48 -21.57 16.68 -39.54
CA VAL C 48 -22.03 15.64 -38.62
C VAL C 48 -21.08 15.30 -37.47
N SER C 49 -21.65 15.00 -36.31
CA SER C 49 -20.87 14.63 -35.14
C SER C 49 -20.83 13.11 -35.06
N PRO C 50 -19.85 12.55 -34.31
CA PRO C 50 -19.68 11.10 -34.15
C PRO C 50 -20.93 10.28 -33.84
N THR C 51 -21.85 10.84 -33.06
CA THR C 51 -23.07 10.14 -32.68
C THR C 51 -24.01 9.82 -33.85
N THR C 52 -23.91 10.57 -34.94
CA THR C 52 -24.76 10.33 -36.11
C THR C 52 -24.00 9.43 -37.07
N LYS C 53 -24.65 8.35 -37.50
CA LYS C 53 -24.04 7.40 -38.43
C LYS C 53 -24.55 7.57 -39.85
N ILE C 54 -23.63 7.80 -40.78
CA ILE C 54 -24.02 7.95 -42.18
C ILE C 54 -23.81 6.60 -42.84
N THR C 55 -24.85 5.77 -42.76
CA THR C 55 -24.84 4.42 -43.32
C THR C 55 -25.16 4.37 -44.79
N ARG C 56 -24.94 3.20 -45.40
CA ARG C 56 -25.23 3.02 -46.82
C ARG C 56 -26.70 3.28 -47.06
N GLU C 57 -27.53 2.91 -46.10
CA GLU C 57 -28.98 3.11 -46.23
C GLU C 57 -29.33 4.59 -46.22
N VAL C 58 -28.54 5.39 -45.52
CA VAL C 58 -28.78 6.84 -45.46
C VAL C 58 -28.33 7.46 -46.78
N LEU C 59 -27.20 6.99 -47.29
CA LEU C 59 -26.65 7.51 -48.54
C LEU C 59 -27.49 7.21 -49.78
N GLU C 60 -28.31 6.17 -49.71
CA GLU C 60 -29.18 5.81 -50.82
C GLU C 60 -30.19 6.93 -51.09
N ASN C 61 -30.41 7.76 -50.07
CA ASN C 61 -31.35 8.88 -50.19
C ASN C 61 -30.63 10.22 -50.24
N ALA C 62 -29.31 10.20 -50.41
CA ALA C 62 -28.52 11.43 -50.47
C ALA C 62 -28.47 11.98 -51.89
N GLU C 63 -29.65 12.24 -52.46
CA GLU C 63 -29.82 12.74 -53.82
C GLU C 63 -28.78 13.74 -54.35
N ARG C 64 -28.63 14.85 -53.64
CA ARG C 64 -27.71 15.90 -54.08
C ARG C 64 -26.52 16.14 -53.17
N LEU C 65 -26.22 15.17 -52.29
CA LEU C 65 -25.11 15.31 -51.37
C LEU C 65 -23.77 15.34 -52.10
N LYS C 66 -22.95 16.33 -51.79
CA LYS C 66 -21.67 16.45 -52.43
C LYS C 66 -20.53 16.35 -51.43
N VAL C 67 -20.80 16.82 -50.21
CA VAL C 67 -19.77 16.79 -49.18
C VAL C 67 -20.34 16.44 -47.81
N ILE C 68 -19.53 15.74 -47.04
CA ILE C 68 -19.86 15.36 -45.67
C ILE C 68 -18.66 15.83 -44.84
N SER C 69 -18.92 16.80 -43.98
CA SER C 69 -17.86 17.32 -43.13
C SER C 69 -18.00 16.78 -41.71
N CYS C 70 -17.06 15.96 -41.29
CA CYS C 70 -17.11 15.40 -39.94
C CYS C 70 -16.61 16.43 -38.92
N HIS C 71 -17.44 16.72 -37.93
CA HIS C 71 -17.13 17.66 -36.86
C HIS C 71 -16.43 16.82 -35.79
N SER C 72 -15.27 16.29 -36.14
CA SER C 72 -14.49 15.44 -35.26
C SER C 72 -13.22 15.04 -35.99
N ALA C 73 -12.28 14.45 -35.26
CA ALA C 73 -11.03 14.00 -35.86
C ALA C 73 -11.26 12.68 -36.57
N GLY C 74 -12.23 11.91 -36.09
CA GLY C 74 -12.51 10.61 -36.68
C GLY C 74 -13.62 10.62 -37.71
N TYR C 75 -13.81 9.49 -38.39
CA TYR C 75 -14.84 9.38 -39.41
C TYR C 75 -15.33 7.94 -39.60
N ASP C 76 -15.30 7.15 -38.53
CA ASP C 76 -15.76 5.76 -38.61
C ASP C 76 -17.29 5.70 -38.54
N ASN C 77 -17.91 6.87 -38.43
CA ASN C 77 -19.36 6.95 -38.38
C ASN C 77 -19.88 7.13 -39.81
N ILE C 78 -18.95 7.10 -40.76
CA ILE C 78 -19.30 7.25 -42.18
C ILE C 78 -18.88 6.04 -43.00
N ASP C 79 -19.76 5.60 -43.89
CA ASP C 79 -19.37 4.51 -44.79
C ASP C 79 -18.57 5.09 -45.99
N LEU C 80 -17.23 5.22 -45.84
CA LEU C 80 -16.56 5.99 -46.90
C LEU C 80 -16.66 5.38 -48.30
N GLU C 81 -16.59 4.04 -48.37
CA GLU C 81 -16.57 3.44 -49.72
C GLU C 81 -17.89 3.74 -50.47
N GLU C 82 -18.98 3.74 -49.73
CA GLU C 82 -20.29 4.00 -50.32
C GLU C 82 -20.38 5.48 -50.70
N ALA C 83 -19.73 6.34 -49.91
CA ALA C 83 -19.73 7.76 -50.20
C ALA C 83 -18.88 8.03 -51.45
N THR C 84 -17.79 7.30 -51.57
CA THR C 84 -16.89 7.45 -52.72
C THR C 84 -17.59 7.05 -54.01
N LYS C 85 -18.33 5.94 -53.97
CA LYS C 85 -19.03 5.48 -55.15
C LYS C 85 -19.99 6.54 -55.67
N ARG C 86 -20.64 7.25 -54.74
CA ARG C 86 -21.61 8.28 -55.09
C ARG C 86 -20.97 9.66 -55.31
N GLY C 87 -19.65 9.69 -55.42
CA GLY C 87 -18.96 10.94 -55.65
C GLY C 87 -19.11 11.95 -54.52
N ILE C 88 -19.28 11.45 -53.30
CA ILE C 88 -19.43 12.30 -52.13
C ILE C 88 -18.11 12.51 -51.39
N TYR C 89 -17.72 13.78 -51.26
CA TYR C 89 -16.48 14.13 -50.58
C TYR C 89 -16.64 14.02 -49.07
N VAL C 90 -15.67 13.39 -48.41
CA VAL C 90 -15.74 13.23 -46.97
C VAL C 90 -14.51 13.83 -46.31
N THR C 91 -14.72 14.69 -45.32
CA THR C 91 -13.61 15.34 -44.63
C THR C 91 -13.69 15.23 -43.12
N LYS C 92 -12.55 15.39 -42.46
CA LYS C 92 -12.47 15.35 -41.02
C LYS C 92 -11.68 16.57 -40.58
N VAL C 93 -11.70 16.86 -39.28
CA VAL C 93 -10.98 18.03 -38.78
C VAL C 93 -9.59 17.76 -38.22
N SER C 94 -8.64 18.59 -38.62
CA SER C 94 -7.26 18.54 -38.17
C SER C 94 -7.12 19.78 -37.29
N GLY C 95 -6.28 20.71 -37.71
CA GLY C 95 -6.08 21.95 -36.99
C GLY C 95 -5.61 21.77 -35.56
N LEU C 96 -6.21 22.53 -34.65
CA LEU C 96 -5.84 22.47 -33.24
C LEU C 96 -6.25 21.18 -32.57
N LEU C 97 -7.22 20.47 -33.16
CA LEU C 97 -7.70 19.21 -32.59
C LEU C 97 -6.61 18.15 -32.68
N SER C 98 -5.95 18.08 -33.84
CA SER C 98 -4.87 17.12 -34.06
C SER C 98 -3.73 17.41 -33.10
N GLU C 99 -3.39 18.69 -32.98
CA GLU C 99 -2.31 19.09 -32.09
C GLU C 99 -2.61 18.67 -30.65
N ALA C 100 -3.84 18.92 -30.20
CA ALA C 100 -4.28 18.58 -28.85
C ALA C 100 -4.17 17.07 -28.56
N VAL C 101 -4.62 16.26 -29.51
CA VAL C 101 -4.58 14.81 -29.38
C VAL C 101 -3.13 14.32 -29.38
N ALA C 102 -2.32 14.83 -30.30
CA ALA C 102 -0.92 14.44 -30.38
C ALA C 102 -0.19 14.79 -29.09
N GLU C 103 -0.56 15.93 -28.51
CA GLU C 103 0.01 16.40 -27.25
C GLU C 103 -0.36 15.45 -26.11
N PHE C 104 -1.65 15.18 -26.00
CA PHE C 104 -2.21 14.29 -24.97
C PHE C 104 -1.52 12.92 -25.05
N THR C 105 -1.25 12.48 -26.28
CA THR C 105 -0.61 11.19 -26.50
C THR C 105 0.78 11.12 -25.90
N VAL C 106 1.62 12.14 -26.13
CA VAL C 106 2.96 12.12 -25.54
C VAL C 106 2.81 12.10 -24.02
N GLY C 107 1.74 12.72 -23.54
CA GLY C 107 1.47 12.72 -22.11
C GLY C 107 1.23 11.31 -21.59
N LEU C 108 0.51 10.50 -22.36
CA LEU C 108 0.24 9.13 -21.95
C LEU C 108 1.55 8.33 -21.97
N ILE C 109 2.36 8.58 -22.98
CA ILE C 109 3.64 7.90 -23.12
C ILE C 109 4.56 8.14 -21.93
N ILE C 110 4.82 9.42 -21.62
CA ILE C 110 5.71 9.76 -20.52
C ILE C 110 5.19 9.24 -19.19
N ASN C 111 3.87 9.26 -19.01
CA ASN C 111 3.26 8.74 -17.78
C ASN C 111 3.45 7.23 -17.71
N LEU C 112 3.28 6.56 -18.84
CA LEU C 112 3.43 5.11 -18.91
C LEU C 112 4.87 4.69 -18.60
N MET C 113 5.83 5.49 -19.05
CA MET C 113 7.26 5.17 -18.83
C MET C 113 7.76 5.58 -17.44
N ARG C 114 7.56 6.86 -17.11
CA ARG C 114 8.03 7.43 -15.85
C ARG C 114 7.11 7.30 -14.64
N LYS C 115 5.87 6.85 -14.86
CA LYS C 115 4.91 6.61 -13.78
C LYS C 115 4.49 7.82 -12.96
N ILE C 116 4.52 9.00 -13.56
CA ILE C 116 4.13 10.21 -12.85
C ILE C 116 2.72 10.04 -12.28
N HIS C 117 1.81 9.52 -13.09
CA HIS C 117 0.44 9.30 -12.61
C HIS C 117 0.45 8.42 -11.36
N TYR C 118 1.32 7.41 -11.35
CA TYR C 118 1.42 6.49 -10.21
C TYR C 118 2.04 7.17 -8.99
N ALA C 119 3.13 7.90 -9.21
CA ALA C 119 3.82 8.59 -8.14
C ALA C 119 2.92 9.62 -7.47
N ASP C 120 2.10 10.30 -8.27
CA ASP C 120 1.19 11.31 -7.76
C ASP C 120 0.29 10.68 -6.70
N LYS C 121 -0.27 9.52 -7.03
CA LYS C 121 -1.13 8.79 -6.11
C LYS C 121 -0.28 8.47 -4.88
N PHE C 122 0.86 7.82 -5.14
CA PHE C 122 1.79 7.40 -4.11
C PHE C 122 2.09 8.46 -3.06
N ILE C 123 2.56 9.62 -3.52
CA ILE C 123 2.92 10.70 -2.62
C ILE C 123 1.73 11.26 -1.84
N ARG C 124 0.56 11.32 -2.48
CA ARG C 124 -0.62 11.86 -1.81
C ARG C 124 -1.09 10.91 -0.71
N ARG C 125 -0.69 9.65 -0.80
CA ARG C 125 -1.06 8.65 0.19
C ARG C 125 -0.11 8.65 1.39
N GLY C 126 0.87 9.54 1.36
CA GLY C 126 1.83 9.63 2.44
C GLY C 126 2.88 8.53 2.40
N GLU C 127 2.98 7.85 1.26
CA GLU C 127 3.94 6.75 1.11
C GLU C 127 5.41 7.13 0.85
N TRP C 128 5.70 8.41 0.64
CA TRP C 128 7.07 8.83 0.40
C TRP C 128 7.82 8.80 1.74
N GLU C 129 8.25 7.61 2.14
CA GLU C 129 8.96 7.43 3.40
C GLU C 129 10.40 7.94 3.39
N SER C 130 11.11 7.67 2.31
CA SER C 130 12.50 8.13 2.20
C SER C 130 12.97 8.13 0.75
N HIS C 131 14.14 8.73 0.54
CA HIS C 131 14.74 8.78 -0.79
C HIS C 131 14.98 7.36 -1.24
N ALA C 132 15.55 6.55 -0.34
CA ALA C 132 15.83 5.16 -0.65
C ALA C 132 14.59 4.40 -1.08
N LYS C 133 13.48 4.57 -0.36
CA LYS C 133 12.25 3.87 -0.71
C LYS C 133 11.80 4.15 -2.14
N ILE C 134 12.14 5.32 -2.66
CA ILE C 134 11.75 5.66 -4.01
C ILE C 134 12.75 5.16 -5.04
N TRP C 135 14.00 5.60 -4.93
CA TRP C 135 15.03 5.22 -5.89
C TRP C 135 15.37 3.73 -5.92
N THR C 136 15.20 3.06 -4.79
CA THR C 136 15.46 1.63 -4.75
C THR C 136 14.10 0.93 -4.84
N GLY C 137 13.16 1.41 -4.03
CA GLY C 137 11.83 0.83 -4.01
C GLY C 137 11.15 0.70 -5.35
N PHE C 138 11.15 1.77 -6.14
CA PHE C 138 10.51 1.73 -7.45
C PHE C 138 11.05 0.64 -8.37
N LYS C 139 10.10 -0.07 -8.98
CA LYS C 139 10.33 -1.20 -9.90
C LYS C 139 10.89 -0.86 -11.32
N ARG C 140 12.11 -0.26 -11.37
CA ARG C 140 12.94 -0.18 -12.61
C ARG C 140 12.35 0.67 -13.77
N ILE C 141 12.47 2.02 -13.63
CA ILE C 141 11.87 2.93 -14.64
C ILE C 141 12.76 3.13 -15.89
N GLU C 142 12.14 3.16 -17.07
CA GLU C 142 12.88 3.40 -18.30
C GLU C 142 12.54 4.77 -18.89
N SER C 143 13.51 5.34 -19.62
CA SER C 143 13.18 6.61 -20.25
C SER C 143 12.95 6.44 -21.75
N LEU C 144 12.38 7.50 -22.31
CA LEU C 144 12.01 7.51 -23.72
C LEU C 144 13.25 7.76 -24.59
N TYR C 145 14.28 8.35 -23.99
CA TYR C 145 15.50 8.66 -24.70
C TYR C 145 16.19 7.39 -25.19
N GLY C 146 16.53 7.35 -26.47
CA GLY C 146 17.20 6.19 -27.03
C GLY C 146 16.29 5.06 -27.46
N LYS C 147 15.03 5.10 -27.03
CA LYS C 147 14.09 4.04 -27.39
C LYS C 147 13.61 4.17 -28.84
N LYS C 148 13.11 3.06 -29.38
CA LYS C 148 12.60 3.04 -30.75
C LYS C 148 11.09 3.01 -30.63
N VAL C 149 10.44 4.03 -31.17
CA VAL C 149 8.99 4.12 -31.11
C VAL C 149 8.42 3.84 -32.49
N GLY C 150 7.43 2.95 -32.54
CA GLY C 150 6.80 2.62 -33.80
C GLY C 150 5.37 3.14 -33.80
N ILE C 151 5.05 3.96 -34.80
CA ILE C 151 3.70 4.51 -34.89
C ILE C 151 2.91 3.86 -36.02
N LEU C 152 1.74 3.33 -35.68
CA LEU C 152 0.84 2.71 -36.67
C LEU C 152 -0.22 3.75 -37.02
N GLY C 153 -0.10 4.30 -38.22
CA GLY C 153 -1.03 5.32 -38.67
C GLY C 153 -0.31 6.66 -38.73
N MET C 154 -0.08 7.17 -39.93
CA MET C 154 0.61 8.44 -40.09
C MET C 154 -0.30 9.52 -40.67
N GLY C 155 -1.44 9.73 -40.01
CA GLY C 155 -2.36 10.76 -40.46
C GLY C 155 -1.89 12.06 -39.81
N ALA C 156 -2.77 13.06 -39.76
CA ALA C 156 -2.41 14.34 -39.17
C ALA C 156 -1.97 14.15 -37.72
N ILE C 157 -2.67 13.27 -37.00
CA ILE C 157 -2.34 13.02 -35.61
C ILE C 157 -1.01 12.29 -35.47
N GLY C 158 -0.82 11.24 -36.26
CA GLY C 158 0.42 10.47 -36.21
C GLY C 158 1.67 11.29 -36.47
N LYS C 159 1.59 12.20 -37.43
CA LYS C 159 2.72 13.07 -37.79
C LYS C 159 3.00 14.07 -36.66
N ALA C 160 1.93 14.54 -36.04
CA ALA C 160 2.05 15.50 -34.94
C ALA C 160 2.74 14.83 -33.75
N ILE C 161 2.44 13.55 -33.53
CA ILE C 161 3.08 12.80 -32.46
C ILE C 161 4.56 12.61 -32.80
N ALA C 162 4.84 12.24 -34.05
CA ALA C 162 6.21 12.00 -34.50
C ALA C 162 7.11 13.22 -34.33
N ARG C 163 6.59 14.39 -34.70
CA ARG C 163 7.36 15.63 -34.58
C ARG C 163 7.66 15.97 -33.13
N ARG C 164 6.75 15.62 -32.23
CA ARG C 164 6.94 15.89 -30.80
C ARG C 164 7.94 14.95 -30.14
N LEU C 165 8.02 13.72 -30.61
CA LEU C 165 8.92 12.72 -30.04
C LEU C 165 10.40 12.87 -30.39
N ILE C 166 10.69 13.40 -31.59
CA ILE C 166 12.07 13.57 -32.03
C ILE C 166 13.03 14.15 -30.98
N PRO C 167 12.74 15.35 -30.45
CA PRO C 167 13.64 15.93 -29.45
C PRO C 167 13.73 15.13 -28.14
N PHE C 168 12.97 14.04 -28.05
CA PHE C 168 13.01 13.21 -26.86
C PHE C 168 14.07 12.12 -27.01
N GLY C 169 14.73 12.11 -28.17
CA GLY C 169 15.79 11.15 -28.41
C GLY C 169 15.36 9.76 -28.83
N VAL C 170 14.24 9.67 -29.54
CA VAL C 170 13.73 8.37 -29.97
C VAL C 170 14.03 8.12 -31.44
N LYS C 171 13.99 6.85 -31.84
CA LYS C 171 14.22 6.46 -33.23
C LYS C 171 12.81 6.12 -33.69
N LEU C 172 12.36 6.73 -34.78
CA LEU C 172 11.01 6.50 -35.26
C LEU C 172 10.81 5.46 -36.37
N TYR C 173 9.84 4.58 -36.14
CA TYR C 173 9.46 3.56 -37.12
C TYR C 173 7.96 3.78 -37.34
N TYR C 174 7.48 3.57 -38.56
CA TYR C 174 6.07 3.78 -38.82
C TYR C 174 5.49 2.94 -39.95
N TRP C 175 4.18 2.68 -39.86
CA TRP C 175 3.48 1.93 -40.89
C TRP C 175 2.25 2.75 -41.27
N SER C 176 2.04 2.91 -42.57
CA SER C 176 0.90 3.66 -43.06
C SER C 176 0.30 2.96 -44.27
N ARG C 177 -1.01 2.93 -44.33
CA ARG C 177 -1.79 2.43 -45.44
C ARG C 177 -1.21 2.98 -46.72
N HIS C 178 -1.12 4.31 -46.65
CA HIS C 178 -0.63 5.12 -47.75
C HIS C 178 0.70 5.72 -47.30
N ARG C 179 1.78 4.98 -47.52
CA ARG C 179 3.12 5.43 -47.14
C ARG C 179 3.42 6.87 -47.54
N LYS C 180 4.00 7.63 -46.61
CA LYS C 180 4.37 9.02 -46.86
C LYS C 180 5.88 9.14 -47.01
N VAL C 181 6.34 9.47 -48.21
CA VAL C 181 7.76 9.61 -48.47
C VAL C 181 8.29 10.99 -48.09
N ASN C 182 7.42 12.00 -48.20
CA ASN C 182 7.79 13.37 -47.87
C ASN C 182 7.58 13.65 -46.39
N VAL C 183 8.02 12.71 -45.56
CA VAL C 183 7.92 12.83 -44.11
C VAL C 183 9.07 12.00 -43.54
N GLU C 184 9.34 10.88 -44.19
CA GLU C 184 10.40 9.98 -43.77
C GLU C 184 11.72 10.76 -43.80
N LYS C 185 11.77 11.78 -44.65
CA LYS C 185 12.96 12.61 -44.77
C LYS C 185 12.96 13.68 -43.68
N GLU C 186 11.79 14.24 -43.41
CA GLU C 186 11.67 15.28 -42.39
C GLU C 186 11.86 14.76 -40.97
N LEU C 187 11.26 13.61 -40.68
CA LEU C 187 11.34 13.02 -39.36
C LEU C 187 12.38 11.91 -39.21
N LYS C 188 12.85 11.40 -40.35
CA LYS C 188 13.83 10.32 -40.37
C LYS C 188 13.16 9.04 -39.86
N ALA C 189 11.86 8.93 -40.11
CA ALA C 189 11.10 7.76 -39.70
C ALA C 189 11.27 6.70 -40.78
N ARG C 190 11.43 5.45 -40.37
CA ARG C 190 11.61 4.36 -41.33
C ARG C 190 10.37 3.48 -41.47
N TYR C 191 9.84 3.40 -42.69
CA TYR C 191 8.66 2.60 -42.96
C TYR C 191 8.94 1.12 -42.75
N MET C 192 7.96 0.40 -42.21
CA MET C 192 8.10 -1.04 -41.93
C MET C 192 6.77 -1.74 -42.05
N ASP C 193 6.78 -3.06 -41.87
CA ASP C 193 5.57 -3.86 -41.93
C ASP C 193 5.03 -3.94 -40.49
N ILE C 194 3.69 -3.98 -40.43
CA ILE C 194 3.08 -4.00 -39.11
C ILE C 194 3.73 -5.02 -38.18
N ASP C 195 3.97 -6.20 -38.72
CA ASP C 195 4.61 -7.27 -37.96
C ASP C 195 6.06 -6.92 -37.68
N GLU C 196 6.75 -6.45 -38.71
CA GLU C 196 8.14 -6.07 -38.58
C GLU C 196 8.30 -5.00 -37.50
N LEU C 197 7.47 -3.96 -37.59
CA LEU C 197 7.49 -2.84 -36.65
C LEU C 197 7.28 -3.28 -35.20
N LEU C 198 6.30 -4.13 -34.96
CA LEU C 198 6.01 -4.61 -33.62
C LEU C 198 7.19 -5.38 -33.02
N GLU C 199 8.01 -5.97 -33.88
CA GLU C 199 9.17 -6.73 -33.44
C GLU C 199 10.32 -5.81 -33.08
N LYS C 200 10.59 -4.86 -33.96
CA LYS C 200 11.69 -3.90 -33.80
C LYS C 200 11.45 -2.71 -32.85
N SER C 201 10.20 -2.43 -32.53
CA SER C 201 9.87 -1.30 -31.67
C SER C 201 9.85 -1.61 -30.17
N ASP C 202 10.24 -0.63 -29.36
CA ASP C 202 10.24 -0.80 -27.91
C ASP C 202 8.89 -0.31 -27.40
N ILE C 203 8.32 0.63 -28.15
CA ILE C 203 7.04 1.26 -27.84
C ILE C 203 6.22 1.34 -29.12
N VAL C 204 4.95 0.96 -29.07
CA VAL C 204 4.08 1.02 -30.24
C VAL C 204 2.91 1.96 -29.98
N ILE C 205 2.66 2.88 -30.90
CA ILE C 205 1.57 3.84 -30.75
C ILE C 205 0.46 3.58 -31.77
N LEU C 206 -0.78 3.54 -31.29
CA LEU C 206 -1.94 3.31 -32.15
C LEU C 206 -2.66 4.59 -32.50
N ALA C 207 -2.49 5.04 -33.74
CA ALA C 207 -3.13 6.26 -34.22
C ALA C 207 -3.85 5.94 -35.54
N LEU C 208 -4.49 4.77 -35.59
CA LEU C 208 -5.21 4.34 -36.78
C LEU C 208 -6.71 4.56 -36.72
N PRO C 209 -7.34 4.78 -37.88
CA PRO C 209 -8.78 4.99 -37.90
C PRO C 209 -9.45 3.61 -37.85
N LEU C 210 -10.50 3.47 -37.05
CA LEU C 210 -11.19 2.18 -36.95
C LEU C 210 -11.97 1.84 -38.22
N THR C 211 -11.59 0.71 -38.84
CA THR C 211 -12.24 0.24 -40.05
C THR C 211 -12.24 -1.28 -40.01
N ARG C 212 -12.80 -1.92 -41.05
CA ARG C 212 -12.86 -3.37 -41.10
C ARG C 212 -11.45 -3.94 -41.11
N ASP C 213 -10.54 -3.26 -41.81
CA ASP C 213 -9.16 -3.69 -41.94
C ASP C 213 -8.28 -3.43 -40.70
N THR C 214 -8.70 -2.52 -39.84
CA THR C 214 -7.92 -2.21 -38.65
C THR C 214 -8.55 -2.80 -37.39
N TYR C 215 -9.74 -3.39 -37.53
CA TYR C 215 -10.41 -4.00 -36.39
C TYR C 215 -9.46 -5.03 -35.77
N HIS C 216 -9.14 -4.85 -34.50
CA HIS C 216 -8.24 -5.76 -33.80
C HIS C 216 -6.97 -6.00 -34.60
N ILE C 217 -6.45 -4.95 -35.22
CA ILE C 217 -5.23 -5.06 -36.00
C ILE C 217 -4.13 -5.59 -35.09
N ILE C 218 -4.33 -5.40 -33.78
CA ILE C 218 -3.40 -5.87 -32.78
C ILE C 218 -4.08 -7.02 -32.04
N ASN C 219 -4.31 -8.10 -32.77
CA ASN C 219 -4.97 -9.29 -32.24
C ASN C 219 -4.13 -9.95 -31.14
N GLU C 220 -4.69 -10.98 -30.51
CA GLU C 220 -3.99 -11.68 -29.44
C GLU C 220 -2.60 -12.15 -29.91
N GLU C 221 -2.51 -12.55 -31.17
CA GLU C 221 -1.25 -13.03 -31.72
C GLU C 221 -0.17 -11.97 -31.59
N ARG C 222 -0.33 -10.88 -32.34
CA ARG C 222 0.64 -9.79 -32.30
C ARG C 222 0.90 -9.30 -30.87
N VAL C 223 -0.03 -9.54 -29.96
CA VAL C 223 0.14 -9.13 -28.57
C VAL C 223 1.32 -9.88 -27.94
N LYS C 224 1.53 -11.13 -28.37
CA LYS C 224 2.64 -11.92 -27.86
C LYS C 224 3.93 -11.30 -28.38
N LYS C 225 3.86 -10.71 -29.57
CA LYS C 225 5.01 -10.07 -30.19
C LYS C 225 5.43 -8.86 -29.38
N LEU C 226 4.49 -8.30 -28.60
CA LEU C 226 4.76 -7.13 -27.79
C LEU C 226 5.27 -7.46 -26.40
N GLU C 227 5.58 -8.73 -26.17
CA GLU C 227 6.08 -9.15 -24.86
C GLU C 227 7.18 -8.20 -24.40
N GLY C 228 7.05 -7.72 -23.17
CA GLY C 228 8.03 -6.80 -22.61
C GLY C 228 8.10 -5.48 -23.34
N LYS C 229 6.97 -5.01 -23.86
CA LYS C 229 6.94 -3.75 -24.58
C LYS C 229 5.82 -2.83 -24.15
N TYR C 230 5.82 -1.63 -24.73
CA TYR C 230 4.82 -0.61 -24.41
C TYR C 230 3.83 -0.41 -25.56
N LEU C 231 2.55 -0.32 -25.19
CA LEU C 231 1.48 -0.13 -26.16
C LEU C 231 0.64 1.07 -25.74
N VAL C 232 0.45 2.01 -26.66
CA VAL C 232 -0.32 3.22 -26.41
C VAL C 232 -1.44 3.32 -27.44
N ASN C 233 -2.67 3.47 -26.97
CA ASN C 233 -3.83 3.55 -27.88
C ASN C 233 -4.57 4.87 -27.82
N ILE C 234 -4.59 5.60 -28.92
CA ILE C 234 -5.33 6.87 -28.95
C ILE C 234 -6.32 6.85 -30.12
N GLY C 235 -6.47 5.69 -30.75
CA GLY C 235 -7.39 5.56 -31.86
C GLY C 235 -8.76 5.12 -31.38
N ARG C 236 -8.96 3.81 -31.40
CA ARG C 236 -10.23 3.21 -30.96
C ARG C 236 -9.93 1.93 -30.20
N GLY C 237 -10.70 1.69 -29.15
CA GLY C 237 -10.50 0.49 -28.37
C GLY C 237 -10.51 -0.75 -29.25
N ALA C 238 -11.32 -0.74 -30.30
CA ALA C 238 -11.43 -1.87 -31.22
C ALA C 238 -10.26 -2.04 -32.16
N LEU C 239 -9.17 -1.32 -31.91
CA LEU C 239 -8.00 -1.45 -32.76
C LEU C 239 -7.20 -2.64 -32.25
N VAL C 240 -7.51 -3.06 -31.04
CA VAL C 240 -6.81 -4.18 -30.42
C VAL C 240 -7.77 -5.11 -29.71
N ASP C 241 -7.29 -6.33 -29.44
CA ASP C 241 -8.08 -7.33 -28.72
C ASP C 241 -7.92 -6.91 -27.25
N GLU C 242 -8.81 -6.04 -26.78
CA GLU C 242 -8.71 -5.57 -25.40
C GLU C 242 -8.62 -6.69 -24.37
N LYS C 243 -9.30 -7.81 -24.62
CA LYS C 243 -9.26 -8.94 -23.71
C LYS C 243 -7.85 -9.51 -23.66
N ALA C 244 -7.26 -9.73 -24.84
CA ALA C 244 -5.91 -10.26 -24.93
C ALA C 244 -4.94 -9.32 -24.23
N VAL C 245 -4.96 -8.05 -24.62
CA VAL C 245 -4.09 -7.05 -24.03
C VAL C 245 -4.14 -7.10 -22.51
N THR C 246 -5.35 -7.12 -21.96
CA THR C 246 -5.53 -7.15 -20.51
C THR C 246 -4.87 -8.39 -19.89
N GLU C 247 -4.99 -9.51 -20.59
CA GLU C 247 -4.41 -10.77 -20.13
C GLU C 247 -2.90 -10.66 -20.11
N ALA C 248 -2.34 -9.99 -21.13
CA ALA C 248 -0.90 -9.81 -21.23
C ALA C 248 -0.38 -8.99 -20.05
N ILE C 249 -1.13 -7.96 -19.67
CA ILE C 249 -0.75 -7.11 -18.55
C ILE C 249 -0.76 -7.90 -17.24
N LYS C 250 -1.81 -8.68 -17.04
CA LYS C 250 -1.96 -9.52 -15.86
C LYS C 250 -0.89 -10.60 -15.80
N GLN C 251 -0.57 -11.13 -16.98
CA GLN C 251 0.41 -12.21 -17.11
C GLN C 251 1.83 -11.65 -17.14
N GLY C 252 1.96 -10.35 -16.90
CA GLY C 252 3.26 -9.72 -16.89
C GLY C 252 4.02 -9.82 -18.20
N LYS C 253 3.31 -10.09 -19.29
CA LYS C 253 3.95 -10.20 -20.60
C LYS C 253 4.15 -8.83 -21.23
N LEU C 254 3.09 -8.03 -21.28
CA LEU C 254 3.18 -6.69 -21.84
C LEU C 254 3.66 -5.77 -20.71
N LYS C 255 4.69 -4.98 -20.97
CA LYS C 255 5.23 -4.08 -19.96
C LYS C 255 4.27 -2.97 -19.56
N GLY C 256 3.46 -2.51 -20.51
CA GLY C 256 2.54 -1.45 -20.17
C GLY C 256 1.54 -1.17 -21.27
N TYR C 257 0.40 -0.64 -20.85
CA TYR C 257 -0.66 -0.30 -21.77
C TYR C 257 -1.29 1.00 -21.30
N ALA C 258 -1.24 2.01 -22.15
CA ALA C 258 -1.84 3.30 -21.87
C ALA C 258 -2.91 3.47 -22.93
N THR C 259 -4.08 3.96 -22.55
CA THR C 259 -5.13 4.15 -23.53
C THR C 259 -6.16 5.18 -23.08
N ASP C 260 -6.74 5.87 -24.06
CA ASP C 260 -7.75 6.89 -23.80
C ASP C 260 -9.06 6.31 -24.32
N VAL C 261 -8.96 5.17 -25.00
CA VAL C 261 -10.12 4.50 -25.59
C VAL C 261 -10.25 3.01 -25.23
N PHE C 262 -11.49 2.54 -25.15
CA PHE C 262 -11.81 1.14 -24.81
C PHE C 262 -12.88 0.59 -25.75
N GLU C 263 -12.98 -0.74 -25.86
CA GLU C 263 -13.98 -1.34 -26.74
C GLU C 263 -15.42 -1.06 -26.33
N LYS C 264 -15.66 -0.81 -25.05
CA LYS C 264 -17.00 -0.52 -24.55
C LYS C 264 -16.95 0.67 -23.61
N GLU C 265 -17.35 1.84 -24.09
CA GLU C 265 -17.33 3.05 -23.27
C GLU C 265 -18.74 3.50 -22.93
N PRO C 266 -18.93 4.10 -21.75
CA PRO C 266 -17.91 4.38 -20.74
C PRO C 266 -17.52 3.13 -19.94
N VAL C 267 -16.45 3.23 -19.17
CA VAL C 267 -15.96 2.13 -18.36
C VAL C 267 -16.09 2.43 -16.86
N ARG C 268 -16.97 1.68 -16.19
CA ARG C 268 -17.20 1.84 -14.76
C ARG C 268 -16.32 0.83 -14.04
N GLU C 269 -16.19 -0.34 -14.64
CA GLU C 269 -15.38 -1.42 -14.08
C GLU C 269 -14.50 -1.98 -15.17
N HIS C 270 -13.35 -2.51 -14.77
CA HIS C 270 -12.40 -3.10 -15.70
C HIS C 270 -11.27 -3.70 -14.88
N GLU C 271 -10.68 -4.78 -15.40
CA GLU C 271 -9.67 -5.42 -14.56
C GLU C 271 -8.33 -4.63 -14.55
N LEU C 272 -8.08 -3.78 -15.54
CA LEU C 272 -6.87 -2.96 -15.53
C LEU C 272 -6.85 -1.93 -14.41
N PHE C 273 -8.02 -1.59 -13.88
CA PHE C 273 -8.10 -0.60 -12.81
C PHE C 273 -7.18 -0.88 -11.61
N LYS C 274 -6.79 -2.13 -11.43
CA LYS C 274 -5.92 -2.50 -10.30
C LYS C 274 -4.43 -2.37 -10.62
N TYR C 275 -4.09 -2.32 -11.91
CA TYR C 275 -2.70 -2.21 -12.36
C TYR C 275 -2.30 -0.75 -12.55
N GLU C 276 -2.22 -0.01 -11.44
CA GLU C 276 -1.88 1.41 -11.48
C GLU C 276 -0.50 1.68 -12.05
N TRP C 277 0.42 0.74 -11.85
CA TRP C 277 1.80 0.92 -12.32
C TRP C 277 1.97 0.57 -13.80
N GLU C 278 1.34 -0.52 -14.22
CA GLU C 278 1.45 -1.00 -15.60
C GLU C 278 0.61 -0.26 -16.64
N THR C 279 -0.38 0.52 -16.19
CA THR C 279 -1.23 1.21 -17.15
C THR C 279 -1.51 2.68 -16.86
N VAL C 280 -1.98 3.36 -17.89
CA VAL C 280 -2.37 4.76 -17.82
C VAL C 280 -3.73 4.72 -18.50
N LEU C 281 -4.78 5.04 -17.75
CA LEU C 281 -6.13 5.00 -18.30
C LEU C 281 -6.87 6.33 -18.23
N THR C 282 -7.37 6.79 -19.38
CA THR C 282 -8.13 8.05 -19.45
C THR C 282 -9.48 7.83 -20.14
N PRO C 283 -10.53 8.53 -19.68
CA PRO C 283 -11.89 8.43 -20.22
C PRO C 283 -12.23 9.16 -21.53
N HIS C 284 -11.57 8.74 -22.60
CA HIS C 284 -11.77 9.28 -23.93
C HIS C 284 -11.93 10.81 -24.00
N TYR C 285 -10.89 11.55 -23.63
CA TYR C 285 -10.95 13.00 -23.71
C TYR C 285 -9.67 13.61 -24.29
N ALA C 286 -8.96 12.81 -25.08
CA ALA C 286 -7.72 13.23 -25.72
C ALA C 286 -7.87 14.52 -26.52
N GLY C 287 -9.07 14.77 -27.05
CA GLY C 287 -9.29 15.97 -27.84
C GLY C 287 -10.02 17.06 -27.10
N LEU C 288 -10.17 16.91 -25.78
CA LEU C 288 -10.88 17.90 -24.98
C LEU C 288 -9.97 18.99 -24.42
N ALA C 289 -9.95 20.13 -25.10
CA ALA C 289 -9.15 21.29 -24.72
C ALA C 289 -9.89 22.49 -25.30
N LEU C 290 -9.99 23.56 -24.51
CA LEU C 290 -10.69 24.78 -24.91
C LEU C 290 -10.41 25.27 -26.33
N GLU C 291 -9.14 25.49 -26.64
CA GLU C 291 -8.74 25.97 -27.95
C GLU C 291 -9.16 25.00 -29.04
N ALA C 292 -8.96 23.71 -28.79
CA ALA C 292 -9.31 22.70 -29.76
C ALA C 292 -10.80 22.68 -30.06
N GLN C 293 -11.63 22.61 -29.02
CA GLN C 293 -13.07 22.58 -29.19
C GLN C 293 -13.60 23.83 -29.86
N GLU C 294 -12.89 24.94 -29.71
CA GLU C 294 -13.30 26.19 -30.33
C GLU C 294 -12.98 26.19 -31.83
N ASP C 295 -11.89 25.51 -32.19
CA ASP C 295 -11.42 25.43 -33.57
C ASP C 295 -12.16 24.42 -34.46
N VAL C 296 -12.63 23.33 -33.86
CA VAL C 296 -13.34 22.28 -34.60
C VAL C 296 -14.51 22.80 -35.44
N GLY C 297 -15.36 23.61 -34.83
CA GLY C 297 -16.49 24.16 -35.56
C GLY C 297 -16.09 24.92 -36.82
N PHE C 298 -15.13 25.84 -36.69
CA PHE C 298 -14.67 26.62 -37.84
C PHE C 298 -14.04 25.72 -38.91
N ARG C 299 -13.25 24.75 -38.47
CA ARG C 299 -12.58 23.84 -39.41
C ARG C 299 -13.60 22.99 -40.18
N ALA C 300 -14.60 22.47 -39.47
CA ALA C 300 -15.65 21.66 -40.11
C ALA C 300 -16.38 22.47 -41.18
N VAL C 301 -16.69 23.73 -40.88
CA VAL C 301 -17.38 24.60 -41.82
C VAL C 301 -16.46 24.89 -43.00
N GLU C 302 -15.20 25.23 -42.71
CA GLU C 302 -14.25 25.52 -43.78
C GLU C 302 -13.96 24.31 -44.66
N ASN C 303 -13.94 23.12 -44.09
CA ASN C 303 -13.69 21.93 -44.91
C ASN C 303 -14.85 21.74 -45.87
N LEU C 304 -16.06 22.02 -45.40
CA LEU C 304 -17.25 21.89 -46.23
C LEU C 304 -17.31 22.97 -47.32
N LEU C 305 -16.91 24.18 -46.98
CA LEU C 305 -16.92 25.28 -47.95
C LEU C 305 -15.85 25.07 -49.02
N LYS C 306 -14.67 24.61 -48.59
CA LYS C 306 -13.58 24.37 -49.53
C LYS C 306 -14.04 23.45 -50.66
N VAL C 307 -14.70 22.36 -50.31
CA VAL C 307 -15.19 21.43 -51.31
C VAL C 307 -16.17 22.13 -52.24
N LEU C 308 -17.16 22.79 -51.65
CA LEU C 308 -18.17 23.50 -52.43
C LEU C 308 -17.60 24.69 -53.22
N ARG C 309 -16.38 25.13 -52.89
CA ARG C 309 -15.75 26.22 -53.63
C ARG C 309 -14.82 25.63 -54.69
N GLY C 310 -14.94 24.32 -54.89
CA GLY C 310 -14.14 23.62 -55.86
C GLY C 310 -12.68 23.48 -55.47
N GLU C 311 -12.41 23.49 -54.17
CA GLU C 311 -11.05 23.36 -53.68
C GLU C 311 -10.89 22.08 -52.89
N VAL C 312 -9.83 21.33 -53.19
CA VAL C 312 -9.56 20.08 -52.52
C VAL C 312 -9.03 20.31 -51.11
N PRO C 313 -9.76 19.85 -50.09
CA PRO C 313 -9.33 20.03 -48.69
C PRO C 313 -8.16 19.11 -48.39
N GLU C 314 -7.19 19.60 -47.63
CA GLU C 314 -6.05 18.75 -47.30
C GLU C 314 -6.55 17.63 -46.40
N ASP C 315 -7.67 17.86 -45.73
CA ASP C 315 -8.23 16.85 -44.83
C ASP C 315 -9.27 15.96 -45.48
N LEU C 316 -9.23 15.88 -46.81
CA LEU C 316 -10.14 15.03 -47.54
C LEU C 316 -9.77 13.60 -47.18
N VAL C 317 -10.76 12.83 -46.75
CA VAL C 317 -10.51 11.43 -46.37
C VAL C 317 -10.42 10.53 -47.59
N ASN C 318 -11.52 10.41 -48.33
CA ASN C 318 -11.55 9.56 -49.52
C ASN C 318 -11.11 10.34 -50.74
N LYS C 319 -9.79 10.43 -50.93
CA LYS C 319 -9.25 11.17 -52.07
C LYS C 319 -9.60 10.53 -53.41
N GLU C 320 -10.05 9.28 -53.37
CA GLU C 320 -10.43 8.58 -54.59
C GLU C 320 -11.54 9.30 -55.35
N VAL C 321 -12.50 9.89 -54.63
CA VAL C 321 -13.60 10.58 -55.29
C VAL C 321 -13.14 11.58 -56.36
N LEU C 322 -11.90 12.07 -56.24
CA LEU C 322 -11.37 13.02 -57.21
C LEU C 322 -11.50 12.43 -58.61
N GLU C 323 -11.29 11.12 -58.72
CA GLU C 323 -11.40 10.43 -60.00
C GLU C 323 -12.85 10.10 -60.32
N VAL C 324 -13.65 9.86 -59.27
CA VAL C 324 -15.07 9.55 -59.45
C VAL C 324 -15.90 10.77 -59.81
N ARG C 325 -15.59 11.90 -59.19
CA ARG C 325 -16.33 13.13 -59.42
C ARG C 325 -15.40 14.33 -59.34
N PRO C 326 -14.94 14.83 -60.50
CA PRO C 326 -14.04 15.99 -60.53
C PRO C 326 -14.61 17.05 -59.61
N ILE C 327 -13.78 17.60 -58.72
CA ILE C 327 -14.27 18.60 -57.77
C ILE C 327 -14.95 19.78 -58.45
N GLU C 328 -14.51 20.11 -59.65
CA GLU C 328 -15.10 21.23 -60.39
C GLU C 328 -16.60 21.03 -60.54
N ASN C 329 -17.03 19.77 -60.49
CA ASN C 329 -18.44 19.43 -60.63
C ASN C 329 -19.28 19.62 -59.37
N VAL C 330 -18.63 19.80 -58.22
CA VAL C 330 -19.38 20.00 -56.98
C VAL C 330 -19.27 21.47 -56.55
N LYS C 331 -18.61 22.27 -57.39
CA LYS C 331 -18.41 23.69 -57.14
C LYS C 331 -19.76 24.42 -57.13
N MET C 332 -20.06 25.09 -56.03
CA MET C 332 -21.30 25.84 -55.88
C MET C 332 -21.03 27.23 -55.30
N LEU C 333 -19.76 27.49 -54.96
CA LEU C 333 -19.34 28.77 -54.39
C LEU C 333 -18.04 29.22 -55.06
N MET D 1 46.87 3.91 -9.58
CA MET D 1 46.23 3.42 -8.32
C MET D 1 46.75 4.25 -7.16
N ARG D 2 47.15 5.48 -7.48
CA ARG D 2 47.69 6.38 -6.49
C ARG D 2 46.59 7.14 -5.73
N PRO D 3 45.71 7.88 -6.43
CA PRO D 3 44.64 8.63 -5.76
C PRO D 3 43.75 7.83 -4.82
N LYS D 4 43.38 8.44 -3.69
CA LYS D 4 42.50 7.83 -2.73
C LYS D 4 41.16 8.52 -2.81
N VAL D 5 40.12 7.76 -3.13
CA VAL D 5 38.80 8.34 -3.29
C VAL D 5 37.79 7.84 -2.29
N GLY D 6 36.99 8.77 -1.77
CA GLY D 6 35.95 8.40 -0.82
C GLY D 6 34.59 8.48 -1.49
N VAL D 7 33.94 7.34 -1.66
CA VAL D 7 32.61 7.31 -2.26
C VAL D 7 31.62 7.40 -1.11
N LEU D 8 30.86 8.49 -1.07
CA LEU D 8 29.93 8.70 0.03
C LEU D 8 28.47 8.41 -0.25
N LEU D 9 28.21 7.56 -1.25
CA LEU D 9 26.85 7.19 -1.62
C LEU D 9 26.85 5.78 -2.20
N LYS D 10 25.66 5.23 -2.39
CA LYS D 10 25.51 3.90 -2.98
C LYS D 10 25.65 4.05 -4.48
N MET D 11 26.75 3.50 -5.03
CA MET D 11 27.00 3.59 -6.46
C MET D 11 26.87 2.22 -7.09
N LYS D 12 26.53 2.19 -8.37
CA LYS D 12 26.37 0.93 -9.08
C LYS D 12 27.74 0.28 -9.22
N ARG D 13 27.77 -1.04 -9.13
CA ARG D 13 29.01 -1.82 -9.21
C ARG D 13 29.90 -1.47 -10.41
N GLU D 14 29.29 -1.30 -11.57
CA GLU D 14 30.04 -0.98 -12.78
C GLU D 14 30.85 0.31 -12.64
N ALA D 15 30.19 1.38 -12.20
CA ALA D 15 30.85 2.67 -12.04
C ALA D 15 31.98 2.55 -11.05
N LEU D 16 31.73 1.77 -9.99
CA LEU D 16 32.71 1.54 -8.94
C LEU D 16 33.93 0.82 -9.50
N GLU D 17 33.70 -0.18 -10.36
CA GLU D 17 34.82 -0.94 -10.95
C GLU D 17 35.63 -0.07 -11.88
N GLU D 18 34.97 0.87 -12.54
CA GLU D 18 35.64 1.78 -13.45
C GLU D 18 36.60 2.65 -12.64
N LEU D 19 36.10 3.18 -11.52
CA LEU D 19 36.89 4.02 -10.63
C LEU D 19 38.09 3.25 -10.06
N LYS D 20 37.86 2.01 -9.61
CA LYS D 20 38.93 1.20 -9.02
C LYS D 20 40.11 0.91 -9.95
N LYS D 21 39.90 1.08 -11.25
CA LYS D 21 40.98 0.86 -12.22
C LYS D 21 42.05 1.93 -12.05
N TYR D 22 41.65 3.09 -11.52
CA TYR D 22 42.58 4.21 -11.37
C TYR D 22 42.83 4.71 -9.95
N ALA D 23 41.93 4.38 -9.01
CA ALA D 23 42.11 4.84 -7.64
C ALA D 23 41.68 3.81 -6.60
N ASP D 24 42.27 3.91 -5.42
CA ASP D 24 41.92 3.02 -4.33
C ASP D 24 40.68 3.68 -3.77
N VAL D 25 39.66 2.87 -3.52
CA VAL D 25 38.37 3.38 -3.06
C VAL D 25 37.97 3.00 -1.64
N GLU D 26 37.24 3.89 -0.99
CA GLU D 26 36.74 3.64 0.34
C GLU D 26 35.29 4.09 0.32
N ILE D 27 34.38 3.18 0.69
CA ILE D 27 32.96 3.52 0.70
C ILE D 27 32.54 3.86 2.13
N ILE D 28 32.00 5.05 2.28
CA ILE D 28 31.53 5.55 3.57
C ILE D 28 30.17 6.16 3.26
N LEU D 29 29.14 5.33 3.40
CA LEU D 29 27.77 5.70 3.08
C LEU D 29 27.09 6.77 3.91
N TYR D 30 26.79 7.88 3.25
CA TYR D 30 26.08 8.99 3.85
C TYR D 30 26.52 9.36 5.27
N PRO D 31 27.78 9.78 5.41
CA PRO D 31 28.32 10.16 6.72
C PRO D 31 27.77 11.50 7.21
N SER D 32 27.82 11.71 8.51
CA SER D 32 27.39 12.97 9.11
C SER D 32 28.58 13.91 9.00
N GLY D 33 28.37 15.18 9.28
CA GLY D 33 29.48 16.14 9.20
C GLY D 33 30.63 15.74 10.12
N GLU D 34 30.32 15.37 11.35
CA GLU D 34 31.36 14.99 12.31
C GLU D 34 32.07 13.70 11.86
N GLU D 35 31.31 12.79 11.26
CA GLU D 35 31.88 11.53 10.78
C GLU D 35 32.79 11.77 9.58
N LEU D 36 32.32 12.60 8.65
CA LEU D 36 33.10 12.89 7.46
C LEU D 36 34.38 13.66 7.75
N LYS D 37 34.30 14.71 8.56
CA LYS D 37 35.50 15.49 8.83
C LYS D 37 36.56 14.66 9.54
N GLY D 38 36.14 13.52 10.07
CA GLY D 38 37.08 12.65 10.76
C GLY D 38 37.88 11.78 9.81
N VAL D 39 37.36 11.58 8.60
CA VAL D 39 38.06 10.73 7.62
C VAL D 39 38.39 11.41 6.29
N ILE D 40 37.78 12.54 6.01
CA ILE D 40 37.99 13.24 4.75
C ILE D 40 39.46 13.58 4.43
N GLY D 41 40.30 13.66 5.45
CA GLY D 41 41.69 13.99 5.24
C GLY D 41 42.51 12.96 4.46
N ARG D 42 42.01 11.74 4.38
CA ARG D 42 42.70 10.67 3.66
C ARG D 42 42.45 10.69 2.16
N PHE D 43 41.49 11.49 1.70
CA PHE D 43 41.14 11.50 0.29
C PHE D 43 41.59 12.62 -0.64
N ASP D 44 41.92 12.23 -1.87
CA ASP D 44 42.34 13.15 -2.92
C ASP D 44 41.06 13.61 -3.61
N GLY D 45 40.01 12.79 -3.50
CA GLY D 45 38.73 13.13 -4.09
C GLY D 45 37.58 12.35 -3.48
N ILE D 46 36.38 12.90 -3.57
CA ILE D 46 35.17 12.26 -3.05
C ILE D 46 34.03 12.35 -4.05
N ILE D 47 33.11 11.39 -4.00
CA ILE D 47 31.92 11.40 -4.84
C ILE D 47 30.77 11.44 -3.82
N VAL D 48 29.85 12.38 -4.02
CA VAL D 48 28.75 12.57 -3.07
C VAL D 48 27.38 12.72 -3.70
N SER D 49 26.35 12.56 -2.86
CA SER D 49 24.97 12.71 -3.30
C SER D 49 24.45 13.95 -2.56
N PRO D 50 23.34 14.53 -3.02
CA PRO D 50 22.78 15.73 -2.37
C PRO D 50 22.53 15.64 -0.86
N THR D 51 22.41 14.42 -0.32
CA THR D 51 22.15 14.28 1.11
C THR D 51 23.36 14.61 1.99
N THR D 52 24.55 14.51 1.42
CA THR D 52 25.78 14.80 2.16
C THR D 52 26.19 16.26 1.96
N LYS D 53 26.30 17.00 3.06
CA LYS D 53 26.66 18.41 3.03
C LYS D 53 28.15 18.66 3.22
N ILE D 54 28.78 19.26 2.23
CA ILE D 54 30.20 19.57 2.30
C ILE D 54 30.31 21.01 2.80
N THR D 55 30.61 21.14 4.09
CA THR D 55 30.70 22.44 4.74
C THR D 55 32.13 22.85 5.03
N ARG D 56 32.29 24.05 5.60
CA ARG D 56 33.60 24.54 5.97
C ARG D 56 34.14 23.62 7.06
N GLU D 57 33.22 23.17 7.93
CA GLU D 57 33.55 22.29 9.02
C GLU D 57 34.26 21.05 8.50
N VAL D 58 33.72 20.50 7.41
CA VAL D 58 34.30 19.31 6.81
C VAL D 58 35.58 19.62 6.06
N LEU D 59 35.55 20.68 5.25
CA LEU D 59 36.70 21.06 4.43
C LEU D 59 37.94 21.49 5.20
N GLU D 60 37.77 21.88 6.46
CA GLU D 60 38.88 22.30 7.31
C GLU D 60 39.93 21.20 7.42
N ASN D 61 39.48 19.95 7.48
CA ASN D 61 40.38 18.81 7.60
C ASN D 61 40.68 18.08 6.30
N ALA D 62 40.31 18.68 5.17
CA ALA D 62 40.53 18.07 3.85
C ALA D 62 41.85 18.50 3.24
N GLU D 63 42.95 18.20 3.94
CA GLU D 63 44.29 18.57 3.50
C GLU D 63 44.68 18.17 2.07
N ARG D 64 44.34 16.96 1.65
CA ARG D 64 44.72 16.55 0.29
C ARG D 64 43.59 16.52 -0.72
N LEU D 65 42.42 17.03 -0.35
CA LEU D 65 41.29 17.03 -1.27
C LEU D 65 41.54 17.93 -2.48
N LYS D 66 41.28 17.38 -3.66
CA LYS D 66 41.48 18.12 -4.91
C LYS D 66 40.21 18.26 -5.74
N VAL D 67 39.32 17.28 -5.62
CA VAL D 67 38.09 17.30 -6.41
C VAL D 67 36.87 16.71 -5.69
N ILE D 68 35.74 17.37 -5.87
CA ILE D 68 34.47 16.93 -5.28
C ILE D 68 33.52 16.67 -6.45
N SER D 69 33.21 15.40 -6.69
CA SER D 69 32.33 15.04 -7.80
C SER D 69 30.92 14.77 -7.31
N CYS D 70 29.97 15.61 -7.72
CA CYS D 70 28.58 15.43 -7.32
C CYS D 70 27.90 14.44 -8.24
N HIS D 71 27.48 13.33 -7.66
CA HIS D 71 26.79 12.26 -8.36
C HIS D 71 25.34 12.74 -8.52
N SER D 72 25.16 13.91 -9.12
CA SER D 72 23.83 14.51 -9.29
C SER D 72 23.89 15.72 -10.21
N ALA D 73 22.72 16.29 -10.51
CA ALA D 73 22.64 17.47 -11.35
C ALA D 73 22.81 18.70 -10.48
N GLY D 74 22.41 18.57 -9.22
CA GLY D 74 22.50 19.70 -8.30
C GLY D 74 23.73 19.67 -7.42
N TYR D 75 24.12 20.85 -6.92
CA TYR D 75 25.28 20.96 -6.07
C TYR D 75 25.12 21.98 -4.94
N ASP D 76 23.87 22.25 -4.54
CA ASP D 76 23.63 23.20 -3.46
C ASP D 76 24.11 22.64 -2.13
N ASN D 77 24.46 21.35 -2.11
CA ASN D 77 24.96 20.73 -0.89
C ASN D 77 26.45 21.00 -0.71
N ILE D 78 27.05 21.70 -1.68
CA ILE D 78 28.47 22.01 -1.59
C ILE D 78 28.75 23.49 -1.37
N ASP D 79 29.57 23.78 -0.36
CA ASP D 79 29.97 25.16 -0.07
C ASP D 79 31.04 25.52 -1.10
N LEU D 80 30.61 26.04 -2.25
CA LEU D 80 31.52 26.40 -3.33
C LEU D 80 32.53 27.48 -2.96
N GLU D 81 32.10 28.42 -2.13
CA GLU D 81 32.98 29.51 -1.72
C GLU D 81 34.22 28.95 -1.03
N GLU D 82 34.01 28.02 -0.12
CA GLU D 82 35.10 27.41 0.63
C GLU D 82 35.90 26.45 -0.27
N ALA D 83 35.20 25.66 -1.09
CA ALA D 83 35.87 24.73 -1.99
C ALA D 83 36.85 25.51 -2.85
N THR D 84 36.35 26.57 -3.47
CA THR D 84 37.17 27.42 -4.32
C THR D 84 38.37 28.00 -3.57
N LYS D 85 38.12 28.55 -2.38
CA LYS D 85 39.19 29.13 -1.56
C LYS D 85 40.32 28.12 -1.33
N ARG D 86 39.95 26.85 -1.13
CA ARG D 86 40.93 25.81 -0.89
C ARG D 86 41.39 25.12 -2.18
N GLY D 87 41.10 25.75 -3.32
CA GLY D 87 41.51 25.21 -4.60
C GLY D 87 40.95 23.85 -4.94
N ILE D 88 39.74 23.57 -4.46
CA ILE D 88 39.09 22.30 -4.72
C ILE D 88 38.11 22.42 -5.88
N TYR D 89 38.26 21.54 -6.86
CA TYR D 89 37.40 21.53 -8.03
C TYR D 89 36.08 20.80 -7.74
N VAL D 90 34.96 21.45 -8.07
CA VAL D 90 33.64 20.87 -7.86
C VAL D 90 32.94 20.63 -9.19
N THR D 91 32.43 19.41 -9.39
CA THR D 91 31.74 19.07 -10.64
C THR D 91 30.35 18.47 -10.39
N LYS D 92 29.49 18.58 -11.39
CA LYS D 92 28.14 18.01 -11.31
C LYS D 92 28.01 17.08 -12.52
N VAL D 93 26.85 16.44 -12.66
CA VAL D 93 26.63 15.55 -13.79
C VAL D 93 25.61 16.07 -14.78
N SER D 94 25.91 15.92 -16.07
CA SER D 94 25.02 16.32 -17.15
C SER D 94 24.92 15.13 -18.11
N GLY D 95 24.40 15.37 -19.32
CA GLY D 95 24.27 14.27 -20.26
C GLY D 95 22.92 13.59 -20.13
N LEU D 96 22.90 12.26 -20.20
CA LEU D 96 21.64 11.52 -20.11
C LEU D 96 20.78 11.94 -18.92
N LEU D 97 21.42 12.29 -17.81
CA LEU D 97 20.66 12.71 -16.63
C LEU D 97 19.81 13.94 -17.00
N SER D 98 20.42 14.89 -17.70
CA SER D 98 19.72 16.12 -18.10
C SER D 98 18.53 15.84 -19.01
N GLU D 99 18.73 14.90 -19.92
CA GLU D 99 17.67 14.53 -20.86
C GLU D 99 16.51 13.86 -20.13
N ALA D 100 16.81 12.99 -19.17
CA ALA D 100 15.78 12.29 -18.40
C ALA D 100 14.96 13.25 -17.54
N VAL D 101 15.62 14.27 -17.01
CA VAL D 101 14.94 15.26 -16.18
C VAL D 101 14.09 16.15 -17.08
N ALA D 102 14.59 16.44 -18.27
CA ALA D 102 13.85 17.26 -19.22
C ALA D 102 12.58 16.51 -19.64
N GLU D 103 12.71 15.22 -19.90
CA GLU D 103 11.58 14.39 -20.30
C GLU D 103 10.53 14.35 -19.19
N PHE D 104 10.97 14.15 -17.96
CA PHE D 104 10.07 14.11 -16.81
C PHE D 104 9.35 15.44 -16.68
N THR D 105 10.07 16.53 -16.91
CA THR D 105 9.49 17.87 -16.80
C THR D 105 8.35 18.08 -17.78
N VAL D 106 8.54 17.66 -19.04
CA VAL D 106 7.49 17.79 -20.02
C VAL D 106 6.31 16.93 -19.57
N GLY D 107 6.60 15.83 -18.88
CA GLY D 107 5.54 14.98 -18.39
C GLY D 107 4.71 15.74 -17.37
N LEU D 108 5.38 16.48 -16.48
CA LEU D 108 4.69 17.26 -15.46
C LEU D 108 3.81 18.34 -16.08
N ILE D 109 4.34 19.00 -17.11
CA ILE D 109 3.65 20.07 -17.81
C ILE D 109 2.36 19.57 -18.47
N ILE D 110 2.46 18.47 -19.19
CA ILE D 110 1.29 17.94 -19.86
C ILE D 110 0.21 17.47 -18.87
N ASN D 111 0.62 16.84 -17.77
CA ASN D 111 -0.32 16.39 -16.75
C ASN D 111 -1.01 17.58 -16.09
N LEU D 112 -0.23 18.60 -15.76
CA LEU D 112 -0.76 19.78 -15.10
C LEU D 112 -1.75 20.49 -16.02
N MET D 113 -1.50 20.40 -17.33
CA MET D 113 -2.35 21.04 -18.34
C MET D 113 -3.54 20.16 -18.75
N ARG D 114 -3.26 18.92 -19.09
CA ARG D 114 -4.30 17.99 -19.55
C ARG D 114 -4.93 17.10 -18.48
N LYS D 115 -4.42 17.19 -17.26
CA LYS D 115 -4.95 16.46 -16.11
C LYS D 115 -5.04 14.92 -16.22
N ILE D 116 -4.17 14.33 -17.03
CA ILE D 116 -4.18 12.88 -17.18
C ILE D 116 -4.03 12.18 -15.82
N HIS D 117 -3.14 12.71 -14.98
CA HIS D 117 -2.95 12.08 -13.68
C HIS D 117 -4.27 12.05 -12.90
N TYR D 118 -5.00 13.16 -12.92
CA TYR D 118 -6.28 13.25 -12.22
C TYR D 118 -7.30 12.28 -12.82
N ALA D 119 -7.38 12.29 -14.15
CA ALA D 119 -8.31 11.45 -14.87
C ALA D 119 -8.06 9.97 -14.59
N ASP D 120 -6.79 9.61 -14.42
CA ASP D 120 -6.43 8.21 -14.15
C ASP D 120 -7.07 7.77 -12.84
N LYS D 121 -7.01 8.61 -11.81
CA LYS D 121 -7.63 8.26 -10.54
C LYS D 121 -9.13 8.25 -10.76
N PHE D 122 -9.62 9.31 -11.40
CA PHE D 122 -11.04 9.47 -11.72
C PHE D 122 -11.67 8.21 -12.29
N ILE D 123 -11.10 7.72 -13.39
CA ILE D 123 -11.63 6.54 -14.04
C ILE D 123 -11.53 5.29 -13.15
N ARG D 124 -10.36 5.04 -12.58
CA ARG D 124 -10.19 3.86 -11.73
C ARG D 124 -11.21 3.81 -10.59
N ARG D 125 -11.66 4.96 -10.12
CA ARG D 125 -12.62 4.98 -9.03
C ARG D 125 -14.06 4.85 -9.54
N GLY D 126 -14.19 4.46 -10.81
CA GLY D 126 -15.49 4.27 -11.40
C GLY D 126 -16.38 5.50 -11.50
N GLU D 127 -15.82 6.64 -11.87
CA GLU D 127 -16.63 7.84 -11.98
C GLU D 127 -16.92 8.19 -13.43
N TRP D 128 -16.51 7.32 -14.35
CA TRP D 128 -16.75 7.58 -15.77
C TRP D 128 -18.19 7.22 -16.11
N GLU D 129 -19.10 7.96 -15.50
CA GLU D 129 -20.54 7.78 -15.68
C GLU D 129 -20.97 7.86 -17.15
N SER D 130 -20.46 8.85 -17.87
CA SER D 130 -20.82 9.04 -19.26
C SER D 130 -19.85 9.97 -19.99
N HIS D 131 -20.00 10.07 -21.30
CA HIS D 131 -19.18 10.94 -22.13
C HIS D 131 -19.46 12.39 -21.72
N ALA D 132 -20.73 12.68 -21.47
CA ALA D 132 -21.15 14.02 -21.08
C ALA D 132 -20.57 14.48 -19.75
N LYS D 133 -20.50 13.59 -18.76
CA LYS D 133 -19.94 13.99 -17.48
C LYS D 133 -18.49 14.44 -17.64
N ILE D 134 -17.82 13.87 -18.63
CA ILE D 134 -16.42 14.20 -18.90
C ILE D 134 -16.26 15.54 -19.62
N TRP D 135 -16.95 15.69 -20.75
CA TRP D 135 -16.84 16.91 -21.52
C TRP D 135 -17.47 18.13 -20.87
N THR D 136 -18.30 17.90 -19.85
CA THR D 136 -18.89 19.01 -19.12
C THR D 136 -17.99 19.26 -17.90
N GLY D 137 -17.50 18.18 -17.29
CA GLY D 137 -16.65 18.31 -16.12
C GLY D 137 -15.18 18.62 -16.36
N PHE D 138 -14.68 18.35 -17.56
CA PHE D 138 -13.28 18.60 -17.91
C PHE D 138 -13.13 19.68 -18.98
N LYS D 139 -14.15 20.53 -19.16
CA LYS D 139 -14.09 21.56 -20.19
C LYS D 139 -12.97 22.60 -20.07
N ARG D 140 -12.77 23.14 -18.88
CA ARG D 140 -11.76 24.17 -18.67
C ARG D 140 -10.31 23.80 -19.01
N ILE D 141 -10.09 22.60 -19.55
CA ILE D 141 -8.72 22.13 -19.92
C ILE D 141 -8.13 22.97 -21.04
N GLU D 142 -6.89 23.41 -20.85
CA GLU D 142 -6.17 24.18 -21.88
C GLU D 142 -5.05 23.33 -22.46
N SER D 143 -4.77 23.54 -23.74
CA SER D 143 -3.69 22.80 -24.38
C SER D 143 -2.39 23.57 -24.22
N LEU D 144 -1.27 22.89 -24.48
CA LEU D 144 0.04 23.49 -24.38
C LEU D 144 0.30 24.29 -25.65
N TYR D 145 -0.28 23.83 -26.77
CA TYR D 145 -0.11 24.50 -28.05
C TYR D 145 -0.48 25.98 -28.01
N GLY D 146 0.39 26.82 -28.57
CA GLY D 146 0.13 28.25 -28.62
C GLY D 146 0.37 29.05 -27.35
N LYS D 147 0.77 28.36 -26.29
CA LYS D 147 1.03 29.05 -25.01
C LYS D 147 2.46 29.61 -24.94
N LYS D 148 2.65 30.60 -24.08
CA LYS D 148 3.97 31.20 -23.88
C LYS D 148 4.59 30.57 -22.66
N VAL D 149 5.70 29.87 -22.84
CA VAL D 149 6.40 29.19 -21.74
C VAL D 149 7.67 29.92 -21.33
N GLY D 150 7.75 30.28 -20.05
CA GLY D 150 8.92 30.98 -19.56
C GLY D 150 9.78 30.04 -18.75
N ILE D 151 11.03 29.89 -19.16
CA ILE D 151 11.95 29.01 -18.46
C ILE D 151 13.00 29.81 -17.70
N LEU D 152 13.03 29.66 -16.38
CA LEU D 152 14.03 30.33 -15.58
C LEU D 152 15.15 29.32 -15.44
N GLY D 153 16.29 29.62 -16.04
CA GLY D 153 17.42 28.70 -15.97
C GLY D 153 17.60 28.10 -17.35
N MET D 154 18.74 28.33 -17.96
CA MET D 154 18.98 27.82 -19.29
C MET D 154 20.29 27.05 -19.39
N GLY D 155 20.51 26.17 -18.42
CA GLY D 155 21.69 25.32 -18.42
C GLY D 155 21.33 24.05 -19.19
N ALA D 156 21.99 22.94 -18.88
CA ALA D 156 21.72 21.67 -19.57
C ALA D 156 20.23 21.28 -19.54
N ILE D 157 19.66 21.24 -18.34
CA ILE D 157 18.25 20.88 -18.21
C ILE D 157 17.32 21.90 -18.86
N GLY D 158 17.54 23.18 -18.61
CA GLY D 158 16.70 24.19 -19.20
C GLY D 158 16.63 24.09 -20.73
N LYS D 159 17.78 23.89 -21.37
CA LYS D 159 17.83 23.78 -22.82
C LYS D 159 17.15 22.50 -23.35
N ALA D 160 17.33 21.41 -22.63
CA ALA D 160 16.73 20.13 -23.02
C ALA D 160 15.20 20.23 -22.96
N ILE D 161 14.70 21.02 -22.02
CA ILE D 161 13.25 21.22 -21.88
C ILE D 161 12.77 22.07 -23.05
N ALA D 162 13.52 23.12 -23.35
CA ALA D 162 13.19 24.04 -24.44
C ALA D 162 13.12 23.31 -25.77
N ARG D 163 14.11 22.47 -26.05
CA ARG D 163 14.15 21.72 -27.30
C ARG D 163 12.93 20.83 -27.44
N ARG D 164 12.48 20.24 -26.34
CA ARG D 164 11.33 19.34 -26.37
C ARG D 164 10.00 20.08 -26.57
N LEU D 165 9.86 21.24 -25.94
CA LEU D 165 8.63 22.00 -26.04
C LEU D 165 8.36 22.66 -27.40
N ILE D 166 9.41 22.92 -28.16
CA ILE D 166 9.26 23.58 -29.46
C ILE D 166 8.20 22.94 -30.37
N PRO D 167 8.25 21.62 -30.58
CA PRO D 167 7.26 20.98 -31.46
C PRO D 167 5.83 20.96 -30.87
N PHE D 168 5.67 21.41 -29.63
CA PHE D 168 4.34 21.46 -29.03
C PHE D 168 3.65 22.77 -29.39
N GLY D 169 4.34 23.60 -30.16
CA GLY D 169 3.78 24.87 -30.59
C GLY D 169 3.77 26.01 -29.57
N VAL D 170 4.74 26.03 -28.68
CA VAL D 170 4.79 27.09 -27.68
C VAL D 170 5.71 28.21 -28.12
N LYS D 171 5.64 29.33 -27.42
CA LYS D 171 6.53 30.45 -27.69
C LYS D 171 7.42 30.43 -26.45
N LEU D 172 8.73 30.51 -26.66
CA LEU D 172 9.66 30.46 -25.54
C LEU D 172 10.22 31.81 -25.06
N TYR D 173 10.23 31.98 -23.74
CA TYR D 173 10.80 33.17 -23.09
C TYR D 173 11.73 32.54 -22.06
N TYR D 174 12.76 33.26 -21.64
CA TYR D 174 13.67 32.69 -20.65
C TYR D 174 14.48 33.74 -19.90
N TRP D 175 14.96 33.34 -18.72
CA TRP D 175 15.82 34.19 -17.90
C TRP D 175 16.95 33.26 -17.49
N SER D 176 18.14 33.83 -17.31
CA SER D 176 19.30 33.07 -16.92
C SER D 176 20.20 34.03 -16.15
N ARG D 177 21.04 33.50 -15.26
CA ARG D 177 21.94 34.34 -14.49
C ARG D 177 23.02 34.89 -15.41
N HIS D 178 23.16 34.25 -16.57
CA HIS D 178 24.13 34.65 -17.58
C HIS D 178 23.54 34.48 -18.98
N ARG D 179 22.98 35.56 -19.53
CA ARG D 179 22.38 35.53 -20.86
C ARG D 179 23.35 35.01 -21.91
N LYS D 180 22.83 34.27 -22.89
CA LYS D 180 23.65 33.71 -23.95
C LYS D 180 22.88 33.73 -25.28
N VAL D 181 23.44 34.37 -26.30
CA VAL D 181 22.80 34.46 -27.60
C VAL D 181 22.71 33.12 -28.32
N ASN D 182 23.50 32.15 -27.89
CA ASN D 182 23.48 30.83 -28.53
C ASN D 182 22.11 30.18 -28.27
N VAL D 183 21.47 30.61 -27.19
CA VAL D 183 20.16 30.09 -26.81
C VAL D 183 19.08 30.72 -27.68
N GLU D 184 19.16 32.03 -27.84
CA GLU D 184 18.19 32.79 -28.62
C GLU D 184 18.15 32.44 -30.11
N LYS D 185 19.31 32.28 -30.74
CA LYS D 185 19.25 32.01 -32.19
C LYS D 185 19.04 30.53 -32.50
N GLU D 186 19.25 29.64 -31.54
CA GLU D 186 19.05 28.20 -31.72
C GLU D 186 17.62 27.79 -31.32
N LEU D 187 17.28 28.04 -30.06
CA LEU D 187 15.98 27.67 -29.53
C LEU D 187 14.93 28.74 -29.78
N LYS D 188 15.36 29.90 -30.25
CA LYS D 188 14.45 31.02 -30.50
C LYS D 188 13.73 31.47 -29.24
N ALA D 189 14.41 31.38 -28.10
CA ALA D 189 13.85 31.81 -26.82
C ALA D 189 14.21 33.28 -26.63
N ARG D 190 13.25 34.09 -26.19
CA ARG D 190 13.48 35.50 -25.97
C ARG D 190 13.86 35.81 -24.51
N TYR D 191 15.01 36.46 -24.32
CA TYR D 191 15.47 36.79 -22.98
C TYR D 191 14.60 37.88 -22.35
N MET D 192 14.31 37.72 -21.06
CA MET D 192 13.51 38.71 -20.33
C MET D 192 13.95 38.77 -18.89
N ASP D 193 13.66 39.89 -18.23
CA ASP D 193 14.00 40.00 -16.82
C ASP D 193 13.01 39.07 -16.13
N ILE D 194 13.29 38.68 -14.89
CA ILE D 194 12.41 37.75 -14.19
C ILE D 194 10.96 38.18 -14.07
N ASP D 195 10.71 39.36 -13.53
CA ASP D 195 9.34 39.82 -13.37
C ASP D 195 8.61 39.96 -14.72
N GLU D 196 9.34 40.43 -15.74
CA GLU D 196 8.77 40.60 -17.08
C GLU D 196 8.33 39.25 -17.63
N LEU D 197 9.13 38.21 -17.36
CA LEU D 197 8.84 36.86 -17.82
C LEU D 197 7.60 36.29 -17.13
N LEU D 198 7.52 36.47 -15.83
CA LEU D 198 6.37 35.99 -15.06
C LEU D 198 5.06 36.64 -15.52
N GLU D 199 5.16 37.92 -15.90
CA GLU D 199 3.99 38.66 -16.36
C GLU D 199 3.52 38.29 -17.76
N LYS D 200 4.46 37.94 -18.63
CA LYS D 200 4.11 37.61 -20.01
C LYS D 200 3.92 36.13 -20.34
N SER D 201 4.35 35.24 -19.46
CA SER D 201 4.22 33.81 -19.69
C SER D 201 2.89 33.25 -19.19
N ASP D 202 2.47 32.14 -19.78
CA ASP D 202 1.23 31.46 -19.38
C ASP D 202 1.67 30.33 -18.45
N ILE D 203 2.89 29.83 -18.71
CA ILE D 203 3.50 28.74 -17.96
C ILE D 203 4.94 29.08 -17.62
N VAL D 204 5.31 28.92 -16.35
CA VAL D 204 6.65 29.19 -15.88
C VAL D 204 7.32 27.92 -15.38
N ILE D 205 8.51 27.64 -15.87
CA ILE D 205 9.25 26.45 -15.48
C ILE D 205 10.50 26.86 -14.72
N LEU D 206 10.72 26.26 -13.55
CA LEU D 206 11.89 26.56 -12.75
C LEU D 206 12.93 25.48 -12.92
N ALA D 207 14.06 25.83 -13.53
CA ALA D 207 15.16 24.90 -13.76
C ALA D 207 16.48 25.57 -13.37
N LEU D 208 16.46 26.22 -12.20
CA LEU D 208 17.64 26.93 -11.70
C LEU D 208 18.35 26.21 -10.57
N PRO D 209 19.65 26.49 -10.38
CA PRO D 209 20.33 25.81 -9.28
C PRO D 209 19.92 26.64 -8.05
N LEU D 210 19.87 26.01 -6.88
CA LEU D 210 19.51 26.74 -5.67
C LEU D 210 20.78 27.39 -5.10
N THR D 211 20.80 28.71 -5.07
CA THR D 211 21.93 29.46 -4.54
C THR D 211 21.34 30.50 -3.60
N ARG D 212 22.17 31.34 -2.99
CA ARG D 212 21.60 32.33 -2.08
C ARG D 212 20.84 33.39 -2.88
N ASP D 213 21.21 33.56 -4.14
CA ASP D 213 20.55 34.53 -5.02
C ASP D 213 19.27 34.02 -5.66
N THR D 214 19.09 32.70 -5.73
CA THR D 214 17.88 32.14 -6.33
C THR D 214 16.91 31.65 -5.27
N TYR D 215 17.30 31.77 -4.01
CA TYR D 215 16.45 31.35 -2.91
C TYR D 215 15.14 32.14 -2.98
N HIS D 216 14.03 31.43 -2.95
CA HIS D 216 12.71 32.03 -3.02
C HIS D 216 12.64 33.01 -4.19
N ILE D 217 13.23 32.65 -5.32
CA ILE D 217 13.18 33.52 -6.48
C ILE D 217 11.71 33.78 -6.82
N ILE D 218 10.88 32.78 -6.56
CA ILE D 218 9.43 32.93 -6.78
C ILE D 218 8.86 33.18 -5.39
N ASN D 219 8.86 34.45 -4.98
CA ASN D 219 8.37 34.83 -3.65
C ASN D 219 6.87 35.12 -3.66
N GLU D 220 6.34 35.43 -2.48
CA GLU D 220 4.92 35.72 -2.33
C GLU D 220 4.47 36.80 -3.31
N GLU D 221 5.23 37.88 -3.40
CA GLU D 221 4.89 38.96 -4.32
C GLU D 221 4.84 38.47 -5.76
N ARG D 222 5.83 37.66 -6.15
CA ARG D 222 5.85 37.14 -7.50
C ARG D 222 4.79 36.08 -7.75
N VAL D 223 4.35 35.41 -6.67
CA VAL D 223 3.29 34.43 -6.83
C VAL D 223 1.99 35.10 -7.24
N LYS D 224 1.82 36.34 -6.75
CA LYS D 224 0.65 37.12 -7.14
C LYS D 224 0.65 37.38 -8.65
N LYS D 225 1.86 37.64 -9.19
CA LYS D 225 1.97 37.90 -10.61
C LYS D 225 1.55 36.68 -11.43
N LEU D 226 1.50 35.51 -10.81
CA LEU D 226 1.17 34.34 -11.63
C LEU D 226 -0.30 33.89 -11.47
N GLU D 227 -1.15 34.81 -11.02
CA GLU D 227 -2.58 34.53 -10.94
C GLU D 227 -3.08 34.10 -12.32
N GLY D 228 -3.81 32.99 -12.37
CA GLY D 228 -4.32 32.47 -13.63
C GLY D 228 -3.31 31.72 -14.46
N LYS D 229 -2.13 31.45 -13.90
CA LYS D 229 -1.08 30.76 -14.62
C LYS D 229 -0.61 29.44 -14.01
N TYR D 230 0.33 28.79 -14.69
CA TYR D 230 0.88 27.50 -14.25
C TYR D 230 2.34 27.62 -13.84
N LEU D 231 2.71 26.90 -12.79
CA LEU D 231 4.09 26.94 -12.30
C LEU D 231 4.60 25.52 -12.18
N VAL D 232 5.79 25.26 -12.72
CA VAL D 232 6.39 23.93 -12.66
C VAL D 232 7.76 24.04 -12.02
N ASN D 233 8.04 23.18 -11.03
CA ASN D 233 9.31 23.21 -10.32
C ASN D 233 10.03 21.87 -10.37
N ILE D 234 11.24 21.85 -10.95
CA ILE D 234 12.00 20.61 -10.98
C ILE D 234 13.42 20.78 -10.43
N GLY D 235 13.72 21.96 -9.90
CA GLY D 235 15.05 22.20 -9.35
C GLY D 235 15.11 21.83 -7.88
N ARG D 236 14.72 22.77 -7.03
CA ARG D 236 14.71 22.56 -5.58
C ARG D 236 13.49 23.25 -5.00
N GLY D 237 12.96 22.71 -3.91
CA GLY D 237 11.79 23.32 -3.31
C GLY D 237 11.97 24.78 -2.94
N ALA D 238 13.08 25.10 -2.27
CA ALA D 238 13.35 26.47 -1.83
C ALA D 238 13.45 27.50 -2.95
N LEU D 239 13.23 27.08 -4.19
CA LEU D 239 13.26 28.02 -5.30
C LEU D 239 11.99 28.87 -5.18
N VAL D 240 10.98 28.32 -4.50
CA VAL D 240 9.73 29.04 -4.29
C VAL D 240 9.35 29.16 -2.82
N ASP D 241 8.58 30.20 -2.52
CA ASP D 241 8.07 30.40 -1.17
C ASP D 241 6.90 29.41 -1.21
N GLU D 242 7.16 28.16 -0.84
CA GLU D 242 6.16 27.11 -0.88
C GLU D 242 4.85 27.41 -0.16
N LYS D 243 4.93 28.16 0.93
CA LYS D 243 3.73 28.50 1.68
C LYS D 243 2.87 29.46 0.88
N ALA D 244 3.52 30.43 0.23
CA ALA D 244 2.80 31.41 -0.58
C ALA D 244 2.19 30.74 -1.81
N VAL D 245 2.88 29.73 -2.34
CA VAL D 245 2.39 28.99 -3.50
C VAL D 245 1.17 28.17 -3.10
N THR D 246 1.25 27.53 -1.94
CA THR D 246 0.16 26.72 -1.44
C THR D 246 -1.09 27.58 -1.21
N GLU D 247 -0.89 28.76 -0.62
CA GLU D 247 -2.00 29.66 -0.38
C GLU D 247 -2.63 30.13 -1.69
N ALA D 248 -1.81 30.32 -2.72
CA ALA D 248 -2.31 30.76 -4.02
C ALA D 248 -3.16 29.65 -4.66
N ILE D 249 -2.77 28.41 -4.44
CA ILE D 249 -3.52 27.28 -4.98
C ILE D 249 -4.88 27.18 -4.27
N LYS D 250 -4.84 27.15 -2.94
CA LYS D 250 -6.06 27.06 -2.13
C LYS D 250 -7.06 28.15 -2.46
N GLN D 251 -6.58 29.38 -2.57
CA GLN D 251 -7.45 30.52 -2.87
C GLN D 251 -7.93 30.59 -4.31
N GLY D 252 -7.55 29.60 -5.12
CA GLY D 252 -7.97 29.57 -6.50
C GLY D 252 -7.32 30.62 -7.39
N LYS D 253 -6.21 31.20 -6.95
CA LYS D 253 -5.51 32.20 -7.75
C LYS D 253 -4.52 31.55 -8.69
N LEU D 254 -3.52 30.86 -8.15
CA LEU D 254 -2.56 30.16 -8.99
C LEU D 254 -3.34 29.02 -9.63
N LYS D 255 -3.42 29.02 -10.95
CA LYS D 255 -4.18 27.98 -11.64
C LYS D 255 -3.64 26.58 -11.42
N GLY D 256 -2.33 26.41 -11.46
CA GLY D 256 -1.77 25.09 -11.25
C GLY D 256 -0.31 25.09 -10.81
N TYR D 257 0.09 24.03 -10.13
CA TYR D 257 1.47 23.91 -9.66
C TYR D 257 1.91 22.46 -9.70
N ALA D 258 3.02 22.22 -10.37
CA ALA D 258 3.54 20.86 -10.47
C ALA D 258 4.98 20.90 -9.97
N THR D 259 5.32 19.97 -9.11
CA THR D 259 6.66 19.96 -8.58
C THR D 259 7.12 18.56 -8.21
N ASP D 260 8.41 18.35 -8.37
CA ASP D 260 9.05 17.10 -8.05
C ASP D 260 9.92 17.35 -6.81
N VAL D 261 9.94 18.58 -6.34
CA VAL D 261 10.76 18.94 -5.18
C VAL D 261 10.01 19.78 -4.16
N PHE D 262 10.41 19.66 -2.88
CA PHE D 262 9.75 20.39 -1.81
C PHE D 262 10.78 20.97 -0.83
N GLU D 263 10.44 22.08 -0.19
CA GLU D 263 11.36 22.71 0.76
C GLU D 263 11.70 21.79 1.93
N LYS D 264 10.86 20.79 2.17
CA LYS D 264 11.09 19.84 3.26
C LYS D 264 10.83 18.42 2.77
N GLU D 265 11.89 17.69 2.44
CA GLU D 265 11.74 16.33 1.96
C GLU D 265 12.29 15.33 2.98
N PRO D 266 11.66 14.14 3.06
CA PRO D 266 10.51 13.75 2.25
C PRO D 266 9.23 14.39 2.76
N VAL D 267 8.16 14.31 1.97
CA VAL D 267 6.87 14.88 2.36
C VAL D 267 5.85 13.77 2.51
N ARG D 268 5.29 13.64 3.72
CA ARG D 268 4.27 12.63 3.97
C ARG D 268 2.92 13.29 4.23
N GLU D 269 2.94 14.60 4.45
CA GLU D 269 1.73 15.35 4.71
C GLU D 269 1.89 16.74 4.09
N HIS D 270 0.85 17.23 3.44
CA HIS D 270 0.92 18.55 2.83
C HIS D 270 -0.47 19.05 2.45
N GLU D 271 -0.71 20.35 2.64
CA GLU D 271 -2.00 20.94 2.30
C GLU D 271 -2.34 20.68 0.84
N LEU D 272 -1.32 20.68 -0.02
CA LEU D 272 -1.52 20.48 -1.46
C LEU D 272 -2.00 19.09 -1.89
N PHE D 273 -1.85 18.11 -1.02
CA PHE D 273 -2.26 16.75 -1.32
C PHE D 273 -3.73 16.59 -1.74
N LYS D 274 -4.59 17.43 -1.18
CA LYS D 274 -6.01 17.34 -1.51
C LYS D 274 -6.36 17.95 -2.86
N TYR D 275 -5.49 18.84 -3.35
CA TYR D 275 -5.73 19.50 -4.63
C TYR D 275 -5.24 18.69 -5.83
N GLU D 276 -5.89 17.55 -6.05
CA GLU D 276 -5.55 16.64 -7.14
C GLU D 276 -5.69 17.24 -8.53
N TRP D 277 -6.70 18.08 -8.75
CA TRP D 277 -6.90 18.69 -10.06
C TRP D 277 -5.88 19.79 -10.38
N GLU D 278 -5.65 20.66 -9.40
CA GLU D 278 -4.77 21.81 -9.56
C GLU D 278 -3.26 21.56 -9.44
N THR D 279 -2.87 20.40 -8.95
CA THR D 279 -1.46 20.14 -8.78
C THR D 279 -1.03 18.76 -9.27
N VAL D 280 0.28 18.62 -9.49
CA VAL D 280 0.89 17.37 -9.90
C VAL D 280 2.08 17.28 -8.93
N LEU D 281 2.12 16.25 -8.11
CA LEU D 281 3.20 16.12 -7.14
C LEU D 281 3.92 14.79 -7.26
N THR D 282 5.25 14.85 -7.30
CA THR D 282 6.10 13.68 -7.41
C THR D 282 7.24 13.71 -6.39
N PRO D 283 7.65 12.49 -6.04
CA PRO D 283 8.54 12.24 -4.92
C PRO D 283 10.02 12.38 -5.31
N HIS D 284 10.34 13.56 -5.89
CA HIS D 284 11.72 13.88 -6.26
C HIS D 284 12.45 12.69 -6.90
N TYR D 285 11.97 12.30 -8.09
CA TYR D 285 12.59 11.18 -8.79
C TYR D 285 12.66 11.43 -10.30
N ALA D 286 12.70 12.72 -10.67
CA ALA D 286 12.72 13.13 -12.07
C ALA D 286 13.98 12.62 -12.78
N GLY D 287 15.02 12.30 -12.01
CA GLY D 287 16.25 11.80 -12.59
C GLY D 287 16.35 10.29 -12.53
N LEU D 288 15.34 9.63 -11.96
CA LEU D 288 15.33 8.18 -11.83
C LEU D 288 14.83 7.40 -13.05
N ALA D 289 15.78 6.96 -13.87
CA ALA D 289 15.51 6.18 -15.07
C ALA D 289 16.75 5.33 -15.30
N LEU D 290 16.56 4.02 -15.50
CA LEU D 290 17.66 3.07 -15.69
C LEU D 290 18.90 3.58 -16.41
N GLU D 291 18.79 3.67 -17.73
CA GLU D 291 19.90 4.10 -18.57
C GLU D 291 20.55 5.38 -18.06
N ALA D 292 19.72 6.36 -17.73
CA ALA D 292 20.20 7.65 -17.23
C ALA D 292 21.08 7.49 -15.98
N GLN D 293 20.56 6.80 -14.97
CA GLN D 293 21.30 6.61 -13.74
C GLN D 293 22.59 5.81 -13.92
N GLU D 294 22.66 5.04 -15.00
CA GLU D 294 23.86 4.27 -15.25
C GLU D 294 24.91 5.21 -15.79
N ASP D 295 24.46 6.22 -16.52
CA ASP D 295 25.36 7.21 -17.08
C ASP D 295 25.90 8.08 -15.95
N VAL D 296 25.03 8.46 -15.03
CA VAL D 296 25.43 9.29 -13.89
C VAL D 296 26.66 8.73 -13.16
N GLY D 297 26.62 7.43 -12.86
CA GLY D 297 27.72 6.81 -12.16
C GLY D 297 29.03 6.93 -12.91
N PHE D 298 29.02 6.61 -14.20
CA PHE D 298 30.22 6.72 -15.01
C PHE D 298 30.67 8.17 -15.16
N ARG D 299 29.72 9.09 -15.27
CA ARG D 299 30.07 10.48 -15.44
C ARG D 299 30.66 11.08 -14.16
N ALA D 300 30.11 10.69 -13.01
CA ALA D 300 30.63 11.21 -11.75
C ALA D 300 32.06 10.73 -11.58
N VAL D 301 32.29 9.45 -11.87
CA VAL D 301 33.62 8.87 -11.73
C VAL D 301 34.61 9.51 -12.69
N GLU D 302 34.18 9.67 -13.94
CA GLU D 302 35.03 10.25 -14.95
C GLU D 302 35.26 11.76 -14.78
N ASN D 303 34.32 12.47 -14.18
CA ASN D 303 34.52 13.90 -13.95
C ASN D 303 35.61 14.06 -12.91
N LEU D 304 35.61 13.17 -11.92
CA LEU D 304 36.60 13.17 -10.85
C LEU D 304 37.98 12.80 -11.41
N LEU D 305 38.01 11.81 -12.31
CA LEU D 305 39.28 11.34 -12.86
C LEU D 305 39.90 12.35 -13.83
N LYS D 306 39.07 13.05 -14.59
CA LYS D 306 39.59 14.05 -15.51
C LYS D 306 40.34 15.11 -14.74
N VAL D 307 39.77 15.56 -13.62
CA VAL D 307 40.43 16.58 -12.82
C VAL D 307 41.78 16.05 -12.32
N LEU D 308 41.79 14.80 -11.86
CA LEU D 308 43.03 14.18 -11.38
C LEU D 308 44.03 13.84 -12.50
N ARG D 309 43.57 13.93 -13.75
CA ARG D 309 44.43 13.68 -14.90
C ARG D 309 44.89 15.05 -15.41
N GLY D 310 44.53 16.09 -14.68
CA GLY D 310 44.93 17.44 -15.06
C GLY D 310 44.15 18.05 -16.22
N GLU D 311 42.89 17.64 -16.37
CA GLU D 311 42.04 18.18 -17.42
C GLU D 311 40.82 18.88 -16.83
N VAL D 312 40.51 20.09 -17.31
CA VAL D 312 39.35 20.82 -16.82
C VAL D 312 38.06 20.25 -17.39
N PRO D 313 37.26 19.57 -16.55
CA PRO D 313 36.00 19.00 -17.05
C PRO D 313 34.98 20.08 -17.42
N GLU D 314 34.20 19.83 -18.46
CA GLU D 314 33.21 20.80 -18.88
C GLU D 314 32.18 21.01 -17.76
N ASP D 315 31.97 19.97 -16.96
CA ASP D 315 31.01 20.04 -15.85
C ASP D 315 31.54 20.75 -14.60
N LEU D 316 32.69 21.42 -14.71
CA LEU D 316 33.22 22.13 -13.56
C LEU D 316 32.17 23.18 -13.18
N VAL D 317 31.80 23.23 -11.90
CA VAL D 317 30.81 24.18 -11.44
C VAL D 317 31.41 25.48 -10.90
N ASN D 318 32.59 25.40 -10.30
CA ASN D 318 33.24 26.58 -9.74
C ASN D 318 34.52 26.93 -10.51
N LYS D 319 34.35 27.52 -11.68
CA LYS D 319 35.47 27.88 -12.53
C LYS D 319 36.44 28.87 -11.89
N GLU D 320 35.97 29.63 -10.91
CA GLU D 320 36.82 30.59 -10.22
C GLU D 320 38.02 29.90 -9.57
N VAL D 321 37.89 28.58 -9.34
CA VAL D 321 38.96 27.82 -8.72
C VAL D 321 40.26 27.81 -9.54
N LEU D 322 40.15 28.01 -10.85
CA LEU D 322 41.32 28.07 -11.72
C LEU D 322 42.27 29.17 -11.29
N GLU D 323 41.71 30.21 -10.67
CA GLU D 323 42.47 31.36 -10.20
C GLU D 323 43.28 31.00 -8.96
N VAL D 324 42.73 30.13 -8.13
CA VAL D 324 43.37 29.75 -6.89
C VAL D 324 44.36 28.59 -7.03
N ARG D 325 43.98 27.60 -7.83
CA ARG D 325 44.83 26.43 -8.00
C ARG D 325 44.70 25.91 -9.43
N PRO D 326 45.69 26.22 -10.28
CA PRO D 326 45.70 25.79 -11.68
C PRO D 326 45.54 24.27 -11.76
N ILE D 327 44.90 23.80 -12.83
CA ILE D 327 44.64 22.37 -13.01
C ILE D 327 45.87 21.47 -12.94
N GLU D 328 47.01 21.97 -13.42
CA GLU D 328 48.24 21.17 -13.44
C GLU D 328 48.69 20.76 -12.03
N ASN D 329 48.32 21.56 -11.03
CA ASN D 329 48.72 21.27 -9.65
C ASN D 329 47.94 20.16 -8.96
N VAL D 330 46.81 19.76 -9.52
CA VAL D 330 46.03 18.68 -8.91
C VAL D 330 46.18 17.38 -9.69
N LYS D 331 46.99 17.42 -10.74
CA LYS D 331 47.24 16.24 -11.58
C LYS D 331 47.97 15.17 -10.79
N MET D 332 47.35 13.99 -10.71
CA MET D 332 47.92 12.84 -9.99
C MET D 332 48.04 11.63 -10.91
N LEU D 333 47.33 11.63 -12.03
CA LEU D 333 47.37 10.52 -12.97
C LEU D 333 48.14 10.88 -14.23
#